data_1LTL
#
_entry.id   1LTL
#
_cell.length_a   192.321
_cell.length_b   192.321
_cell.length_c   365.539
_cell.angle_alpha   90.00
_cell.angle_beta   90.00
_cell.angle_gamma   120.00
#
_symmetry.space_group_name_H-M   'H 3 2'
#
loop_
_entity.id
_entity.type
_entity.pdbx_description
1 polymer 'DNA replication initiator (Cdc21/Cdc54)'
2 non-polymer 'ZINC ION'
#
_entity_poly.entity_id   1
_entity_poly.type   'polypeptide(L)'
_entity_poly.pdbx_seq_one_letter_code
;GSGSRMKTVDKSKTLTKFEEFFSLQDYKDRVFEAIEKYPNVRSIEVDYLDLEMFDPDLADLLIEKPDDVIRAAQQAIRNI
DRLRKNVDLNIRFSGISNVIPLRELRSKFIGKFVAVDGIVRKTDEIRPRIVKAVFECRGCMRHHAVTQSTNMITEPSLCS
ECGGRSFRLLQDESEFLDTQTLKLQEPLENLSGGEQPRQITVVLEDDLVDTLTPGDIVRVTGTLRTVRDERTKRFKNFIY
GNYTEFLEQEFEELQISEEDEEKIKELAGDPNIYEKIIR
;
_entity_poly.pdbx_strand_id   A,B,C,D,E,F
#
loop_
_chem_comp.id
_chem_comp.type
_chem_comp.name
_chem_comp.formula
ZN non-polymer 'ZINC ION' 'Zn 2'
#
# COMPACT_ATOMS: atom_id res chain seq x y z
N VAL A 9 -20.23 28.84 -26.45
CA VAL A 9 -20.78 27.46 -26.44
C VAL A 9 -22.29 27.36 -26.15
N ASP A 10 -22.76 26.13 -25.95
CA ASP A 10 -24.17 25.85 -25.61
C ASP A 10 -24.09 25.51 -24.11
N LYS A 11 -25.21 25.24 -23.46
CA LYS A 11 -25.14 24.92 -22.03
C LYS A 11 -24.39 23.62 -21.78
N SER A 12 -24.74 22.61 -22.55
CA SER A 12 -24.13 21.28 -22.44
C SER A 12 -22.61 21.25 -22.51
N LYS A 13 -22.06 21.99 -23.48
CA LYS A 13 -20.61 22.04 -23.67
C LYS A 13 -19.96 22.57 -22.40
N THR A 14 -20.68 23.43 -21.70
CA THR A 14 -20.19 24.03 -20.48
C THR A 14 -20.20 23.07 -19.30
N LEU A 15 -21.32 22.36 -19.14
CA LEU A 15 -21.44 21.41 -18.04
C LEU A 15 -20.21 20.51 -17.99
N THR A 16 -19.83 20.02 -19.17
CA THR A 16 -18.68 19.15 -19.29
C THR A 16 -17.44 19.86 -18.75
N LYS A 17 -17.12 21.00 -19.37
CA LYS A 17 -15.97 21.77 -18.95
C LYS A 17 -15.93 21.87 -17.44
N PHE A 18 -17.09 22.06 -16.82
CA PHE A 18 -17.15 22.17 -15.37
C PHE A 18 -16.96 20.83 -14.67
N GLU A 19 -17.59 19.79 -15.20
CA GLU A 19 -17.44 18.48 -14.59
C GLU A 19 -15.98 18.11 -14.46
N GLU A 20 -15.12 18.72 -15.26
CA GLU A 20 -13.70 18.43 -15.17
C GLU A 20 -13.02 19.34 -14.16
N PHE A 21 -13.41 20.60 -14.12
CA PHE A 21 -12.83 21.53 -13.16
C PHE A 21 -13.12 21.01 -11.76
N PHE A 22 -14.29 20.40 -11.60
CA PHE A 22 -14.71 19.85 -10.33
C PHE A 22 -14.19 18.43 -10.10
N SER A 23 -13.38 17.94 -11.03
CA SER A 23 -12.78 16.61 -10.91
C SER A 23 -11.30 16.76 -10.56
N LEU A 24 -10.72 17.91 -10.88
CA LEU A 24 -9.32 18.16 -10.59
C LEU A 24 -9.05 17.97 -9.10
N GLN A 25 -7.87 17.43 -8.82
CA GLN A 25 -7.41 17.14 -7.47
C GLN A 25 -7.73 18.25 -6.46
N ASP A 26 -7.16 19.42 -6.71
CA ASP A 26 -7.32 20.58 -5.85
C ASP A 26 -8.75 20.85 -5.34
N TYR A 27 -9.75 20.64 -6.20
CA TYR A 27 -11.14 20.88 -5.82
C TYR A 27 -11.96 19.62 -5.60
N LYS A 28 -11.42 18.49 -6.03
CA LYS A 28 -12.10 17.20 -5.89
C LYS A 28 -12.55 16.99 -4.46
N ASP A 29 -11.67 17.27 -3.52
CA ASP A 29 -11.96 17.09 -2.11
C ASP A 29 -12.89 18.13 -1.51
N ARG A 30 -12.75 19.40 -1.90
CA ARG A 30 -13.60 20.45 -1.36
C ARG A 30 -15.05 20.13 -1.62
N VAL A 31 -15.32 19.64 -2.82
CA VAL A 31 -16.67 19.30 -3.22
C VAL A 31 -17.26 18.20 -2.37
N PHE A 32 -16.48 17.14 -2.15
CA PHE A 32 -16.95 16.02 -1.34
C PHE A 32 -17.17 16.40 0.11
N GLU A 33 -16.30 17.24 0.65
CA GLU A 33 -16.42 17.66 2.04
C GLU A 33 -17.70 18.46 2.23
N ALA A 34 -18.05 19.22 1.20
CA ALA A 34 -19.26 20.03 1.23
C ALA A 34 -20.46 19.11 1.10
N ILE A 35 -20.50 18.33 0.03
CA ILE A 35 -21.62 17.42 -0.17
C ILE A 35 -21.81 16.63 1.13
N GLU A 36 -20.70 16.41 1.82
CA GLU A 36 -20.70 15.67 3.07
C GLU A 36 -21.40 16.42 4.19
N LYS A 37 -20.97 17.66 4.44
CA LYS A 37 -21.54 18.48 5.50
C LYS A 37 -22.95 19.02 5.28
N TYR A 38 -23.51 18.82 4.09
CA TYR A 38 -24.85 19.33 3.82
C TYR A 38 -25.83 18.94 4.92
N PRO A 39 -26.72 19.85 5.32
CA PRO A 39 -26.82 21.21 4.79
C PRO A 39 -26.16 22.21 5.72
N ASN A 40 -25.04 21.82 6.31
CA ASN A 40 -24.33 22.71 7.22
C ASN A 40 -23.32 23.57 6.47
N VAL A 41 -23.46 23.60 5.16
CA VAL A 41 -22.57 24.40 4.34
C VAL A 41 -23.26 25.09 3.18
N ARG A 42 -23.75 24.32 2.22
CA ARG A 42 -24.44 24.91 1.06
C ARG A 42 -23.51 25.51 0.00
N SER A 43 -22.45 26.20 0.44
CA SER A 43 -21.49 26.84 -0.46
C SER A 43 -20.22 26.06 -0.77
N ILE A 44 -19.59 26.42 -1.88
CA ILE A 44 -18.34 25.80 -2.33
C ILE A 44 -17.64 26.89 -3.07
N GLU A 45 -16.66 27.51 -2.43
CA GLU A 45 -15.93 28.62 -3.03
C GLU A 45 -14.89 28.26 -4.10
N VAL A 46 -14.84 28.99 -5.22
CA VAL A 46 -13.83 28.68 -6.24
C VAL A 46 -13.09 29.94 -6.69
N ASP A 47 -11.77 29.85 -6.77
CA ASP A 47 -10.97 30.99 -7.17
C ASP A 47 -11.02 31.22 -8.68
N TYR A 48 -11.45 32.42 -9.06
CA TYR A 48 -11.55 32.78 -10.47
C TYR A 48 -10.26 32.43 -11.21
N LEU A 49 -9.11 32.82 -10.64
CA LEU A 49 -7.80 32.56 -11.23
C LEU A 49 -7.66 31.10 -11.66
N ASP A 50 -8.07 30.19 -10.79
CA ASP A 50 -8.00 28.76 -11.08
C ASP A 50 -8.87 28.45 -12.28
N LEU A 51 -9.99 29.15 -12.39
CA LEU A 51 -10.88 28.91 -13.51
C LEU A 51 -10.14 29.33 -14.78
N GLU A 52 -9.42 30.45 -14.73
CA GLU A 52 -8.68 30.93 -15.90
C GLU A 52 -7.66 29.91 -16.35
N MET A 53 -6.90 29.38 -15.39
CA MET A 53 -5.88 28.37 -15.65
C MET A 53 -6.52 27.17 -16.35
N PHE A 54 -7.54 26.61 -15.73
CA PHE A 54 -8.23 25.46 -16.29
C PHE A 54 -8.77 25.77 -17.68
N ASP A 55 -9.22 27.00 -17.90
CA ASP A 55 -9.75 27.39 -19.19
C ASP A 55 -10.01 28.89 -19.18
N PRO A 56 -9.56 29.60 -20.22
CA PRO A 56 -9.76 31.05 -20.31
C PRO A 56 -11.12 31.42 -20.89
N ASP A 57 -11.65 30.56 -21.75
CA ASP A 57 -12.95 30.81 -22.39
C ASP A 57 -14.12 30.66 -21.43
N LEU A 58 -14.03 29.70 -20.53
CA LEU A 58 -15.10 29.49 -19.56
C LEU A 58 -15.05 30.64 -18.57
N ALA A 59 -13.85 30.99 -18.11
CA ALA A 59 -13.71 32.08 -17.15
C ALA A 59 -14.26 33.37 -17.72
N ASP A 60 -14.56 33.36 -19.02
CA ASP A 60 -15.11 34.57 -19.62
C ASP A 60 -16.63 34.49 -19.62
N LEU A 61 -17.17 33.34 -20.00
CA LEU A 61 -18.62 33.16 -20.02
C LEU A 61 -19.20 33.50 -18.66
N LEU A 62 -18.44 33.16 -17.62
CA LEU A 62 -18.86 33.40 -16.25
C LEU A 62 -19.25 34.87 -16.10
N ILE A 63 -18.61 35.73 -16.87
CA ILE A 63 -18.94 37.14 -16.78
C ILE A 63 -20.04 37.58 -17.73
N GLU A 64 -20.07 37.01 -18.92
CA GLU A 64 -21.09 37.36 -19.89
C GLU A 64 -22.44 36.74 -19.63
N LYS A 65 -22.44 35.57 -19.01
CA LYS A 65 -23.70 34.89 -18.72
C LYS A 65 -23.56 34.14 -17.40
N PRO A 66 -23.24 34.87 -16.33
CA PRO A 66 -23.07 34.26 -15.03
C PRO A 66 -24.20 33.32 -14.64
N ASP A 67 -25.44 33.70 -14.93
CA ASP A 67 -26.57 32.85 -14.57
C ASP A 67 -26.43 31.43 -15.11
N ASP A 68 -26.39 31.27 -16.41
CA ASP A 68 -26.26 29.95 -17.00
C ASP A 68 -24.97 29.26 -16.56
N VAL A 69 -23.85 29.97 -16.60
CA VAL A 69 -22.63 29.33 -16.20
C VAL A 69 -22.80 28.77 -14.80
N ILE A 70 -23.16 29.60 -13.82
CA ILE A 70 -23.34 29.10 -12.45
C ILE A 70 -24.36 27.98 -12.35
N ARG A 71 -25.39 28.01 -13.19
CA ARG A 71 -26.39 26.95 -13.17
C ARG A 71 -25.75 25.68 -13.70
N ALA A 72 -24.66 25.84 -14.45
CA ALA A 72 -23.98 24.70 -15.02
C ALA A 72 -23.04 24.10 -14.02
N ALA A 73 -22.34 24.97 -13.30
CA ALA A 73 -21.41 24.54 -12.27
C ALA A 73 -22.19 23.78 -11.20
N GLN A 74 -23.48 24.05 -11.09
CA GLN A 74 -24.26 23.33 -10.09
C GLN A 74 -24.62 21.96 -10.62
N GLN A 75 -25.04 21.87 -11.87
CA GLN A 75 -25.41 20.58 -12.44
C GLN A 75 -24.20 19.68 -12.53
N ALA A 76 -23.03 20.28 -12.52
CA ALA A 76 -21.82 19.49 -12.61
C ALA A 76 -21.62 18.78 -11.26
N ILE A 77 -21.52 19.56 -10.19
CA ILE A 77 -21.34 18.99 -8.87
C ILE A 77 -22.42 17.94 -8.58
N ARG A 78 -23.64 18.26 -8.95
CA ARG A 78 -24.76 17.36 -8.75
C ARG A 78 -24.55 16.06 -9.54
N ASN A 79 -23.68 16.12 -10.56
CA ASN A 79 -23.37 14.97 -11.40
C ASN A 79 -22.07 14.28 -11.00
N ILE A 80 -21.48 14.71 -9.89
CA ILE A 80 -20.23 14.11 -9.43
C ILE A 80 -20.37 13.26 -8.16
N ASP A 81 -20.93 13.85 -7.11
CA ASP A 81 -21.08 13.14 -5.84
C ASP A 81 -21.50 11.68 -5.98
N ARG A 82 -20.87 10.84 -5.17
CA ARG A 82 -21.13 9.41 -5.17
C ARG A 82 -22.55 9.01 -4.77
N LEU A 83 -23.04 9.58 -3.68
CA LEU A 83 -24.38 9.26 -3.15
C LEU A 83 -25.57 9.89 -3.90
N ARG A 84 -25.31 10.67 -4.94
CA ARG A 84 -26.38 11.32 -5.73
C ARG A 84 -27.37 11.97 -4.77
N LYS A 85 -26.84 12.46 -3.65
CA LYS A 85 -27.64 13.08 -2.60
C LYS A 85 -28.29 14.41 -3.02
N ASN A 86 -28.42 14.64 -4.32
CA ASN A 86 -29.01 15.87 -4.84
C ASN A 86 -28.10 17.06 -4.49
N VAL A 87 -28.32 17.66 -3.32
CA VAL A 87 -27.55 18.80 -2.84
C VAL A 87 -27.45 20.00 -3.78
N ASP A 88 -28.18 21.05 -3.44
CA ASP A 88 -28.16 22.27 -4.22
C ASP A 88 -27.05 23.13 -3.60
N LEU A 89 -25.83 23.00 -4.10
CA LEU A 89 -24.74 23.79 -3.56
C LEU A 89 -24.61 25.13 -4.22
N ASN A 90 -24.06 26.10 -3.50
CA ASN A 90 -23.88 27.42 -4.04
C ASN A 90 -22.46 27.59 -4.47
N ILE A 91 -22.23 27.78 -5.77
CA ILE A 91 -20.87 28.00 -6.22
C ILE A 91 -20.59 29.51 -6.08
N ARG A 92 -19.59 29.88 -5.31
CA ARG A 92 -19.29 31.29 -5.17
C ARG A 92 -17.87 31.60 -5.64
N PHE A 93 -17.72 32.46 -6.65
CA PHE A 93 -16.41 32.80 -7.16
C PHE A 93 -15.71 33.90 -6.43
N SER A 94 -14.41 33.72 -6.19
CA SER A 94 -13.64 34.74 -5.49
C SER A 94 -12.57 35.37 -6.40
N GLY A 95 -12.27 36.64 -6.15
CA GLY A 95 -11.30 37.34 -6.95
C GLY A 95 -11.74 37.50 -8.40
N ILE A 96 -12.65 38.43 -8.61
CA ILE A 96 -13.15 38.68 -9.95
C ILE A 96 -12.51 39.95 -10.47
N SER A 97 -11.89 39.83 -11.63
CA SER A 97 -11.21 40.96 -12.27
C SER A 97 -12.16 42.03 -12.78
N ASN A 98 -13.36 41.60 -13.17
CA ASN A 98 -14.38 42.49 -13.70
C ASN A 98 -14.94 43.43 -12.63
N VAL A 99 -14.09 44.29 -12.09
CA VAL A 99 -14.53 45.21 -11.06
C VAL A 99 -15.02 46.53 -11.66
N ILE A 100 -16.30 46.82 -11.44
CA ILE A 100 -16.88 48.03 -11.97
C ILE A 100 -17.25 49.04 -10.91
N PRO A 101 -16.93 50.32 -11.15
CA PRO A 101 -17.32 51.28 -10.11
C PRO A 101 -18.83 51.40 -10.02
N LEU A 102 -19.33 51.64 -8.81
CA LEU A 102 -20.76 51.76 -8.60
C LEU A 102 -21.53 52.65 -9.56
N ARG A 103 -21.15 53.91 -9.68
CA ARG A 103 -21.86 54.84 -10.55
C ARG A 103 -21.96 54.37 -11.99
N GLU A 104 -21.18 53.39 -12.39
CA GLU A 104 -21.21 52.93 -13.78
C GLU A 104 -22.02 51.67 -14.06
N LEU A 105 -22.80 51.23 -13.07
CA LEU A 105 -23.63 50.02 -13.20
C LEU A 105 -24.91 50.29 -14.00
N ARG A 106 -24.72 50.55 -15.30
CA ARG A 106 -25.81 50.85 -16.22
C ARG A 106 -26.25 49.59 -16.96
N SER A 107 -27.06 49.79 -17.98
CA SER A 107 -27.61 48.69 -18.74
C SER A 107 -26.67 47.70 -19.34
N LYS A 108 -25.55 48.16 -19.86
CA LYS A 108 -24.63 47.21 -20.49
C LYS A 108 -24.27 46.07 -19.54
N PHE A 109 -24.35 46.33 -18.23
CA PHE A 109 -24.00 45.33 -17.21
C PHE A 109 -25.17 44.50 -16.66
N ILE A 110 -26.36 44.67 -17.20
CA ILE A 110 -27.49 43.89 -16.73
C ILE A 110 -27.32 42.47 -17.18
N GLY A 111 -27.38 41.55 -16.22
CA GLY A 111 -27.22 40.14 -16.53
C GLY A 111 -25.76 39.71 -16.48
N LYS A 112 -24.85 40.64 -16.20
CA LYS A 112 -23.43 40.34 -16.16
C LYS A 112 -22.88 40.13 -14.76
N PHE A 113 -21.75 39.44 -14.66
CA PHE A 113 -21.16 39.18 -13.38
C PHE A 113 -20.25 40.36 -13.00
N VAL A 114 -20.62 41.13 -11.98
CA VAL A 114 -19.78 42.26 -11.62
C VAL A 114 -19.21 42.18 -10.23
N ALA A 115 -18.38 43.14 -9.90
CA ALA A 115 -17.76 43.18 -8.59
C ALA A 115 -17.63 44.66 -8.31
N VAL A 116 -18.27 45.09 -7.25
CA VAL A 116 -18.34 46.49 -6.88
C VAL A 116 -17.90 46.71 -5.47
N ASP A 117 -17.11 47.76 -5.24
CA ASP A 117 -16.65 48.10 -3.88
C ASP A 117 -17.49 49.24 -3.30
N GLY A 118 -17.57 49.30 -1.98
CA GLY A 118 -18.34 50.34 -1.34
C GLY A 118 -18.46 50.09 0.14
N ILE A 119 -19.40 50.74 0.81
CA ILE A 119 -19.56 50.54 2.25
C ILE A 119 -21.00 50.25 2.64
N VAL A 120 -21.23 49.12 3.30
CA VAL A 120 -22.57 48.76 3.73
C VAL A 120 -23.21 49.82 4.60
N ARG A 121 -24.27 50.44 4.10
CA ARG A 121 -24.94 51.48 4.85
C ARG A 121 -26.08 50.92 5.69
N LYS A 122 -27.25 50.70 5.08
CA LYS A 122 -28.39 50.19 5.82
C LYS A 122 -28.68 48.72 5.57
N THR A 123 -29.00 48.00 6.64
CA THR A 123 -29.30 46.57 6.54
C THR A 123 -30.74 46.22 6.92
N ASP A 124 -31.42 45.47 6.07
CA ASP A 124 -32.80 45.09 6.32
C ASP A 124 -32.97 43.74 7.01
N GLU A 125 -34.19 43.52 7.53
CA GLU A 125 -34.56 42.30 8.22
C GLU A 125 -34.47 41.09 7.29
N ILE A 126 -34.11 39.94 7.84
CA ILE A 126 -34.04 38.74 7.03
C ILE A 126 -35.45 38.15 6.91
N ARG A 127 -35.91 37.88 5.70
CA ARG A 127 -37.24 37.30 5.50
C ARG A 127 -37.10 36.12 4.56
N PRO A 128 -38.10 35.26 4.53
CA PRO A 128 -37.92 34.15 3.59
C PRO A 128 -38.56 34.48 2.23
N ARG A 129 -38.31 33.64 1.24
CA ARG A 129 -38.90 33.83 -0.07
C ARG A 129 -39.00 32.45 -0.68
N ILE A 130 -39.96 32.25 -1.58
CA ILE A 130 -40.09 30.95 -2.18
C ILE A 130 -39.04 30.75 -3.23
N VAL A 131 -38.30 29.64 -3.17
CA VAL A 131 -37.29 29.37 -4.19
C VAL A 131 -37.84 28.35 -5.13
N LYS A 132 -38.61 27.41 -4.61
CA LYS A 132 -39.20 26.38 -5.45
C LYS A 132 -40.68 26.39 -5.18
N ALA A 133 -41.44 27.00 -6.08
CA ALA A 133 -42.89 27.09 -5.94
C ALA A 133 -43.53 25.88 -6.56
N VAL A 134 -44.50 25.32 -5.85
CA VAL A 134 -45.19 24.16 -6.38
C VAL A 134 -46.59 24.57 -6.79
N PHE A 135 -46.98 24.24 -8.01
CA PHE A 135 -48.30 24.62 -8.46
C PHE A 135 -49.18 23.43 -8.74
N GLU A 136 -50.47 23.64 -8.57
CA GLU A 136 -51.47 22.61 -8.87
C GLU A 136 -52.11 23.08 -10.17
N CYS A 137 -52.05 22.24 -11.18
CA CYS A 137 -52.65 22.57 -12.45
C CYS A 137 -54.18 22.46 -12.30
N ARG A 138 -54.89 23.54 -12.58
CA ARG A 138 -56.32 23.54 -12.46
C ARG A 138 -57.00 22.71 -13.50
N GLY A 139 -56.23 22.22 -14.44
CA GLY A 139 -56.79 21.41 -15.50
C GLY A 139 -56.88 19.94 -15.14
N CYS A 140 -55.81 19.38 -14.58
CA CYS A 140 -55.78 17.97 -14.24
C CYS A 140 -55.40 17.73 -12.81
N MET A 141 -55.28 18.78 -12.04
CA MET A 141 -54.93 18.64 -10.64
C MET A 141 -53.54 18.09 -10.36
N ARG A 142 -52.68 18.00 -11.36
CA ARG A 142 -51.32 17.50 -11.13
C ARG A 142 -50.44 18.57 -10.51
N HIS A 143 -49.32 18.17 -9.92
CA HIS A 143 -48.41 19.13 -9.28
C HIS A 143 -47.15 19.41 -10.13
N HIS A 144 -46.76 20.67 -10.21
CA HIS A 144 -45.57 21.08 -10.98
C HIS A 144 -44.72 21.99 -10.09
N ALA A 145 -43.42 21.78 -10.04
CA ALA A 145 -42.53 22.65 -9.25
C ALA A 145 -41.82 23.59 -10.21
N VAL A 146 -41.61 24.84 -9.79
CA VAL A 146 -40.95 25.80 -10.65
C VAL A 146 -40.02 26.67 -9.83
N THR A 147 -38.74 26.70 -10.21
CA THR A 147 -37.77 27.49 -9.49
C THR A 147 -37.99 28.97 -9.71
N GLN A 148 -38.00 29.71 -8.61
CA GLN A 148 -38.22 31.14 -8.66
C GLN A 148 -36.91 31.84 -8.41
N SER A 149 -36.72 33.00 -9.02
CA SER A 149 -35.48 33.72 -8.81
C SER A 149 -35.76 35.07 -8.16
N THR A 150 -36.98 35.56 -8.28
CA THR A 150 -37.37 36.83 -7.70
C THR A 150 -38.37 36.56 -6.59
N ASN A 151 -38.93 37.61 -6.01
CA ASN A 151 -39.92 37.42 -4.95
C ASN A 151 -41.30 37.46 -5.61
N MET A 152 -41.32 37.46 -6.93
CA MET A 152 -42.58 37.46 -7.66
C MET A 152 -42.77 36.08 -8.26
N ILE A 153 -43.81 35.40 -7.83
CA ILE A 153 -44.08 34.08 -8.33
C ILE A 153 -44.28 34.05 -9.84
N THR A 154 -43.71 33.05 -10.48
CA THR A 154 -43.82 32.90 -11.92
C THR A 154 -44.46 31.56 -12.19
N GLU A 155 -45.68 31.58 -12.73
CA GLU A 155 -46.41 30.37 -13.02
C GLU A 155 -45.82 29.64 -14.21
N PRO A 156 -46.10 28.35 -14.35
CA PRO A 156 -45.59 27.58 -15.47
C PRO A 156 -46.16 28.12 -16.79
N SER A 157 -45.50 27.84 -17.90
CA SER A 157 -45.98 28.30 -19.20
C SER A 157 -47.29 27.58 -19.49
N LEU A 158 -47.24 26.25 -19.53
CA LEU A 158 -48.41 25.46 -19.74
C LEU A 158 -48.17 24.09 -19.14
N CYS A 159 -49.24 23.36 -18.89
CA CYS A 159 -49.11 22.04 -18.33
C CYS A 159 -48.88 21.06 -19.46
N SER A 160 -47.74 20.39 -19.44
CA SER A 160 -47.39 19.43 -20.49
C SER A 160 -48.26 18.18 -20.53
N GLU A 161 -48.86 17.85 -19.39
CA GLU A 161 -49.70 16.66 -19.24
C GLU A 161 -51.07 16.79 -19.85
N CYS A 162 -51.71 17.93 -19.66
CA CYS A 162 -53.04 18.12 -20.20
C CYS A 162 -53.23 19.38 -21.03
N GLY A 163 -52.20 20.21 -21.13
CA GLY A 163 -52.30 21.42 -21.92
C GLY A 163 -52.88 22.59 -21.15
N GLY A 164 -53.13 22.39 -19.87
CA GLY A 164 -53.70 23.46 -19.08
C GLY A 164 -52.86 24.71 -19.04
N ARG A 165 -53.48 25.86 -18.80
CA ARG A 165 -52.70 27.06 -18.73
C ARG A 165 -52.98 27.82 -17.45
N SER A 166 -53.79 27.23 -16.59
CA SER A 166 -54.13 27.89 -15.35
C SER A 166 -53.64 27.10 -14.14
N PHE A 167 -52.94 27.77 -13.23
CA PHE A 167 -52.40 27.11 -12.06
C PHE A 167 -52.72 27.79 -10.76
N ARG A 168 -52.64 27.01 -9.67
CA ARG A 168 -52.89 27.49 -8.33
C ARG A 168 -51.64 27.17 -7.52
N LEU A 169 -51.11 28.17 -6.83
CA LEU A 169 -49.90 27.97 -6.05
C LEU A 169 -50.19 27.26 -4.75
N LEU A 170 -49.43 26.22 -4.44
CA LEU A 170 -49.63 25.51 -3.19
C LEU A 170 -48.54 25.89 -2.21
N GLN A 171 -48.73 26.95 -1.43
CA GLN A 171 -47.69 27.37 -0.51
C GLN A 171 -47.14 26.31 0.43
N ASP A 172 -48.03 25.52 1.03
CA ASP A 172 -47.61 24.48 1.95
C ASP A 172 -46.70 23.42 1.35
N GLU A 173 -46.56 23.41 0.04
CA GLU A 173 -45.70 22.41 -0.57
C GLU A 173 -44.48 23.03 -1.19
N SER A 174 -44.38 24.35 -1.05
CA SER A 174 -43.26 25.06 -1.61
C SER A 174 -42.08 25.17 -0.64
N GLU A 175 -40.88 25.34 -1.20
CA GLU A 175 -39.67 25.45 -0.39
C GLU A 175 -39.24 26.90 -0.28
N PHE A 176 -38.91 27.32 0.94
CA PHE A 176 -38.49 28.68 1.17
C PHE A 176 -36.98 28.81 1.28
N LEU A 177 -36.53 30.04 1.51
CA LEU A 177 -35.11 30.28 1.57
C LEU A 177 -34.87 31.68 2.12
N ASP A 178 -33.88 31.85 2.99
CA ASP A 178 -33.68 33.18 3.57
C ASP A 178 -33.05 34.19 2.61
N THR A 179 -33.61 35.39 2.63
CA THR A 179 -33.16 36.47 1.76
C THR A 179 -32.96 37.75 2.57
N GLN A 180 -32.08 38.63 2.11
CA GLN A 180 -31.86 39.86 2.85
C GLN A 180 -31.41 40.99 1.96
N THR A 181 -31.80 42.20 2.34
CA THR A 181 -31.49 43.38 1.56
C THR A 181 -30.62 44.39 2.26
N LEU A 182 -29.68 44.99 1.55
CA LEU A 182 -28.88 46.03 2.17
C LEU A 182 -28.45 47.02 1.12
N LYS A 183 -28.13 48.22 1.57
CA LYS A 183 -27.69 49.32 0.71
C LYS A 183 -26.17 49.39 0.72
N LEU A 184 -25.58 49.44 -0.47
CA LEU A 184 -24.15 49.52 -0.60
C LEU A 184 -23.80 50.90 -1.13
N GLN A 185 -23.05 51.68 -0.36
CA GLN A 185 -22.67 53.04 -0.74
C GLN A 185 -21.30 53.05 -1.38
N GLU A 186 -21.13 53.91 -2.38
CA GLU A 186 -19.85 54.00 -3.06
C GLU A 186 -18.76 54.53 -2.17
N PRO A 187 -17.52 54.21 -2.52
CA PRO A 187 -16.39 54.68 -1.72
C PRO A 187 -16.36 56.20 -1.79
N LEU A 188 -16.20 56.83 -0.63
CA LEU A 188 -16.14 58.29 -0.53
C LEU A 188 -14.90 58.88 -1.16
N GLU A 189 -13.77 58.16 -1.05
CA GLU A 189 -12.52 58.65 -1.61
C GLU A 189 -12.42 58.69 -3.13
N ASN A 190 -13.32 59.45 -3.76
CA ASN A 190 -13.32 59.59 -5.22
C ASN A 190 -14.35 60.63 -5.65
N LEU A 191 -15.23 60.98 -4.73
CA LEU A 191 -16.25 61.97 -5.01
C LEU A 191 -15.56 63.33 -5.04
N SER A 192 -16.16 64.31 -5.72
CA SER A 192 -15.55 65.64 -5.78
C SER A 192 -16.49 66.81 -5.49
N GLY A 193 -16.52 67.23 -4.23
CA GLY A 193 -17.34 68.36 -3.83
C GLY A 193 -18.81 68.34 -4.22
N GLY A 194 -19.65 68.77 -3.28
CA GLY A 194 -21.09 68.84 -3.50
C GLY A 194 -21.70 67.56 -4.05
N GLU A 195 -20.91 66.50 -4.05
CA GLU A 195 -21.34 65.21 -4.55
C GLU A 195 -21.66 64.20 -3.44
N GLN A 196 -22.96 63.92 -3.25
CA GLN A 196 -23.41 62.95 -2.25
C GLN A 196 -23.25 61.57 -2.90
N PRO A 197 -22.60 60.62 -2.19
CA PRO A 197 -22.40 59.28 -2.73
C PRO A 197 -23.69 58.63 -3.18
N ARG A 198 -23.56 57.76 -4.17
CA ARG A 198 -24.71 57.04 -4.71
C ARG A 198 -24.69 55.63 -4.12
N GLN A 199 -25.86 55.10 -3.82
CA GLN A 199 -25.92 53.77 -3.26
C GLN A 199 -26.68 52.81 -4.17
N ILE A 200 -26.49 51.52 -3.96
CA ILE A 200 -27.19 50.55 -4.76
C ILE A 200 -27.65 49.42 -3.88
N THR A 201 -28.76 48.77 -4.23
CA THR A 201 -29.23 47.68 -3.38
C THR A 201 -28.57 46.36 -3.65
N VAL A 202 -28.25 45.66 -2.57
CA VAL A 202 -27.66 44.35 -2.69
C VAL A 202 -28.59 43.34 -2.04
N VAL A 203 -28.73 42.20 -2.69
CA VAL A 203 -29.58 41.16 -2.18
C VAL A 203 -28.75 39.98 -1.79
N LEU A 204 -28.84 39.60 -0.53
CA LEU A 204 -28.08 38.48 -0.03
C LEU A 204 -29.02 37.34 0.29
N GLU A 205 -28.71 36.14 -0.18
CA GLU A 205 -29.57 35.01 0.12
C GLU A 205 -28.81 33.79 0.64
N ASP A 206 -29.57 32.82 1.14
CA ASP A 206 -29.03 31.60 1.73
C ASP A 206 -27.98 31.85 2.81
N ASP A 207 -26.82 31.20 2.72
CA ASP A 207 -25.80 31.36 3.77
C ASP A 207 -25.12 32.70 3.83
N LEU A 208 -25.36 33.55 2.83
CA LEU A 208 -24.78 34.87 2.82
C LEU A 208 -25.62 35.79 3.65
N VAL A 209 -26.74 35.27 4.14
CA VAL A 209 -27.61 36.09 4.94
C VAL A 209 -26.92 36.45 6.25
N ASP A 210 -27.22 37.64 6.76
CA ASP A 210 -26.67 38.10 8.04
C ASP A 210 -25.17 37.89 8.08
N THR A 211 -24.49 38.40 7.06
CA THR A 211 -23.05 38.28 6.92
C THR A 211 -22.37 39.64 7.01
N LEU A 212 -23.06 40.68 6.58
CA LEU A 212 -22.49 42.01 6.62
C LEU A 212 -23.25 42.92 7.54
N THR A 213 -22.61 44.04 7.91
CA THR A 213 -23.23 45.03 8.79
C THR A 213 -22.75 46.44 8.50
N PRO A 214 -23.56 47.44 8.83
CA PRO A 214 -23.16 48.83 8.58
C PRO A 214 -21.67 49.07 8.85
N GLY A 215 -21.07 49.94 8.04
CA GLY A 215 -19.67 50.26 8.21
C GLY A 215 -18.73 49.36 7.44
N ASP A 216 -19.05 48.08 7.37
CA ASP A 216 -18.19 47.13 6.69
C ASP A 216 -17.79 47.60 5.30
N ILE A 217 -16.49 47.67 5.06
CA ILE A 217 -16.02 48.06 3.74
C ILE A 217 -15.90 46.77 2.98
N VAL A 218 -16.67 46.64 1.89
CA VAL A 218 -16.65 45.41 1.10
C VAL A 218 -16.52 45.51 -0.40
N ARG A 219 -16.39 44.34 -1.01
CA ARG A 219 -16.29 44.19 -2.44
C ARG A 219 -17.28 43.12 -2.86
N VAL A 220 -18.54 43.55 -2.98
CA VAL A 220 -19.66 42.70 -3.37
C VAL A 220 -19.52 42.19 -4.79
N THR A 221 -19.57 40.87 -4.96
CA THR A 221 -19.48 40.30 -6.30
C THR A 221 -20.83 39.62 -6.58
N GLY A 222 -21.42 39.92 -7.73
CA GLY A 222 -22.69 39.30 -8.03
C GLY A 222 -23.27 39.67 -9.37
N THR A 223 -24.46 39.16 -9.66
CA THR A 223 -25.09 39.45 -10.94
C THR A 223 -25.88 40.74 -10.87
N LEU A 224 -25.76 41.59 -11.88
CA LEU A 224 -26.53 42.82 -11.83
C LEU A 224 -27.90 42.53 -12.41
N ARG A 225 -28.92 42.78 -11.61
CA ARG A 225 -30.26 42.50 -12.05
C ARG A 225 -31.06 43.79 -12.07
N THR A 226 -32.17 43.77 -12.77
CA THR A 226 -32.98 44.96 -12.75
C THR A 226 -34.43 44.59 -12.48
N VAL A 227 -35.17 45.53 -11.94
CA VAL A 227 -36.55 45.32 -11.63
C VAL A 227 -37.37 46.58 -11.69
N ARG A 228 -38.55 46.47 -12.29
CA ARG A 228 -39.46 47.60 -12.42
C ARG A 228 -40.23 47.82 -11.13
N ASP A 229 -40.14 49.05 -10.63
CA ASP A 229 -40.82 49.45 -9.42
C ASP A 229 -42.30 49.67 -9.68
N GLU A 230 -43.14 48.87 -9.03
CA GLU A 230 -44.60 48.97 -9.19
C GLU A 230 -45.13 50.36 -8.88
N ARG A 231 -46.09 50.80 -9.69
CA ARG A 231 -46.70 52.12 -9.54
C ARG A 231 -45.87 53.24 -10.16
N THR A 232 -44.55 53.05 -10.21
CA THR A 232 -43.66 54.06 -10.81
C THR A 232 -43.41 53.68 -12.27
N LYS A 233 -43.39 52.37 -12.52
CA LYS A 233 -43.18 51.83 -13.85
C LYS A 233 -41.72 51.99 -14.32
N ARG A 234 -40.86 52.48 -13.42
CA ARG A 234 -39.45 52.68 -13.73
C ARG A 234 -38.54 51.55 -13.23
N PHE A 235 -37.65 51.07 -14.09
CA PHE A 235 -36.72 50.03 -13.68
C PHE A 235 -35.67 50.64 -12.77
N LYS A 236 -35.00 49.79 -12.01
CA LYS A 236 -33.96 50.19 -11.06
C LYS A 236 -32.99 49.04 -11.00
N ASN A 237 -31.70 49.30 -10.87
CA ASN A 237 -30.77 48.16 -10.82
C ASN A 237 -30.36 47.78 -9.42
N PHE A 238 -30.10 46.50 -9.21
CA PHE A 238 -29.65 46.05 -7.89
C PHE A 238 -28.67 44.90 -8.09
N ILE A 239 -27.87 44.62 -7.08
CA ILE A 239 -26.94 43.51 -7.24
C ILE A 239 -27.39 42.29 -6.45
N TYR A 240 -27.36 41.16 -7.15
CA TYR A 240 -27.71 39.88 -6.55
C TYR A 240 -26.35 39.31 -6.15
N GLY A 241 -26.07 39.43 -4.86
CA GLY A 241 -24.81 38.97 -4.32
C GLY A 241 -24.47 37.51 -4.49
N ASN A 242 -23.22 37.24 -4.89
CA ASN A 242 -22.74 35.88 -5.07
C ASN A 242 -21.65 35.62 -4.06
N TYR A 243 -20.70 36.53 -3.98
CA TYR A 243 -19.59 36.37 -3.08
C TYR A 243 -19.25 37.70 -2.44
N THR A 244 -18.89 37.65 -1.17
CA THR A 244 -18.52 38.86 -0.45
C THR A 244 -17.13 38.73 0.11
N GLU A 245 -16.44 39.87 0.18
CA GLU A 245 -15.09 39.94 0.67
C GLU A 245 -14.83 41.31 1.29
N PHE A 246 -14.01 41.35 2.33
CA PHE A 246 -13.71 42.63 2.94
C PHE A 246 -12.44 43.23 2.34
N LEU A 247 -12.33 44.55 2.42
CA LEU A 247 -11.18 45.25 1.89
C LEU A 247 -10.33 45.80 3.02
N VAL B 9 -45.26 53.14 -47.28
CA VAL B 9 -44.51 51.85 -47.44
C VAL B 9 -43.44 51.94 -48.52
N ASP B 10 -43.43 53.05 -49.29
CA ASP B 10 -42.46 53.25 -50.32
C ASP B 10 -41.15 53.78 -49.76
N LYS B 11 -41.06 53.74 -48.42
CA LYS B 11 -39.88 54.19 -47.70
C LYS B 11 -38.69 53.33 -48.08
N SER B 12 -38.95 52.25 -48.82
CA SER B 12 -37.87 51.38 -49.27
C SER B 12 -36.95 52.23 -50.12
N LYS B 13 -37.53 53.20 -50.83
CA LYS B 13 -36.78 54.11 -51.69
C LYS B 13 -35.87 55.00 -50.87
N THR B 14 -36.33 55.30 -49.66
CA THR B 14 -35.57 56.14 -48.76
C THR B 14 -34.35 55.37 -48.32
N LEU B 15 -34.52 54.06 -48.11
CA LEU B 15 -33.41 53.22 -47.69
C LEU B 15 -32.31 53.34 -48.71
N THR B 16 -32.71 53.29 -49.97
CA THR B 16 -31.78 53.38 -51.07
C THR B 16 -31.03 54.70 -51.03
N LYS B 17 -31.77 55.78 -50.92
CA LYS B 17 -31.14 57.10 -50.90
C LYS B 17 -30.06 57.11 -49.81
N PHE B 18 -30.33 56.55 -48.64
CA PHE B 18 -29.31 56.56 -47.58
C PHE B 18 -28.17 55.62 -47.87
N GLU B 19 -28.48 54.52 -48.55
CA GLU B 19 -27.46 53.56 -48.92
C GLU B 19 -26.43 54.30 -49.75
N GLU B 20 -26.91 55.01 -50.78
CA GLU B 20 -26.03 55.80 -51.64
C GLU B 20 -25.32 56.87 -50.82
N PHE B 21 -26.10 57.64 -50.05
CA PHE B 21 -25.56 58.71 -49.23
C PHE B 21 -24.39 58.21 -48.38
N PHE B 22 -24.52 57.02 -47.83
CA PHE B 22 -23.47 56.46 -47.01
C PHE B 22 -22.42 55.75 -47.84
N SER B 23 -22.19 56.27 -49.04
CA SER B 23 -21.21 55.72 -49.95
C SER B 23 -20.28 56.83 -50.39
N LEU B 24 -20.73 58.06 -50.17
CA LEU B 24 -19.90 59.18 -50.52
C LEU B 24 -18.61 59.05 -49.74
N GLN B 25 -17.49 59.20 -50.45
CA GLN B 25 -16.17 59.10 -49.85
C GLN B 25 -16.17 59.64 -48.42
N ASP B 26 -16.56 60.90 -48.28
CA ASP B 26 -16.56 61.56 -46.98
C ASP B 26 -17.24 60.80 -45.84
N TYR B 27 -18.46 60.32 -46.06
CA TYR B 27 -19.19 59.60 -45.01
C TYR B 27 -18.76 58.16 -44.79
N LYS B 28 -18.53 57.46 -45.89
CA LYS B 28 -18.11 56.07 -45.86
C LYS B 28 -17.01 55.81 -44.84
N ASP B 29 -16.20 56.82 -44.56
CA ASP B 29 -15.11 56.65 -43.61
C ASP B 29 -15.56 56.74 -42.17
N ARG B 30 -16.13 57.88 -41.77
CA ARG B 30 -16.57 58.01 -40.40
C ARG B 30 -17.44 56.81 -40.00
N VAL B 31 -18.12 56.20 -40.97
CA VAL B 31 -18.94 55.03 -40.65
C VAL B 31 -18.03 53.94 -40.17
N PHE B 32 -17.13 53.51 -41.05
CA PHE B 32 -16.19 52.44 -40.75
C PHE B 32 -15.38 52.69 -39.48
N GLU B 33 -14.76 53.86 -39.37
CA GLU B 33 -13.96 54.15 -38.19
C GLU B 33 -14.81 54.19 -36.92
N ALA B 34 -16.12 54.24 -37.09
CA ALA B 34 -17.04 54.26 -35.95
C ALA B 34 -17.32 52.80 -35.61
N ILE B 35 -17.61 52.01 -36.62
CA ILE B 35 -17.86 50.60 -36.41
C ILE B 35 -16.58 49.98 -35.85
N GLU B 36 -15.49 50.75 -35.90
CA GLU B 36 -14.19 50.30 -35.42
C GLU B 36 -14.20 50.22 -33.90
N LYS B 37 -14.57 51.33 -33.28
CA LYS B 37 -14.59 51.44 -31.84
C LYS B 37 -15.77 50.80 -31.10
N TYR B 38 -16.58 50.02 -31.79
CA TYR B 38 -17.70 49.39 -31.12
C TYR B 38 -17.19 48.60 -29.93
N PRO B 39 -17.94 48.60 -28.82
CA PRO B 39 -19.21 49.33 -28.73
C PRO B 39 -18.95 50.60 -27.95
N ASN B 40 -17.83 51.26 -28.26
CA ASN B 40 -17.49 52.49 -27.55
C ASN B 40 -17.85 53.75 -28.28
N VAL B 41 -18.87 53.67 -29.12
CA VAL B 41 -19.33 54.84 -29.84
C VAL B 41 -20.84 54.88 -30.06
N ARG B 42 -21.38 53.84 -30.65
CA ARG B 42 -22.83 53.75 -30.94
C ARG B 42 -23.37 54.81 -31.90
N SER B 43 -22.73 55.97 -31.98
CA SER B 43 -23.23 57.04 -32.84
C SER B 43 -22.39 57.46 -34.04
N ILE B 44 -23.07 57.83 -35.12
CA ILE B 44 -22.42 58.31 -36.33
C ILE B 44 -23.06 59.66 -36.54
N GLU B 45 -22.28 60.73 -36.55
CA GLU B 45 -22.86 62.07 -36.75
C GLU B 45 -23.13 62.37 -38.22
N VAL B 46 -24.13 63.21 -38.49
CA VAL B 46 -24.42 63.56 -39.86
C VAL B 46 -24.73 65.04 -39.97
N ASP B 47 -23.92 65.75 -40.75
CA ASP B 47 -24.13 67.18 -40.93
C ASP B 47 -25.37 67.35 -41.80
N TYR B 48 -26.40 67.94 -41.22
CA TYR B 48 -27.62 68.14 -41.97
C TYR B 48 -27.33 68.74 -43.35
N LEU B 49 -26.37 69.66 -43.40
CA LEU B 49 -26.00 70.32 -44.65
C LEU B 49 -25.61 69.35 -45.77
N ASP B 50 -24.71 68.41 -45.49
CA ASP B 50 -24.31 67.45 -46.51
C ASP B 50 -25.54 66.73 -47.02
N LEU B 51 -26.51 66.51 -46.14
CA LEU B 51 -27.73 65.83 -46.54
C LEU B 51 -28.55 66.82 -47.37
N GLU B 52 -28.56 68.07 -46.94
CA GLU B 52 -29.31 69.09 -47.64
C GLU B 52 -28.77 69.14 -49.07
N MET B 53 -27.46 69.32 -49.18
CA MET B 53 -26.75 69.38 -50.46
C MET B 53 -27.10 68.16 -51.29
N PHE B 54 -26.50 67.04 -50.93
CA PHE B 54 -26.71 65.78 -51.62
C PHE B 54 -28.13 65.28 -51.38
N ASP B 55 -29.07 65.65 -52.27
CA ASP B 55 -30.48 65.23 -52.20
C ASP B 55 -31.36 66.05 -51.24
N PRO B 56 -31.75 67.29 -51.63
CA PRO B 56 -32.57 68.18 -50.80
C PRO B 56 -34.00 67.71 -50.54
N ASP B 57 -34.42 66.64 -51.21
CA ASP B 57 -35.76 66.14 -50.97
C ASP B 57 -35.78 65.30 -49.72
N LEU B 58 -34.72 64.51 -49.55
CA LEU B 58 -34.59 63.64 -48.38
C LEU B 58 -34.47 64.55 -47.16
N ALA B 59 -33.64 65.59 -47.29
CA ALA B 59 -33.40 66.52 -46.21
C ALA B 59 -34.70 67.11 -45.71
N ASP B 60 -35.72 67.10 -46.56
CA ASP B 60 -37.00 67.62 -46.14
C ASP B 60 -37.80 66.54 -45.44
N LEU B 61 -37.76 65.33 -45.98
CA LEU B 61 -38.48 64.23 -45.37
C LEU B 61 -38.04 63.98 -43.93
N LEU B 62 -36.77 64.22 -43.64
CA LEU B 62 -36.27 64.02 -42.30
C LEU B 62 -37.13 64.81 -41.34
N ILE B 63 -37.40 66.06 -41.71
CA ILE B 63 -38.20 66.91 -40.86
C ILE B 63 -39.65 66.46 -40.67
N GLU B 64 -40.26 65.95 -41.73
CA GLU B 64 -41.64 65.53 -41.65
C GLU B 64 -41.85 64.17 -41.02
N LYS B 65 -40.93 63.25 -41.24
CA LYS B 65 -41.09 61.95 -40.68
C LYS B 65 -39.79 61.46 -40.09
N PRO B 66 -39.28 62.15 -39.07
CA PRO B 66 -38.03 61.75 -38.44
C PRO B 66 -37.89 60.28 -38.17
N ASP B 67 -38.82 59.72 -37.40
CA ASP B 67 -38.77 58.32 -37.05
C ASP B 67 -38.54 57.41 -38.26
N ASP B 68 -39.43 57.46 -39.25
CA ASP B 68 -39.23 56.63 -40.43
C ASP B 68 -37.88 56.85 -41.12
N VAL B 69 -37.54 58.11 -41.41
CA VAL B 69 -36.30 58.39 -42.06
C VAL B 69 -35.19 57.87 -41.17
N ILE B 70 -35.09 58.34 -39.95
CA ILE B 70 -34.02 57.82 -39.14
C ILE B 70 -34.01 56.30 -39.12
N ARG B 71 -35.15 55.64 -39.26
CA ARG B 71 -35.08 54.17 -39.26
C ARG B 71 -34.37 53.72 -40.54
N ALA B 72 -34.87 54.16 -41.68
CA ALA B 72 -34.28 53.81 -42.97
C ALA B 72 -32.79 54.11 -42.99
N ALA B 73 -32.39 55.20 -42.35
CA ALA B 73 -30.97 55.57 -42.31
C ALA B 73 -30.19 54.48 -41.59
N GLN B 74 -30.64 54.09 -40.40
CA GLN B 74 -29.98 53.05 -39.64
C GLN B 74 -29.98 51.72 -40.39
N GLN B 75 -31.09 51.41 -41.05
CA GLN B 75 -31.20 50.19 -41.82
C GLN B 75 -30.07 50.11 -42.84
N ALA B 76 -29.82 51.21 -43.53
CA ALA B 76 -28.77 51.25 -44.53
C ALA B 76 -27.42 50.88 -43.94
N ILE B 77 -27.04 51.56 -42.88
CA ILE B 77 -25.77 51.24 -42.28
C ILE B 77 -25.64 49.77 -41.94
N ARG B 78 -26.73 49.12 -41.58
CA ARG B 78 -26.65 47.71 -41.24
C ARG B 78 -26.35 46.86 -42.47
N ASN B 79 -26.91 47.28 -43.61
CA ASN B 79 -26.73 46.60 -44.89
C ASN B 79 -25.32 46.76 -45.43
N ILE B 80 -24.85 48.00 -45.44
CA ILE B 80 -23.53 48.31 -45.95
C ILE B 80 -22.50 48.02 -44.87
N ASP B 81 -22.61 46.86 -44.25
CA ASP B 81 -21.65 46.50 -43.22
C ASP B 81 -21.39 45.00 -43.19
N ARG B 82 -20.31 44.63 -43.84
CA ARG B 82 -19.90 43.24 -43.89
C ARG B 82 -18.90 43.12 -42.73
N LEU B 83 -18.38 41.92 -42.49
CA LEU B 83 -17.38 41.66 -41.44
C LEU B 83 -17.84 41.69 -39.98
N ARG B 84 -18.18 42.86 -39.45
CA ARG B 84 -18.61 42.95 -38.06
C ARG B 84 -20.13 42.81 -37.91
N LYS B 85 -20.57 41.60 -37.56
CA LYS B 85 -21.98 41.28 -37.37
C LYS B 85 -22.68 42.18 -36.34
N ASN B 86 -23.99 42.31 -36.45
CA ASN B 86 -24.81 43.12 -35.55
C ASN B 86 -24.52 44.62 -35.73
N VAL B 87 -23.98 45.22 -34.66
CA VAL B 87 -23.61 46.63 -34.63
C VAL B 87 -24.70 47.60 -35.09
N ASP B 88 -25.41 48.17 -34.13
CA ASP B 88 -26.47 49.12 -34.42
C ASP B 88 -26.04 50.49 -33.91
N LEU B 89 -25.68 51.37 -34.83
CA LEU B 89 -25.26 52.71 -34.44
C LEU B 89 -26.43 53.66 -34.55
N ASN B 90 -26.52 54.64 -33.65
CA ASN B 90 -27.61 55.58 -33.75
C ASN B 90 -27.04 56.66 -34.59
N ILE B 91 -27.81 57.15 -35.54
CA ILE B 91 -27.28 58.24 -36.33
C ILE B 91 -27.93 59.53 -35.86
N ARG B 92 -27.10 60.48 -35.45
CA ARG B 92 -27.60 61.74 -34.97
C ARG B 92 -27.32 62.88 -35.96
N PHE B 93 -28.28 63.79 -36.14
CA PHE B 93 -28.08 64.91 -37.08
C PHE B 93 -27.76 66.23 -36.44
N SER B 94 -26.76 66.89 -36.98
CA SER B 94 -26.36 68.20 -36.48
C SER B 94 -26.72 69.29 -37.50
N GLY B 95 -26.86 70.52 -37.01
CA GLY B 95 -27.21 71.63 -37.87
C GLY B 95 -28.59 71.51 -38.50
N ILE B 96 -29.63 71.36 -37.69
CA ILE B 96 -30.98 71.28 -38.24
C ILE B 96 -31.47 72.70 -38.37
N SER B 97 -31.92 73.02 -39.58
CA SER B 97 -32.39 74.37 -39.92
C SER B 97 -33.85 74.59 -39.56
N ASN B 98 -34.32 73.82 -38.59
CA ASN B 98 -35.70 73.92 -38.15
C ASN B 98 -35.80 74.29 -36.69
N VAL B 99 -35.07 75.32 -36.30
CA VAL B 99 -35.10 75.75 -34.93
C VAL B 99 -36.46 76.39 -34.68
N ILE B 100 -37.04 76.03 -33.53
CA ILE B 100 -38.36 76.46 -33.11
C ILE B 100 -38.39 76.89 -31.67
N PRO B 101 -39.03 78.03 -31.38
CA PRO B 101 -39.11 78.52 -30.00
C PRO B 101 -39.90 77.55 -29.13
N LEU B 102 -39.40 77.31 -27.92
CA LEU B 102 -40.01 76.38 -26.98
C LEU B 102 -41.51 76.50 -26.82
N ARG B 103 -41.96 77.73 -26.60
CA ARG B 103 -43.37 78.05 -26.41
C ARG B 103 -44.21 77.66 -27.62
N GLU B 104 -43.61 77.49 -28.79
CA GLU B 104 -44.41 77.18 -29.94
C GLU B 104 -44.54 75.71 -30.27
N LEU B 105 -43.97 74.85 -29.44
CA LEU B 105 -44.02 73.38 -29.66
C LEU B 105 -45.42 72.76 -29.45
N ARG B 106 -46.36 73.13 -30.31
CA ARG B 106 -47.73 72.65 -30.25
C ARG B 106 -47.96 71.44 -31.16
N SER B 107 -49.22 71.12 -31.40
CA SER B 107 -49.58 69.95 -32.19
C SER B 107 -48.98 69.79 -33.56
N LYS B 108 -48.83 70.89 -34.29
CA LYS B 108 -48.28 70.76 -35.64
C LYS B 108 -46.90 70.10 -35.65
N PHE B 109 -46.19 70.21 -34.54
CA PHE B 109 -44.85 69.68 -34.41
C PHE B 109 -44.79 68.30 -33.76
N ILE B 110 -45.95 67.68 -33.61
CA ILE B 110 -45.94 66.38 -33.02
C ILE B 110 -45.44 65.44 -34.09
N GLY B 111 -44.36 64.75 -33.76
CA GLY B 111 -43.75 63.79 -34.65
C GLY B 111 -42.93 64.44 -35.75
N LYS B 112 -42.34 65.60 -35.48
CA LYS B 112 -41.56 66.32 -36.47
C LYS B 112 -40.16 66.61 -35.94
N PHE B 113 -39.18 66.69 -36.84
CA PHE B 113 -37.84 66.93 -36.37
C PHE B 113 -37.74 68.37 -35.99
N VAL B 114 -37.25 68.61 -34.78
CA VAL B 114 -37.23 69.92 -34.21
C VAL B 114 -35.94 70.30 -33.51
N ALA B 115 -35.65 71.60 -33.43
CA ALA B 115 -34.45 72.04 -32.74
C ALA B 115 -34.92 73.13 -31.81
N VAL B 116 -34.55 73.01 -30.56
CA VAL B 116 -35.02 73.94 -29.58
C VAL B 116 -33.88 74.38 -28.73
N ASP B 117 -33.75 75.69 -28.50
CA ASP B 117 -32.66 76.22 -27.67
C ASP B 117 -33.24 76.50 -26.29
N GLY B 118 -32.40 76.37 -25.26
CA GLY B 118 -32.81 76.64 -23.89
C GLY B 118 -31.71 76.34 -22.89
N ILE B 119 -32.04 76.36 -21.61
CA ILE B 119 -31.05 76.08 -20.56
C ILE B 119 -31.50 74.88 -19.75
N VAL B 120 -30.57 73.95 -19.53
CA VAL B 120 -30.87 72.74 -18.78
C VAL B 120 -31.11 72.95 -17.30
N ARG B 121 -32.30 72.60 -16.80
CA ARG B 121 -32.56 72.74 -15.39
C ARG B 121 -32.39 71.42 -14.65
N LYS B 122 -33.49 70.86 -14.17
CA LYS B 122 -33.43 69.61 -13.41
C LYS B 122 -33.02 68.43 -14.27
N THR B 123 -32.12 67.61 -13.73
CA THR B 123 -31.65 66.42 -14.43
C THR B 123 -31.89 65.17 -13.59
N ASP B 124 -32.79 64.33 -14.07
CA ASP B 124 -33.17 63.10 -13.39
C ASP B 124 -32.13 62.01 -13.42
N GLU B 125 -32.39 60.95 -12.66
CA GLU B 125 -31.47 59.84 -12.59
C GLU B 125 -31.50 59.01 -13.85
N ILE B 126 -30.38 58.35 -14.11
CA ILE B 126 -30.28 57.49 -15.27
C ILE B 126 -30.81 56.13 -14.86
N ARG B 127 -31.72 55.58 -15.66
CA ARG B 127 -32.34 54.28 -15.41
C ARG B 127 -32.57 53.55 -16.72
N PRO B 128 -32.66 52.22 -16.69
CA PRO B 128 -32.88 51.46 -17.93
C PRO B 128 -34.34 51.31 -18.35
N ARG B 129 -34.55 50.91 -19.61
CA ARG B 129 -35.88 50.66 -20.08
C ARG B 129 -35.69 49.54 -21.08
N ILE B 130 -36.78 48.88 -21.48
CA ILE B 130 -36.66 47.81 -22.43
C ILE B 130 -36.74 48.40 -23.81
N VAL B 131 -35.78 48.05 -24.68
CA VAL B 131 -35.82 48.55 -26.06
C VAL B 131 -36.35 47.46 -26.95
N LYS B 132 -35.99 46.22 -26.65
CA LYS B 132 -36.45 45.11 -27.45
C LYS B 132 -37.09 44.12 -26.50
N ALA B 133 -38.42 44.13 -26.46
CA ALA B 133 -39.16 43.23 -25.59
C ALA B 133 -39.42 41.92 -26.28
N VAL B 134 -39.21 40.83 -25.57
CA VAL B 134 -39.45 39.52 -26.15
C VAL B 134 -40.68 38.93 -25.53
N PHE B 135 -41.61 38.49 -26.34
CA PHE B 135 -42.83 37.92 -25.80
C PHE B 135 -42.98 36.45 -26.15
N GLU B 136 -43.66 35.75 -25.27
CA GLU B 136 -43.97 34.35 -25.48
C GLU B 136 -45.45 34.33 -25.83
N CYS B 137 -45.76 33.76 -26.99
CA CYS B 137 -47.14 33.66 -27.42
C CYS B 137 -47.83 32.57 -26.58
N ARG B 138 -48.90 32.93 -25.89
CA ARG B 138 -49.60 31.97 -25.07
C ARG B 138 -50.35 30.93 -25.88
N GLY B 139 -50.39 31.13 -27.18
CA GLY B 139 -51.08 30.21 -28.06
C GLY B 139 -50.22 29.03 -28.47
N CYS B 140 -48.99 29.30 -28.90
CA CYS B 140 -48.09 28.25 -29.35
C CYS B 140 -46.76 28.28 -28.66
N MET B 141 -46.62 29.11 -27.65
CA MET B 141 -45.38 29.16 -26.91
C MET B 141 -44.17 29.66 -27.71
N ARG B 142 -44.37 30.20 -28.90
CA ARG B 142 -43.24 30.71 -29.67
C ARG B 142 -42.80 32.07 -29.16
N HIS B 143 -41.59 32.48 -29.53
CA HIS B 143 -41.05 33.77 -29.05
C HIS B 143 -41.08 34.84 -30.15
N HIS B 144 -41.49 36.06 -29.78
CA HIS B 144 -41.54 37.18 -30.73
C HIS B 144 -40.86 38.39 -30.08
N ALA B 145 -40.01 39.09 -30.81
CA ALA B 145 -39.34 40.29 -30.28
C ALA B 145 -40.04 41.52 -30.85
N VAL B 146 -40.19 42.56 -30.06
CA VAL B 146 -40.86 43.76 -30.54
C VAL B 146 -40.12 44.98 -29.99
N THR B 147 -39.73 45.87 -30.90
CA THR B 147 -39.02 47.07 -30.48
C THR B 147 -39.95 48.04 -29.79
N GLN B 148 -39.52 48.53 -28.64
CA GLN B 148 -40.30 49.46 -27.87
C GLN B 148 -39.71 50.84 -28.01
N SER B 149 -40.56 51.86 -27.98
CA SER B 149 -40.06 53.21 -28.11
C SER B 149 -40.33 54.01 -26.85
N THR B 150 -41.33 53.59 -26.06
CA THR B 150 -41.69 54.27 -24.84
C THR B 150 -41.32 53.35 -23.67
N ASN B 151 -41.69 53.74 -22.46
CA ASN B 151 -41.41 52.90 -21.31
C ASN B 151 -42.65 52.05 -21.04
N MET B 152 -43.59 52.08 -21.97
CA MET B 152 -44.79 51.27 -21.85
C MET B 152 -44.71 50.16 -22.84
N ILE B 153 -44.70 48.93 -22.35
CA ILE B 153 -44.60 47.78 -23.22
C ILE B 153 -45.78 47.70 -24.17
N THR B 154 -45.48 47.36 -25.41
CA THR B 154 -46.48 47.24 -26.45
C THR B 154 -46.44 45.82 -26.98
N GLU B 155 -47.50 45.06 -26.73
CA GLU B 155 -47.57 43.67 -27.16
C GLU B 155 -47.77 43.56 -28.65
N PRO B 156 -47.45 42.42 -29.24
CA PRO B 156 -47.61 42.22 -30.68
C PRO B 156 -49.09 42.30 -31.04
N SER B 157 -49.39 42.59 -32.30
CA SER B 157 -50.78 42.70 -32.75
C SER B 157 -51.39 41.30 -32.64
N LEU B 158 -50.80 40.35 -33.36
CA LEU B 158 -51.26 38.99 -33.30
C LEU B 158 -50.10 38.10 -33.67
N CYS B 159 -50.19 36.82 -33.33
CA CYS B 159 -49.13 35.89 -33.64
C CYS B 159 -49.38 35.37 -35.04
N SER B 160 -48.44 35.61 -35.94
CA SER B 160 -48.56 35.17 -37.32
C SER B 160 -48.51 33.67 -37.52
N GLU B 161 -47.87 32.97 -36.59
CA GLU B 161 -47.71 31.52 -36.65
C GLU B 161 -48.96 30.73 -36.33
N CYS B 162 -49.69 31.15 -35.30
CA CYS B 162 -50.88 30.43 -34.89
C CYS B 162 -52.14 31.29 -34.77
N GLY B 163 -51.99 32.60 -34.93
CA GLY B 163 -53.14 33.49 -34.84
C GLY B 163 -53.43 33.95 -33.43
N GLY B 164 -52.57 33.56 -32.48
CA GLY B 164 -52.81 33.96 -31.11
C GLY B 164 -52.87 35.45 -30.89
N ARG B 165 -53.57 35.89 -29.86
CA ARG B 165 -53.63 37.31 -29.60
C ARG B 165 -53.22 37.63 -28.18
N SER B 166 -52.79 36.61 -27.47
CA SER B 166 -52.38 36.82 -26.09
C SER B 166 -50.89 36.50 -25.89
N PHE B 167 -50.17 37.42 -25.26
CA PHE B 167 -48.75 37.23 -25.04
C PHE B 167 -48.30 37.47 -23.62
N ARG B 168 -47.15 36.88 -23.28
CA ARG B 168 -46.54 37.03 -21.96
C ARG B 168 -45.15 37.57 -22.19
N LEU B 169 -44.80 38.64 -21.50
CA LEU B 169 -43.48 39.26 -21.65
C LEU B 169 -42.42 38.47 -20.93
N LEU B 170 -41.30 38.21 -21.60
CA LEU B 170 -40.23 37.46 -20.97
C LEU B 170 -39.10 38.43 -20.65
N GLN B 171 -39.13 39.06 -19.49
CA GLN B 171 -38.08 40.03 -19.17
C GLN B 171 -36.64 39.53 -19.30
N ASP B 172 -36.37 38.33 -18.82
CA ASP B 172 -35.01 37.80 -18.90
C ASP B 172 -34.48 37.64 -20.31
N GLU B 173 -35.33 37.79 -21.31
CA GLU B 173 -34.85 37.63 -22.65
C GLU B 173 -34.89 38.92 -23.41
N SER B 174 -35.31 39.97 -22.72
CA SER B 174 -35.40 41.27 -23.35
C SER B 174 -34.12 42.09 -23.21
N GLU B 175 -33.92 43.04 -24.11
CA GLU B 175 -32.74 43.90 -24.11
C GLU B 175 -33.05 45.27 -23.55
N PHE B 176 -32.17 45.80 -22.72
CA PHE B 176 -32.37 47.12 -22.13
C PHE B 176 -31.48 48.21 -22.70
N LEU B 177 -31.79 49.43 -22.31
CA LEU B 177 -31.06 50.56 -22.82
C LEU B 177 -31.11 51.72 -21.83
N ASP B 178 -30.05 52.50 -21.72
CA ASP B 178 -30.13 53.57 -20.75
C ASP B 178 -30.99 54.73 -21.19
N THR B 179 -31.77 55.27 -20.26
CA THR B 179 -32.65 56.39 -20.56
C THR B 179 -32.53 57.45 -19.47
N GLN B 180 -32.86 58.70 -19.81
CA GLN B 180 -32.77 59.80 -18.86
C GLN B 180 -33.61 60.97 -19.30
N THR B 181 -34.10 61.73 -18.33
CA THR B 181 -34.94 62.89 -18.64
C THR B 181 -34.35 64.10 -17.96
N LEU B 182 -34.69 65.26 -18.49
CA LEU B 182 -34.22 66.51 -17.92
C LEU B 182 -35.23 67.55 -18.34
N LYS B 183 -35.11 68.73 -17.76
CA LYS B 183 -35.99 69.85 -18.08
C LYS B 183 -35.21 70.86 -18.88
N LEU B 184 -35.78 71.30 -19.98
CA LEU B 184 -35.16 72.28 -20.83
C LEU B 184 -35.96 73.56 -20.71
N GLN B 185 -35.46 74.50 -19.90
CA GLN B 185 -36.14 75.78 -19.69
C GLN B 185 -35.86 76.71 -20.85
N GLU B 186 -36.85 77.52 -21.20
CA GLU B 186 -36.66 78.43 -22.32
C GLU B 186 -35.73 79.56 -21.93
N PRO B 187 -35.15 80.22 -22.94
CA PRO B 187 -34.23 81.33 -22.68
C PRO B 187 -35.03 82.56 -22.22
N LEU B 188 -34.55 83.21 -21.18
CA LEU B 188 -35.22 84.38 -20.61
C LEU B 188 -35.09 85.63 -21.45
N GLU B 189 -33.92 85.82 -22.04
CA GLU B 189 -33.64 86.99 -22.86
C GLU B 189 -34.55 87.10 -24.09
N ASN B 190 -35.85 86.94 -23.87
CA ASN B 190 -36.83 87.02 -24.96
C ASN B 190 -38.21 87.21 -24.35
N LEU B 191 -38.29 86.98 -23.04
CA LEU B 191 -39.54 87.13 -22.31
C LEU B 191 -39.81 88.62 -22.15
N SER B 192 -40.87 88.99 -21.44
CA SER B 192 -41.20 90.40 -21.24
C SER B 192 -41.98 90.74 -19.96
N GLY B 193 -41.27 90.82 -18.84
CA GLY B 193 -41.91 91.16 -17.59
C GLY B 193 -43.08 90.30 -17.16
N GLY B 194 -43.02 89.85 -15.91
CA GLY B 194 -44.08 89.04 -15.35
C GLY B 194 -44.05 87.60 -15.81
N GLU B 195 -43.69 87.39 -17.08
CA GLU B 195 -43.64 86.06 -17.67
C GLU B 195 -42.61 85.13 -17.04
N GLN B 196 -43.07 84.11 -16.34
CA GLN B 196 -42.21 83.12 -15.72
C GLN B 196 -41.92 82.10 -16.84
N PRO B 197 -40.65 82.02 -17.28
CA PRO B 197 -40.21 81.11 -18.34
C PRO B 197 -40.82 79.73 -18.31
N ARG B 198 -41.12 79.21 -19.49
CA ARG B 198 -41.71 77.90 -19.64
C ARG B 198 -40.64 76.82 -19.85
N GLN B 199 -41.03 75.56 -19.77
CA GLN B 199 -40.08 74.51 -19.97
C GLN B 199 -40.68 73.24 -20.57
N ILE B 200 -39.83 72.35 -21.03
CA ILE B 200 -40.34 71.13 -21.60
C ILE B 200 -39.40 70.02 -21.23
N THR B 201 -39.92 68.81 -21.20
CA THR B 201 -39.11 67.65 -20.84
C THR B 201 -38.36 67.11 -22.03
N VAL B 202 -37.10 66.77 -21.80
CA VAL B 202 -36.29 66.19 -22.87
C VAL B 202 -35.92 64.79 -22.42
N VAL B 203 -35.93 63.85 -23.35
CA VAL B 203 -35.57 62.50 -23.01
C VAL B 203 -34.26 62.14 -23.73
N LEU B 204 -33.23 61.80 -22.97
CA LEU B 204 -31.95 61.43 -23.57
C LEU B 204 -31.71 59.97 -23.37
N GLU B 205 -31.41 59.26 -24.45
CA GLU B 205 -31.17 57.83 -24.35
C GLU B 205 -29.83 57.33 -24.89
N ASP B 206 -29.52 56.09 -24.53
CA ASP B 206 -28.31 55.44 -24.95
C ASP B 206 -27.06 56.24 -24.60
N ASP B 207 -26.33 56.74 -25.59
CA ASP B 207 -25.11 57.48 -25.29
C ASP B 207 -25.23 58.99 -25.09
N LEU B 208 -26.44 59.53 -25.19
CA LEU B 208 -26.64 60.97 -24.93
C LEU B 208 -26.93 61.07 -23.45
N VAL B 209 -26.92 59.94 -22.78
CA VAL B 209 -27.19 59.88 -21.36
C VAL B 209 -26.02 60.48 -20.60
N ASP B 210 -26.32 61.19 -19.53
CA ASP B 210 -25.30 61.83 -18.71
C ASP B 210 -24.38 62.75 -19.51
N THR B 211 -25.01 63.49 -20.41
CA THR B 211 -24.33 64.41 -21.30
C THR B 211 -24.56 65.84 -20.89
N LEU B 212 -25.75 66.16 -20.42
CA LEU B 212 -26.04 67.52 -20.05
C LEU B 212 -26.05 67.71 -18.56
N THR B 213 -25.82 68.96 -18.15
CA THR B 213 -25.81 69.30 -16.75
C THR B 213 -26.62 70.56 -16.47
N PRO B 214 -27.24 70.63 -15.28
CA PRO B 214 -28.02 71.83 -14.97
C PRO B 214 -27.13 73.03 -15.24
N GLY B 215 -27.65 73.97 -16.02
CA GLY B 215 -26.89 75.14 -16.35
C GLY B 215 -26.48 75.19 -17.80
N ASP B 216 -26.21 74.05 -18.42
CA ASP B 216 -25.79 74.07 -19.83
C ASP B 216 -26.74 74.79 -20.77
N ILE B 217 -26.20 75.75 -21.49
CA ILE B 217 -26.99 76.47 -22.45
C ILE B 217 -26.88 75.59 -23.68
N VAL B 218 -28.00 75.06 -24.16
CA VAL B 218 -27.95 74.15 -25.29
C VAL B 218 -28.98 74.32 -26.37
N ARG B 219 -28.82 73.50 -27.39
CA ARG B 219 -29.75 73.48 -28.49
C ARG B 219 -30.07 72.01 -28.74
N VAL B 220 -31.23 71.58 -28.23
CA VAL B 220 -31.67 70.21 -28.36
C VAL B 220 -32.40 69.99 -29.67
N THR B 221 -32.03 68.92 -30.33
CA THR B 221 -32.59 68.55 -31.61
C THR B 221 -33.22 67.18 -31.41
N GLY B 222 -34.38 66.96 -32.02
CA GLY B 222 -35.00 65.68 -31.84
C GLY B 222 -36.42 65.60 -32.32
N THR B 223 -37.12 64.55 -31.91
CA THR B 223 -38.49 64.38 -32.35
C THR B 223 -39.43 64.79 -31.26
N LEU B 224 -40.46 65.55 -31.61
CA LEU B 224 -41.41 65.97 -30.59
C LEU B 224 -42.45 64.85 -30.46
N ARG B 225 -42.55 64.31 -29.27
CA ARG B 225 -43.51 63.25 -29.01
C ARG B 225 -44.50 63.75 -27.98
N THR B 226 -45.55 62.98 -27.76
CA THR B 226 -46.53 63.36 -26.78
C THR B 226 -47.05 62.16 -25.99
N VAL B 227 -47.46 62.39 -24.75
CA VAL B 227 -47.97 61.29 -23.97
C VAL B 227 -49.03 61.73 -22.99
N ARG B 228 -50.12 60.95 -22.88
CA ARG B 228 -51.20 61.28 -21.93
C ARG B 228 -50.85 60.72 -20.58
N ASP B 229 -50.89 61.59 -19.60
CA ASP B 229 -50.59 61.24 -18.23
C ASP B 229 -51.77 60.53 -17.58
N GLU B 230 -51.47 59.51 -16.78
CA GLU B 230 -52.51 58.77 -16.07
C GLU B 230 -53.19 59.71 -15.10
N ARG B 231 -54.37 59.34 -14.63
CA ARG B 231 -55.11 60.18 -13.69
C ARG B 231 -55.61 61.38 -14.51
N THR B 232 -54.76 62.39 -14.63
CA THR B 232 -55.04 63.60 -15.40
C THR B 232 -54.97 63.16 -16.84
N LYS B 233 -56.08 62.69 -17.38
CA LYS B 233 -56.12 62.20 -18.76
C LYS B 233 -55.61 63.14 -19.87
N ARG B 234 -54.90 64.20 -19.50
CA ARG B 234 -54.37 65.15 -20.47
C ARG B 234 -52.98 64.79 -21.04
N PHE B 235 -52.76 65.14 -22.31
CA PHE B 235 -51.48 64.89 -22.96
C PHE B 235 -50.47 65.93 -22.55
N LYS B 236 -49.21 65.66 -22.89
CA LYS B 236 -48.13 66.56 -22.55
C LYS B 236 -47.07 66.30 -23.58
N ASN B 237 -46.46 67.35 -24.12
CA ASN B 237 -45.42 67.12 -25.12
C ASN B 237 -44.04 67.07 -24.53
N PHE B 238 -43.18 66.29 -25.16
CA PHE B 238 -41.80 66.22 -24.74
C PHE B 238 -40.92 66.01 -25.96
N ILE B 239 -39.61 66.19 -25.80
CA ILE B 239 -38.69 66.01 -26.92
C ILE B 239 -37.85 64.77 -26.77
N TYR B 240 -37.86 63.93 -27.79
CA TYR B 240 -37.06 62.72 -27.77
C TYR B 240 -35.76 63.10 -28.46
N GLY B 241 -34.78 63.40 -27.62
CA GLY B 241 -33.47 63.84 -28.08
C GLY B 241 -32.71 63.02 -29.08
N ASN B 242 -32.19 63.69 -30.10
CA ASN B 242 -31.39 63.04 -31.13
C ASN B 242 -29.96 63.54 -31.16
N TYR B 243 -29.81 64.86 -31.12
CA TYR B 243 -28.49 65.48 -31.16
C TYR B 243 -28.48 66.64 -30.20
N THR B 244 -27.32 66.95 -29.66
CA THR B 244 -27.19 68.05 -28.71
C THR B 244 -25.88 68.81 -28.86
N GLU B 245 -25.94 70.12 -28.77
CA GLU B 245 -24.74 70.94 -28.89
C GLU B 245 -24.85 72.13 -27.96
N PHE B 246 -23.70 72.69 -27.58
CA PHE B 246 -23.71 73.85 -26.69
C PHE B 246 -23.71 75.16 -27.46
N LEU B 247 -24.32 76.19 -26.88
CA LEU B 247 -24.39 77.49 -27.51
C LEU B 247 -23.37 78.50 -26.95
N VAL C 9 9.81 -19.99 -4.66
CA VAL C 9 11.11 -20.05 -5.42
C VAL C 9 10.90 -19.65 -6.88
N ASP C 10 10.93 -20.64 -7.77
CA ASP C 10 10.73 -20.41 -9.22
C ASP C 10 9.24 -20.31 -9.50
N LYS C 11 8.47 -19.87 -8.50
CA LYS C 11 7.03 -19.74 -8.64
C LYS C 11 6.68 -18.65 -9.64
N SER C 12 7.06 -17.41 -9.33
CA SER C 12 6.78 -16.31 -10.24
C SER C 12 7.49 -16.55 -11.57
N LYS C 13 8.65 -17.20 -11.53
CA LYS C 13 9.39 -17.48 -12.76
C LYS C 13 8.52 -18.25 -13.74
N THR C 14 7.84 -19.27 -13.22
CA THR C 14 6.96 -20.12 -14.02
C THR C 14 5.58 -19.49 -14.16
N LEU C 15 5.05 -18.93 -13.08
CA LEU C 15 3.74 -18.30 -13.13
C LEU C 15 3.70 -17.26 -14.24
N THR C 16 4.65 -16.34 -14.18
CA THR C 16 4.74 -15.28 -15.17
C THR C 16 4.66 -15.79 -16.59
N LYS C 17 5.48 -16.77 -16.92
CA LYS C 17 5.49 -17.35 -18.25
C LYS C 17 4.09 -17.78 -18.72
N PHE C 18 3.26 -18.26 -17.79
CA PHE C 18 1.91 -18.69 -18.13
C PHE C 18 0.94 -17.52 -18.20
N GLU C 19 1.24 -16.47 -17.45
CA GLU C 19 0.39 -15.28 -17.45
C GLU C 19 0.52 -14.62 -18.82
N GLU C 20 1.63 -14.89 -19.49
CA GLU C 20 1.89 -14.35 -20.81
C GLU C 20 1.36 -15.28 -21.88
N PHE C 21 1.56 -16.59 -21.67
CA PHE C 21 1.10 -17.59 -22.63
C PHE C 21 -0.42 -17.55 -22.77
N PHE C 22 -1.10 -17.32 -21.66
CA PHE C 22 -2.57 -17.26 -21.63
C PHE C 22 -3.06 -15.84 -21.87
N SER C 23 -2.23 -15.08 -22.58
CA SER C 23 -2.55 -13.71 -22.93
C SER C 23 -2.54 -13.64 -24.46
N LEU C 24 -1.85 -14.59 -25.08
CA LEU C 24 -1.77 -14.64 -26.55
C LEU C 24 -3.17 -14.91 -27.10
N GLN C 25 -3.45 -14.34 -28.27
CA GLN C 25 -4.76 -14.49 -28.89
C GLN C 25 -5.20 -15.93 -29.05
N ASP C 26 -4.25 -16.83 -29.30
CA ASP C 26 -4.56 -18.26 -29.47
C ASP C 26 -5.47 -18.80 -28.37
N TYR C 27 -5.20 -18.42 -27.14
CA TYR C 27 -6.00 -18.91 -26.02
C TYR C 27 -6.72 -17.81 -25.22
N LYS C 28 -6.30 -16.56 -25.37
CA LYS C 28 -6.95 -15.49 -24.63
C LYS C 28 -8.47 -15.56 -24.79
N ASP C 29 -8.91 -16.03 -25.95
CA ASP C 29 -10.34 -16.16 -26.25
C ASP C 29 -10.86 -17.47 -25.67
N ARG C 30 -10.03 -18.50 -25.80
CA ARG C 30 -10.36 -19.81 -25.28
C ARG C 30 -10.44 -19.72 -23.75
N VAL C 31 -9.77 -18.72 -23.20
CA VAL C 31 -9.74 -18.45 -21.75
C VAL C 31 -11.05 -17.77 -21.29
N PHE C 32 -11.30 -16.55 -21.77
CA PHE C 32 -12.54 -15.86 -21.38
C PHE C 32 -13.75 -16.73 -21.68
N GLU C 33 -13.62 -17.56 -22.72
CA GLU C 33 -14.70 -18.46 -23.11
C GLU C 33 -14.89 -19.50 -22.02
N ALA C 34 -13.78 -20.03 -21.51
CA ALA C 34 -13.82 -21.02 -20.45
C ALA C 34 -14.22 -20.43 -19.09
N ILE C 35 -13.55 -19.35 -18.68
CA ILE C 35 -13.85 -18.69 -17.40
C ILE C 35 -15.33 -18.40 -17.30
N GLU C 36 -15.85 -17.76 -18.35
CA GLU C 36 -17.25 -17.39 -18.43
C GLU C 36 -18.24 -18.55 -18.29
N LYS C 37 -18.01 -19.61 -19.08
CA LYS C 37 -18.91 -20.76 -19.06
C LYS C 37 -18.83 -21.68 -17.84
N TYR C 38 -18.08 -21.27 -16.81
CA TYR C 38 -17.97 -22.10 -15.61
C TYR C 38 -19.36 -22.20 -14.98
N PRO C 39 -19.70 -23.37 -14.40
CA PRO C 39 -18.86 -24.55 -14.31
C PRO C 39 -19.22 -25.56 -15.39
N ASN C 40 -19.49 -25.08 -16.60
CA ASN C 40 -19.88 -25.95 -17.69
C ASN C 40 -18.72 -26.41 -18.59
N VAL C 41 -17.50 -26.18 -18.14
CA VAL C 41 -16.32 -26.58 -18.89
C VAL C 41 -15.19 -27.11 -18.00
N ARG C 42 -14.79 -26.33 -17.01
CA ARG C 42 -13.73 -26.78 -16.11
C ARG C 42 -12.46 -27.26 -16.84
N SER C 43 -12.28 -26.85 -18.10
CA SER C 43 -11.08 -27.25 -18.84
C SER C 43 -10.63 -26.25 -19.91
N ILE C 44 -9.40 -25.80 -19.80
CA ILE C 44 -8.85 -24.87 -20.78
C ILE C 44 -8.37 -25.63 -22.00
N GLU C 45 -7.73 -26.78 -21.79
CA GLU C 45 -7.25 -27.59 -22.91
C GLU C 45 -6.19 -26.86 -23.77
N VAL C 46 -4.92 -27.12 -23.48
CA VAL C 46 -3.82 -26.48 -24.22
C VAL C 46 -2.99 -27.53 -24.95
N ASP C 47 -2.59 -27.21 -26.18
CA ASP C 47 -1.80 -28.09 -27.02
C ASP C 47 -0.30 -27.94 -26.76
N TYR C 48 0.31 -29.06 -26.37
CA TYR C 48 1.73 -29.10 -26.05
C TYR C 48 2.59 -28.42 -27.12
N LEU C 49 2.22 -28.60 -28.37
CA LEU C 49 2.97 -28.02 -29.46
C LEU C 49 3.06 -26.50 -29.29
N ASP C 50 1.91 -25.83 -29.20
CA ASP C 50 1.90 -24.38 -29.05
C ASP C 50 2.65 -23.95 -27.79
N LEU C 51 2.86 -24.91 -26.89
CA LEU C 51 3.58 -24.61 -25.67
C LEU C 51 5.06 -24.68 -26.01
N GLU C 52 5.47 -25.82 -26.58
CA GLU C 52 6.86 -26.04 -26.95
C GLU C 52 7.33 -24.93 -27.88
N MET C 53 6.42 -24.48 -28.74
CA MET C 53 6.70 -23.40 -29.69
C MET C 53 7.00 -22.13 -28.90
N PHE C 54 6.16 -21.86 -27.91
CA PHE C 54 6.31 -20.69 -27.07
C PHE C 54 7.67 -20.68 -26.40
N ASP C 55 7.94 -21.71 -25.61
CA ASP C 55 9.21 -21.83 -24.90
C ASP C 55 9.60 -23.29 -24.74
N PRO C 56 10.81 -23.66 -25.20
CA PRO C 56 11.28 -25.04 -25.11
C PRO C 56 11.54 -25.47 -23.66
N ASP C 57 12.03 -24.52 -22.86
CA ASP C 57 12.35 -24.77 -21.46
C ASP C 57 11.11 -25.20 -20.67
N LEU C 58 10.12 -24.32 -20.65
CA LEU C 58 8.89 -24.61 -19.95
C LEU C 58 8.33 -25.95 -20.44
N ALA C 59 8.32 -26.14 -21.76
CA ALA C 59 7.79 -27.37 -22.34
C ALA C 59 8.38 -28.63 -21.75
N ASP C 60 9.67 -28.58 -21.42
CA ASP C 60 10.35 -29.72 -20.83
C ASP C 60 10.10 -29.77 -19.33
N LEU C 61 9.92 -28.58 -18.74
CA LEU C 61 9.66 -28.45 -17.31
C LEU C 61 8.32 -29.06 -16.95
N LEU C 62 7.40 -29.08 -17.89
CA LEU C 62 6.06 -29.63 -17.69
C LEU C 62 6.11 -31.13 -17.52
N ILE C 63 7.26 -31.72 -17.78
CA ILE C 63 7.38 -33.16 -17.65
C ILE C 63 8.15 -33.53 -16.41
N GLU C 64 9.16 -32.74 -16.09
CA GLU C 64 9.98 -33.02 -14.93
C GLU C 64 9.29 -32.64 -13.65
N LYS C 65 8.49 -31.58 -13.69
CA LYS C 65 7.77 -31.11 -12.51
C LYS C 65 6.36 -30.70 -12.89
N PRO C 66 5.54 -31.64 -13.34
CA PRO C 66 4.14 -31.40 -13.75
C PRO C 66 3.20 -30.86 -12.69
N ASP C 67 3.13 -31.54 -11.55
CA ASP C 67 2.25 -31.14 -10.48
C ASP C 67 2.41 -29.67 -10.10
N ASP C 68 3.62 -29.16 -10.27
CA ASP C 68 3.87 -27.76 -9.94
C ASP C 68 3.56 -26.83 -11.09
N VAL C 69 4.03 -27.17 -12.28
CA VAL C 69 3.81 -26.37 -13.47
C VAL C 69 2.32 -26.15 -13.65
N ILE C 70 1.55 -27.22 -13.56
CA ILE C 70 0.10 -27.12 -13.71
C ILE C 70 -0.51 -26.21 -12.66
N ARG C 71 0.03 -26.26 -11.44
CA ARG C 71 -0.48 -25.45 -10.33
C ARG C 71 -0.12 -23.99 -10.56
N ALA C 72 0.80 -23.78 -11.50
CA ALA C 72 1.23 -22.44 -11.83
C ALA C 72 0.31 -21.90 -12.92
N ALA C 73 0.01 -22.75 -13.89
CA ALA C 73 -0.86 -22.36 -14.97
C ALA C 73 -2.25 -22.10 -14.42
N GLN C 74 -2.66 -22.87 -13.43
CA GLN C 74 -3.97 -22.67 -12.83
C GLN C 74 -4.02 -21.31 -12.18
N GLN C 75 -2.88 -20.85 -11.67
CA GLN C 75 -2.82 -19.53 -11.03
C GLN C 75 -2.89 -18.44 -12.07
N ALA C 76 -2.29 -18.71 -13.23
CA ALA C 76 -2.29 -17.75 -14.32
C ALA C 76 -3.73 -17.37 -14.66
N ILE C 77 -4.58 -18.35 -14.97
CA ILE C 77 -5.96 -18.05 -15.29
C ILE C 77 -6.59 -17.17 -14.21
N ARG C 78 -6.41 -17.53 -12.94
CA ARG C 78 -6.97 -16.75 -11.83
C ARG C 78 -6.36 -15.36 -11.73
N ASN C 79 -5.19 -15.19 -12.31
CA ASN C 79 -4.51 -13.89 -12.29
C ASN C 79 -4.89 -13.03 -13.49
N ILE C 80 -5.17 -13.68 -14.63
CA ILE C 80 -5.56 -12.96 -15.86
C ILE C 80 -7.08 -13.02 -16.03
N ASP C 81 -7.81 -12.59 -15.00
CA ASP C 81 -9.25 -12.61 -15.04
C ASP C 81 -9.80 -11.39 -14.33
N ARG C 82 -10.10 -10.34 -15.10
CA ARG C 82 -10.65 -9.11 -14.55
C ARG C 82 -12.03 -9.36 -13.92
N LEU C 83 -12.63 -10.47 -14.32
CA LEU C 83 -13.96 -10.88 -13.84
C LEU C 83 -13.93 -11.27 -12.35
N ARG C 84 -12.73 -11.27 -11.76
CA ARG C 84 -12.51 -11.61 -10.35
C ARG C 84 -13.25 -12.85 -9.88
N LYS C 85 -13.35 -13.84 -10.76
CA LYS C 85 -14.04 -15.09 -10.43
C LYS C 85 -13.07 -16.08 -9.79
N ASN C 86 -13.50 -16.71 -8.70
CA ASN C 86 -12.68 -17.69 -7.99
C ASN C 86 -12.63 -19.00 -8.78
N VAL C 87 -13.31 -18.99 -9.94
CA VAL C 87 -13.36 -20.15 -10.83
C VAL C 87 -11.95 -20.68 -11.11
N ASP C 88 -11.77 -21.98 -10.94
CA ASP C 88 -10.48 -22.62 -11.15
C ASP C 88 -10.66 -23.91 -11.96
N LEU C 89 -10.30 -23.86 -13.24
CA LEU C 89 -10.43 -25.03 -14.09
C LEU C 89 -9.14 -25.81 -14.19
N ASN C 90 -9.27 -27.05 -14.62
CA ASN C 90 -8.12 -27.92 -14.80
C ASN C 90 -7.50 -27.51 -16.13
N ILE C 91 -6.30 -28.00 -16.42
CA ILE C 91 -5.67 -27.64 -17.67
C ILE C 91 -5.04 -28.86 -18.34
N ARG C 92 -5.76 -29.44 -19.28
CA ARG C 92 -5.27 -30.63 -19.98
C ARG C 92 -4.16 -30.29 -20.98
N PHE C 93 -3.48 -31.30 -21.48
CA PHE C 93 -2.41 -31.07 -22.45
C PHE C 93 -2.49 -32.12 -23.54
N SER C 94 -2.50 -31.67 -24.79
CA SER C 94 -2.60 -32.57 -25.92
C SER C 94 -1.27 -32.86 -26.62
N GLY C 95 -1.13 -34.12 -27.03
CA GLY C 95 0.07 -34.55 -27.71
C GLY C 95 1.35 -34.28 -26.95
N ILE C 96 1.85 -35.30 -26.26
CA ILE C 96 3.07 -35.17 -25.47
C ILE C 96 4.18 -36.01 -26.11
N SER C 97 5.40 -35.48 -26.11
CA SER C 97 6.55 -36.18 -26.67
C SER C 97 6.95 -37.39 -25.82
N ASN C 98 6.89 -37.22 -24.49
CA ASN C 98 7.24 -38.27 -23.54
C ASN C 98 6.27 -39.44 -23.53
N VAL C 99 6.25 -40.20 -24.62
CA VAL C 99 5.37 -41.35 -24.72
C VAL C 99 6.12 -42.60 -24.30
N ILE C 100 5.76 -43.13 -23.14
CA ILE C 100 6.40 -44.32 -22.62
C ILE C 100 5.50 -45.54 -22.65
N PRO C 101 6.09 -46.72 -22.91
CA PRO C 101 5.33 -47.97 -22.94
C PRO C 101 4.96 -48.39 -21.55
N LEU C 102 3.71 -48.77 -21.36
CA LEU C 102 3.20 -49.18 -20.07
C LEU C 102 4.15 -50.08 -19.28
N ARG C 103 5.00 -50.84 -19.97
CA ARG C 103 5.92 -51.73 -19.28
C ARG C 103 7.07 -51.01 -18.60
N GLU C 104 7.60 -49.98 -19.26
CA GLU C 104 8.74 -49.22 -18.76
C GLU C 104 8.41 -48.15 -17.70
N LEU C 105 7.19 -48.16 -17.16
CA LEU C 105 6.76 -47.18 -16.14
C LEU C 105 7.30 -47.53 -14.76
N ARG C 106 8.61 -47.41 -14.63
CA ARG C 106 9.34 -47.70 -13.40
C ARG C 106 9.42 -46.47 -12.49
N SER C 107 10.44 -46.43 -11.64
CA SER C 107 10.63 -45.35 -10.71
C SER C 107 11.07 -44.03 -11.31
N LYS C 108 12.07 -44.08 -12.18
CA LYS C 108 12.60 -42.88 -12.82
C LYS C 108 11.51 -41.96 -13.33
N PHE C 109 10.28 -42.48 -13.43
CA PHE C 109 9.18 -41.68 -13.95
C PHE C 109 8.20 -41.15 -12.91
N ILE C 110 8.25 -41.70 -11.70
CA ILE C 110 7.35 -41.23 -10.66
C ILE C 110 7.39 -39.72 -10.53
N GLY C 111 6.23 -39.08 -10.68
CA GLY C 111 6.16 -37.64 -10.57
C GLY C 111 6.48 -36.91 -11.87
N LYS C 112 6.58 -37.68 -12.95
CA LYS C 112 6.90 -37.14 -14.26
C LYS C 112 5.66 -37.13 -15.15
N PHE C 113 5.72 -36.38 -16.25
CA PHE C 113 4.59 -36.32 -17.18
C PHE C 113 4.79 -37.42 -18.22
N VAL C 114 3.84 -38.34 -18.30
CA VAL C 114 3.93 -39.46 -19.20
C VAL C 114 2.70 -39.64 -20.10
N ALA C 115 2.89 -40.37 -21.18
CA ALA C 115 1.80 -40.64 -22.12
C ALA C 115 1.93 -42.10 -22.49
N VAL C 116 0.92 -42.88 -22.18
CA VAL C 116 0.94 -44.31 -22.46
C VAL C 116 -0.23 -44.78 -23.32
N ASP C 117 0.07 -45.50 -24.39
CA ASP C 117 -0.98 -46.01 -25.27
C ASP C 117 -1.39 -47.38 -24.80
N GLY C 118 -2.69 -47.68 -24.89
CA GLY C 118 -3.18 -48.97 -24.47
C GLY C 118 -4.67 -49.11 -24.67
N ILE C 119 -5.20 -50.28 -24.30
CA ILE C 119 -6.62 -50.58 -24.44
C ILE C 119 -7.33 -50.57 -23.09
N VAL C 120 -8.31 -49.70 -22.97
CA VAL C 120 -9.07 -49.58 -21.74
C VAL C 120 -9.78 -50.87 -21.40
N ARG C 121 -9.41 -51.44 -20.26
CA ARG C 121 -10.02 -52.68 -19.79
C ARG C 121 -11.24 -52.32 -18.95
N LYS C 122 -11.38 -52.96 -17.79
CA LYS C 122 -12.54 -52.71 -16.92
C LYS C 122 -12.63 -51.30 -16.38
N THR C 123 -13.86 -50.89 -16.07
CA THR C 123 -14.14 -49.58 -15.50
C THR C 123 -14.73 -49.78 -14.11
N ASP C 124 -14.42 -48.89 -13.18
CA ASP C 124 -14.93 -49.06 -11.84
C ASP C 124 -16.06 -48.14 -11.41
N GLU C 125 -16.65 -47.44 -12.36
CA GLU C 125 -17.77 -46.56 -12.06
C GLU C 125 -17.41 -45.40 -11.14
N ILE C 126 -17.94 -44.24 -11.48
CA ILE C 126 -17.73 -43.01 -10.73
C ILE C 126 -17.99 -43.19 -9.25
N ARG C 127 -17.26 -42.40 -8.44
CA ARG C 127 -17.35 -42.40 -6.99
C ARG C 127 -16.82 -41.04 -6.54
N PRO C 128 -17.43 -40.45 -5.50
CA PRO C 128 -17.01 -39.15 -4.96
C PRO C 128 -15.82 -39.25 -3.98
N ARG C 129 -15.01 -38.20 -3.94
CA ARG C 129 -13.84 -38.16 -3.07
C ARG C 129 -13.72 -36.75 -2.51
N ILE C 130 -13.15 -36.61 -1.33
CA ILE C 130 -13.02 -35.27 -0.74
C ILE C 130 -11.81 -34.56 -1.31
N VAL C 131 -12.00 -33.34 -1.80
CA VAL C 131 -10.88 -32.58 -2.34
C VAL C 131 -10.45 -31.57 -1.30
N LYS C 132 -11.41 -31.02 -0.58
CA LYS C 132 -11.10 -30.04 0.45
C LYS C 132 -11.75 -30.53 1.73
N ALA C 133 -10.94 -31.13 2.60
CA ALA C 133 -11.43 -31.64 3.87
C ALA C 133 -11.39 -30.56 4.92
N VAL C 134 -12.47 -30.46 5.68
CA VAL C 134 -12.51 -29.46 6.72
C VAL C 134 -12.39 -30.15 8.07
N PHE C 135 -11.46 -29.69 8.90
CA PHE C 135 -11.30 -30.33 10.19
C PHE C 135 -11.63 -29.40 11.33
N GLU C 136 -12.06 -30.01 12.44
CA GLU C 136 -12.36 -29.27 13.64
C GLU C 136 -11.22 -29.60 14.58
N CYS C 137 -10.52 -28.57 15.03
CA CYS C 137 -9.42 -28.78 15.96
C CYS C 137 -10.00 -29.15 17.32
N ARG C 138 -9.62 -30.32 17.84
CA ARG C 138 -10.14 -30.74 19.13
C ARG C 138 -9.61 -29.92 20.30
N GLY C 139 -8.65 -29.04 20.00
CA GLY C 139 -8.07 -28.20 21.02
C GLY C 139 -8.84 -26.92 21.29
N CYS C 140 -9.24 -26.23 20.23
CA CYS C 140 -9.96 -24.99 20.38
C CYS C 140 -11.23 -24.96 19.59
N MET C 141 -11.59 -26.09 19.01
CA MET C 141 -12.83 -26.15 18.23
C MET C 141 -12.86 -25.29 16.96
N ARG C 142 -11.73 -24.75 16.52
CA ARG C 142 -11.71 -23.94 15.31
C ARG C 142 -11.71 -24.83 14.07
N HIS C 143 -12.07 -24.26 12.93
CA HIS C 143 -12.13 -25.02 11.69
C HIS C 143 -10.93 -24.77 10.76
N HIS C 144 -10.38 -25.84 10.16
CA HIS C 144 -9.25 -25.72 9.23
C HIS C 144 -9.56 -26.53 7.99
N ALA C 145 -9.31 -25.97 6.81
CA ALA C 145 -9.55 -26.70 5.55
C ALA C 145 -8.20 -27.18 5.01
N VAL C 146 -8.17 -28.37 4.44
CA VAL C 146 -6.92 -28.91 3.92
C VAL C 146 -7.19 -29.63 2.62
N THR C 147 -6.50 -29.22 1.57
CA THR C 147 -6.68 -29.83 0.27
C THR C 147 -6.12 -31.24 0.25
N GLN C 148 -6.93 -32.17 -0.25
CA GLN C 148 -6.53 -33.55 -0.33
C GLN C 148 -6.21 -33.90 -1.75
N SER C 149 -5.26 -34.81 -1.96
CA SER C 149 -4.89 -35.19 -3.31
C SER C 149 -5.17 -36.66 -3.54
N THR C 150 -5.23 -37.44 -2.47
CA THR C 150 -5.50 -38.86 -2.58
C THR C 150 -6.87 -39.13 -1.98
N ASN C 151 -7.25 -40.41 -1.87
CA ASN C 151 -8.53 -40.72 -1.26
C ASN C 151 -8.30 -41.01 0.22
N MET C 152 -7.10 -40.72 0.67
CA MET C 152 -6.78 -40.91 2.08
C MET C 152 -6.67 -39.55 2.72
N ILE C 153 -7.55 -39.29 3.68
CA ILE C 153 -7.55 -38.01 4.36
C ILE C 153 -6.22 -37.75 5.06
N THR C 154 -5.76 -36.51 4.95
CA THR C 154 -4.53 -36.09 5.56
C THR C 154 -4.83 -34.94 6.52
N GLU C 155 -4.69 -35.22 7.82
CA GLU C 155 -4.96 -34.22 8.85
C GLU C 155 -3.90 -33.14 8.83
N PRO C 156 -4.22 -31.98 9.39
CA PRO C 156 -3.26 -30.86 9.45
C PRO C 156 -2.08 -31.25 10.32
N SER C 157 -0.95 -30.58 10.12
CA SER C 157 0.25 -30.86 10.91
C SER C 157 -0.06 -30.50 12.37
N LEU C 158 -0.39 -29.24 12.60
CA LEU C 158 -0.74 -28.79 13.92
C LEU C 158 -1.63 -27.57 13.77
N CYS C 159 -2.33 -27.23 14.83
CA CYS C 159 -3.20 -26.07 14.79
C CYS C 159 -2.38 -24.84 15.17
N SER C 160 -2.27 -23.90 14.24
CA SER C 160 -1.48 -22.68 14.45
C SER C 160 -2.05 -21.76 15.50
N GLU C 161 -3.35 -21.86 15.75
CA GLU C 161 -4.05 -21.01 16.71
C GLU C 161 -3.82 -21.38 18.15
N CYS C 162 -3.84 -22.67 18.46
CA CYS C 162 -3.66 -23.10 19.83
C CYS C 162 -2.60 -24.16 20.03
N GLY C 163 -1.99 -24.62 18.95
CA GLY C 163 -0.96 -25.64 19.06
C GLY C 163 -1.48 -27.06 19.08
N GLY C 164 -2.79 -27.22 18.97
CA GLY C 164 -3.37 -28.56 19.01
C GLY C 164 -2.83 -29.48 17.94
N ARG C 165 -2.85 -30.78 18.21
CA ARG C 165 -2.37 -31.71 17.21
C ARG C 165 -3.39 -32.79 16.90
N SER C 166 -4.59 -32.62 17.44
CA SER C 166 -5.61 -33.60 17.21
C SER C 166 -6.80 -32.95 16.50
N PHE C 167 -7.27 -33.58 15.43
CA PHE C 167 -8.40 -33.05 14.66
C PHE C 167 -9.50 -34.05 14.39
N ARG C 168 -10.69 -33.53 14.11
CA ARG C 168 -11.85 -34.33 13.80
C ARG C 168 -12.36 -33.85 12.45
N LEU C 169 -12.52 -34.77 11.51
CA LEU C 169 -12.99 -34.42 10.18
C LEU C 169 -14.47 -34.10 10.15
N LEU C 170 -14.83 -32.97 9.56
CA LEU C 170 -16.25 -32.62 9.46
C LEU C 170 -16.74 -32.87 8.04
N GLN C 171 -17.20 -34.09 7.75
CA GLN C 171 -17.66 -34.39 6.39
C GLN C 171 -18.67 -33.43 5.79
N ASP C 172 -19.68 -33.07 6.57
CA ASP C 172 -20.72 -32.17 6.07
C ASP C 172 -20.22 -30.80 5.67
N GLU C 173 -18.98 -30.50 5.98
CA GLU C 173 -18.48 -29.19 5.59
C GLU C 173 -17.41 -29.30 4.54
N SER C 174 -17.11 -30.52 4.15
CA SER C 174 -16.08 -30.74 3.16
C SER C 174 -16.61 -30.73 1.73
N GLU C 175 -15.74 -30.42 0.77
CA GLU C 175 -16.12 -30.37 -0.64
C GLU C 175 -15.68 -31.63 -1.37
N PHE C 176 -16.56 -32.14 -2.23
CA PHE C 176 -16.23 -33.36 -2.98
C PHE C 176 -15.96 -33.18 -4.48
N LEU C 177 -15.47 -34.26 -5.09
CA LEU C 177 -15.12 -34.32 -6.50
C LEU C 177 -15.32 -35.77 -6.96
N ASP C 178 -15.43 -35.99 -8.28
CA ASP C 178 -15.65 -37.36 -8.80
C ASP C 178 -14.37 -38.04 -9.22
N THR C 179 -14.25 -39.33 -8.90
CA THR C 179 -13.06 -40.09 -9.26
C THR C 179 -13.45 -41.39 -9.94
N GLN C 180 -12.59 -41.87 -10.84
CA GLN C 180 -12.86 -43.13 -11.54
C GLN C 180 -11.60 -43.98 -11.71
N THR C 181 -11.76 -45.28 -11.44
CA THR C 181 -10.68 -46.25 -11.53
C THR C 181 -10.86 -47.11 -12.76
N LEU C 182 -9.75 -47.58 -13.33
CA LEU C 182 -9.80 -48.43 -14.51
C LEU C 182 -8.40 -48.89 -14.87
N LYS C 183 -8.32 -50.02 -15.54
CA LYS C 183 -7.02 -50.57 -15.95
C LYS C 183 -6.66 -50.16 -17.39
N LEU C 184 -5.42 -50.43 -17.78
CA LEU C 184 -4.96 -50.08 -19.13
C LEU C 184 -4.10 -51.21 -19.74
N GLN C 185 -4.15 -51.32 -21.07
CA GLN C 185 -3.41 -52.33 -21.83
C GLN C 185 -2.11 -51.79 -22.44
N GLU C 186 -1.49 -52.78 -22.00
CA GLU C 186 -0.55 -52.42 -23.07
C GLU C 186 -0.97 -52.99 -24.41
N PRO C 187 -0.58 -52.31 -25.51
CA PRO C 187 -0.94 -52.77 -26.86
C PRO C 187 -0.34 -54.16 -27.05
N LEU C 188 -1.11 -55.04 -27.66
CA LEU C 188 -0.64 -56.40 -27.86
C LEU C 188 0.43 -56.56 -28.93
N GLU C 189 0.29 -55.80 -30.02
CA GLU C 189 1.23 -55.88 -31.13
C GLU C 189 2.68 -55.49 -30.86
N ASN C 190 3.24 -56.02 -29.78
CA ASN C 190 4.62 -55.77 -29.43
C ASN C 190 5.16 -56.71 -28.37
N LEU C 191 4.37 -57.72 -28.03
CA LEU C 191 4.77 -58.71 -27.05
C LEU C 191 5.44 -59.84 -27.81
N SER C 192 6.63 -60.29 -27.36
CA SER C 192 7.40 -61.31 -28.07
C SER C 192 6.90 -62.71 -27.73
N GLY C 193 5.76 -63.09 -28.32
CA GLY C 193 5.18 -64.41 -28.16
C GLY C 193 5.18 -65.05 -26.78
N GLY C 194 3.99 -65.29 -26.26
CA GLY C 194 3.86 -65.93 -24.97
C GLY C 194 3.68 -64.98 -23.80
N GLU C 195 3.92 -63.70 -24.05
CA GLU C 195 3.79 -62.69 -23.03
C GLU C 195 2.35 -62.31 -22.80
N GLN C 196 1.98 -62.21 -21.52
CA GLN C 196 0.62 -61.81 -21.15
C GLN C 196 0.72 -60.29 -20.97
N PRO C 197 -0.18 -59.53 -21.62
CA PRO C 197 -0.17 -58.08 -21.53
C PRO C 197 -0.21 -57.55 -20.11
N ARG C 198 0.70 -56.64 -19.80
CA ARG C 198 0.77 -56.03 -18.49
C ARG C 198 -0.21 -54.86 -18.46
N GLN C 199 -0.39 -54.51 -17.38
CA GLN C 199 -1.44 -53.51 -17.22
C GLN C 199 -1.27 -52.62 -15.98
N ILE C 200 -1.74 -51.38 -16.08
CA ILE C 200 -1.64 -50.42 -14.97
C ILE C 200 -2.97 -49.73 -14.70
N THR C 201 -3.09 -49.11 -13.52
CA THR C 201 -4.33 -48.42 -13.17
C THR C 201 -4.31 -46.94 -13.52
N VAL C 202 -5.44 -46.43 -14.00
CA VAL C 202 -5.56 -45.01 -14.37
C VAL C 202 -6.67 -44.35 -13.57
N VAL C 203 -6.36 -43.15 -13.06
CA VAL C 203 -7.33 -42.42 -12.27
C VAL C 203 -7.87 -41.23 -13.04
N LEU C 204 -9.18 -41.18 -13.17
CA LEU C 204 -9.82 -40.10 -13.88
C LEU C 204 -10.69 -39.33 -12.92
N GLU C 205 -10.41 -38.04 -12.75
CA GLU C 205 -11.19 -37.24 -11.84
C GLU C 205 -11.77 -36.03 -12.56
N ASP C 206 -12.83 -35.50 -11.99
CA ASP C 206 -13.50 -34.32 -12.55
C ASP C 206 -14.22 -34.68 -13.84
N ASP C 207 -14.22 -33.76 -14.81
CA ASP C 207 -14.90 -33.99 -16.08
C ASP C 207 -14.33 -35.14 -16.91
N LEU C 208 -13.17 -35.66 -16.54
CA LEU C 208 -12.58 -36.76 -17.28
C LEU C 208 -13.21 -38.09 -16.87
N VAL C 209 -14.27 -38.05 -16.07
CA VAL C 209 -14.93 -39.27 -15.65
C VAL C 209 -15.96 -39.67 -16.68
N ASP C 210 -16.19 -40.98 -16.78
CA ASP C 210 -17.15 -41.54 -17.73
C ASP C 210 -16.81 -41.10 -19.17
N THR C 211 -15.52 -40.94 -19.44
CA THR C 211 -15.06 -40.51 -20.76
C THR C 211 -14.67 -41.75 -21.55
N LEU C 212 -14.02 -42.70 -20.87
CA LEU C 212 -13.60 -43.92 -21.51
C LEU C 212 -14.51 -45.07 -21.14
N THR C 213 -14.54 -46.07 -22.03
CA THR C 213 -15.36 -47.26 -21.86
C THR C 213 -14.55 -48.51 -22.22
N PRO C 214 -14.90 -49.66 -21.63
CA PRO C 214 -14.19 -50.91 -21.90
C PRO C 214 -14.02 -51.16 -23.41
N GLY C 215 -12.80 -51.50 -23.82
CA GLY C 215 -12.55 -51.75 -25.23
C GLY C 215 -11.96 -50.58 -25.99
N ASP C 216 -12.00 -49.38 -25.40
CA ASP C 216 -11.44 -48.19 -26.05
C ASP C 216 -9.92 -48.31 -26.17
N ILE C 217 -9.36 -47.63 -27.17
CA ILE C 217 -7.93 -47.63 -27.40
C ILE C 217 -7.46 -46.19 -27.41
N VAL C 218 -6.68 -45.80 -26.40
CA VAL C 218 -6.21 -44.42 -26.32
C VAL C 218 -4.79 -44.19 -25.86
N ARG C 219 -4.42 -42.91 -25.91
CA ARG C 219 -3.11 -42.40 -25.50
C ARG C 219 -3.34 -41.55 -24.26
N VAL C 220 -3.20 -42.20 -23.09
CA VAL C 220 -3.40 -41.57 -21.81
C VAL C 220 -2.20 -40.72 -21.40
N THR C 221 -2.48 -39.45 -21.12
CA THR C 221 -1.43 -38.57 -20.67
C THR C 221 -1.70 -38.32 -19.20
N GLY C 222 -0.69 -37.83 -18.48
CA GLY C 222 -0.90 -37.58 -17.06
C GLY C 222 0.33 -37.75 -16.20
N THR C 223 0.14 -37.63 -14.88
CA THR C 223 1.27 -37.77 -13.97
C THR C 223 1.33 -39.17 -13.37
N LEU C 224 2.53 -39.71 -13.31
CA LEU C 224 2.74 -41.05 -12.75
C LEU C 224 2.94 -40.91 -11.24
N ARG C 225 1.98 -41.39 -10.47
CA ARG C 225 2.02 -41.35 -9.02
C ARG C 225 2.15 -42.77 -8.49
N THR C 226 2.39 -42.89 -7.20
CA THR C 226 2.55 -44.19 -6.60
C THR C 226 1.87 -44.22 -5.25
N VAL C 227 1.29 -45.36 -4.88
CA VAL C 227 0.62 -45.50 -3.60
C VAL C 227 0.83 -46.89 -3.00
N ARG C 228 1.19 -46.95 -1.71
CA ARG C 228 1.43 -48.20 -1.01
C ARG C 228 0.19 -49.09 -1.07
N ASP C 229 0.40 -50.38 -1.31
CA ASP C 229 -0.70 -51.32 -1.33
C ASP C 229 -1.25 -51.54 0.07
N GLU C 230 -2.54 -51.71 0.21
CA GLU C 230 -3.15 -51.90 1.51
C GLU C 230 -2.70 -53.20 2.16
N ARG C 231 -2.13 -53.10 3.38
CA ARG C 231 -1.62 -54.23 4.15
C ARG C 231 -0.39 -54.81 3.48
N THR C 232 -0.43 -55.02 2.16
CA THR C 232 0.69 -55.58 1.40
C THR C 232 1.96 -54.80 1.67
N LYS C 233 1.82 -53.55 2.09
CA LYS C 233 2.95 -52.68 2.41
C LYS C 233 3.71 -52.32 1.13
N ARG C 234 3.80 -53.27 0.19
CA ARG C 234 4.48 -53.07 -1.08
C ARG C 234 3.88 -51.93 -1.88
N PHE C 235 4.69 -51.22 -2.64
CA PHE C 235 4.19 -50.10 -3.43
C PHE C 235 3.71 -50.49 -4.81
N LYS C 236 2.92 -49.62 -5.41
CA LYS C 236 2.38 -49.87 -6.74
C LYS C 236 2.29 -48.54 -7.45
N ASN C 237 2.28 -48.58 -8.77
CA ASN C 237 2.20 -47.35 -9.55
C ASN C 237 0.94 -47.23 -10.36
N PHE C 238 0.62 -45.99 -10.73
CA PHE C 238 -0.57 -45.72 -11.55
C PHE C 238 -0.48 -44.32 -12.15
N ILE C 239 -1.38 -44.04 -13.09
CA ILE C 239 -1.38 -42.74 -13.73
C ILE C 239 -2.54 -41.86 -13.35
N TYR C 240 -2.21 -40.60 -13.03
CA TYR C 240 -3.22 -39.63 -12.68
C TYR C 240 -3.60 -38.92 -13.97
N GLY C 241 -4.80 -39.23 -14.46
CA GLY C 241 -5.30 -38.66 -15.70
C GLY C 241 -5.30 -37.16 -15.82
N ASN C 242 -4.88 -36.70 -17.00
CA ASN C 242 -4.81 -35.28 -17.36
C ASN C 242 -5.25 -35.04 -18.78
N TYR C 243 -5.22 -36.10 -19.60
CA TYR C 243 -5.59 -36.02 -21.01
C TYR C 243 -5.70 -37.41 -21.67
N THR C 244 -6.90 -37.05 -22.17
CA THR C 244 -7.42 -38.36 -22.68
C THR C 244 -7.38 -38.20 -24.20
N GLU C 245 -7.07 -39.23 -24.92
CA GLU C 245 -7.08 -39.19 -26.37
C GLU C 245 -7.39 -40.56 -26.96
N PHE C 246 -7.83 -40.45 -28.14
CA PHE C 246 -8.19 -41.59 -28.96
C PHE C 246 -6.95 -42.18 -29.64
N LEU C 247 -6.24 -42.85 -29.87
CA LEU C 247 -5.55 -44.02 -30.40
C LEU C 247 -6.13 -44.43 -31.75
N VAL D 9 41.41 -52.15 10.66
CA VAL D 9 40.75 -51.19 9.72
C VAL D 9 39.27 -50.98 10.06
N ASP D 10 38.95 -49.86 10.71
CA ASP D 10 37.57 -49.54 11.07
C ASP D 10 36.86 -48.82 9.93
N LYS D 11 36.05 -47.81 10.28
CA LYS D 11 35.30 -47.03 9.31
C LYS D 11 36.20 -46.28 8.32
N SER D 12 36.70 -45.12 8.76
CA SER D 12 37.56 -44.26 7.94
C SER D 12 38.82 -44.89 7.33
N LYS D 13 39.29 -46.00 7.89
CA LYS D 13 40.48 -46.61 7.33
C LYS D 13 40.19 -47.39 6.05
N THR D 14 39.02 -48.05 6.01
CA THR D 14 38.63 -48.80 4.82
C THR D 14 38.42 -47.80 3.69
N LEU D 15 37.62 -46.79 3.99
CA LEU D 15 37.29 -45.74 3.03
C LEU D 15 38.51 -45.11 2.38
N THR D 16 39.42 -44.60 3.20
CA THR D 16 40.65 -43.98 2.69
C THR D 16 41.45 -44.96 1.82
N LYS D 17 41.30 -46.26 2.08
CA LYS D 17 41.99 -47.27 1.30
C LYS D 17 41.36 -47.42 -0.07
N PHE D 18 40.05 -47.30 -0.15
CA PHE D 18 39.40 -47.45 -1.43
C PHE D 18 39.71 -46.32 -2.38
N GLU D 19 39.79 -45.10 -1.84
CA GLU D 19 40.09 -43.94 -2.67
C GLU D 19 41.29 -44.20 -3.57
N GLU D 20 42.30 -44.86 -3.03
CA GLU D 20 43.50 -45.17 -3.80
C GLU D 20 43.27 -46.29 -4.80
N PHE D 21 42.41 -47.23 -4.45
CA PHE D 21 42.13 -48.31 -5.38
C PHE D 21 41.40 -47.74 -6.58
N PHE D 22 40.61 -46.70 -6.33
CA PHE D 22 39.81 -46.06 -7.37
C PHE D 22 40.54 -44.91 -8.06
N SER D 23 41.85 -45.13 -8.23
CA SER D 23 42.74 -44.16 -8.84
C SER D 23 43.94 -44.91 -9.41
N LEU D 24 43.89 -46.23 -9.30
CA LEU D 24 44.96 -47.10 -9.78
C LEU D 24 44.96 -47.00 -11.30
N GLN D 25 44.39 -45.95 -11.83
CA GLN D 25 44.35 -45.77 -13.27
C GLN D 25 43.49 -46.83 -13.97
N ASP D 26 43.70 -48.11 -13.64
CA ASP D 26 42.93 -49.18 -14.26
C ASP D 26 41.45 -48.98 -13.95
N TYR D 27 41.19 -48.34 -12.81
CA TYR D 27 39.83 -48.07 -12.41
C TYR D 27 39.57 -46.57 -12.40
N LYS D 28 40.62 -45.76 -12.46
CA LYS D 28 40.42 -44.31 -12.49
C LYS D 28 39.81 -43.96 -13.84
N ASP D 29 40.44 -44.47 -14.89
CA ASP D 29 39.97 -44.22 -16.24
C ASP D 29 38.68 -45.01 -16.49
N ARG D 30 38.21 -45.70 -15.46
CA ARG D 30 36.98 -46.47 -15.55
C ARG D 30 35.93 -45.79 -14.68
N VAL D 31 36.39 -44.96 -13.77
CA VAL D 31 35.50 -44.21 -12.90
C VAL D 31 34.97 -43.03 -13.69
N PHE D 32 35.89 -42.20 -14.19
CA PHE D 32 35.52 -41.01 -14.95
C PHE D 32 34.60 -41.35 -16.13
N GLU D 33 34.80 -42.53 -16.71
CA GLU D 33 33.98 -42.98 -17.84
C GLU D 33 32.55 -43.24 -17.37
N ALA D 34 32.42 -43.73 -16.14
CA ALA D 34 31.11 -44.02 -15.59
C ALA D 34 30.43 -42.80 -14.99
N ILE D 35 31.19 -41.92 -14.32
CA ILE D 35 30.66 -40.72 -13.68
C ILE D 35 29.77 -39.90 -14.62
N GLU D 36 30.30 -39.59 -15.79
CA GLU D 36 29.57 -38.81 -16.80
C GLU D 36 28.22 -39.40 -17.22
N LYS D 37 28.13 -40.72 -17.35
CA LYS D 37 26.89 -41.35 -17.78
C LYS D 37 25.66 -41.26 -16.87
N TYR D 38 25.79 -40.61 -15.70
CA TYR D 38 24.65 -40.52 -14.81
C TYR D 38 23.50 -39.75 -15.47
N PRO D 39 22.27 -40.24 -15.28
CA PRO D 39 21.97 -41.45 -14.50
C PRO D 39 21.75 -42.67 -15.40
N ASN D 40 22.24 -42.62 -16.63
CA ASN D 40 22.05 -43.70 -17.60
C ASN D 40 22.75 -45.01 -17.25
N VAL D 41 23.79 -44.93 -16.42
CA VAL D 41 24.53 -46.12 -16.01
C VAL D 41 24.87 -46.01 -14.53
N ARG D 42 24.07 -46.67 -13.69
CA ARG D 42 24.26 -46.64 -12.24
C ARG D 42 25.31 -47.64 -11.72
N SER D 43 26.17 -48.17 -12.58
CA SER D 43 27.14 -49.15 -12.08
C SER D 43 28.60 -49.04 -12.50
N ILE D 44 29.45 -49.63 -11.65
CA ILE D 44 30.90 -49.71 -11.83
C ILE D 44 31.23 -51.14 -11.43
N GLU D 45 31.81 -51.92 -12.35
CA GLU D 45 32.14 -53.29 -12.03
C GLU D 45 33.59 -53.44 -11.58
N VAL D 46 33.85 -54.41 -10.71
CA VAL D 46 35.21 -54.64 -10.19
C VAL D 46 35.54 -56.13 -10.17
N ASP D 47 36.72 -56.49 -10.67
CA ASP D 47 37.17 -57.89 -10.70
C ASP D 47 37.82 -58.21 -9.36
N TYR D 48 37.20 -59.09 -8.58
CA TYR D 48 37.73 -59.44 -7.26
C TYR D 48 39.19 -59.88 -7.41
N LEU D 49 39.49 -60.62 -8.47
CA LEU D 49 40.84 -61.08 -8.73
C LEU D 49 41.78 -59.88 -8.72
N ASP D 50 41.28 -58.74 -9.15
CA ASP D 50 42.07 -57.51 -9.20
C ASP D 50 42.14 -56.85 -7.83
N LEU D 51 41.00 -56.78 -7.15
CA LEU D 51 40.95 -56.18 -5.81
C LEU D 51 41.86 -56.98 -4.90
N GLU D 52 41.69 -58.29 -4.94
CA GLU D 52 42.47 -59.21 -4.14
C GLU D 52 43.96 -58.81 -4.17
N MET D 53 44.42 -58.40 -5.33
CA MET D 53 45.80 -58.00 -5.52
C MET D 53 46.12 -56.66 -4.89
N PHE D 54 45.14 -55.76 -4.83
CA PHE D 54 45.39 -54.46 -4.25
C PHE D 54 45.64 -54.51 -2.74
N ASP D 55 44.80 -55.24 -2.02
CA ASP D 55 44.95 -55.37 -0.57
C ASP D 55 44.45 -56.75 -0.13
N PRO D 56 45.37 -57.64 0.29
CA PRO D 56 44.99 -58.98 0.72
C PRO D 56 43.89 -58.98 1.76
N ASP D 57 44.03 -58.12 2.76
CA ASP D 57 43.05 -57.99 3.83
C ASP D 57 41.70 -57.48 3.30
N LEU D 58 41.71 -56.27 2.75
CA LEU D 58 40.49 -55.66 2.21
C LEU D 58 39.85 -56.54 1.13
N ALA D 59 40.47 -57.67 0.82
CA ALA D 59 39.92 -58.56 -0.20
C ALA D 59 38.75 -59.34 0.35
N ASP D 60 39.04 -60.22 1.30
CA ASP D 60 38.04 -61.07 1.95
C ASP D 60 37.20 -60.28 2.95
N LEU D 61 37.74 -59.13 3.35
CA LEU D 61 37.07 -58.25 4.29
C LEU D 61 35.78 -57.77 3.64
N LEU D 62 35.71 -57.91 2.32
CA LEU D 62 34.54 -57.52 1.56
C LEU D 62 33.54 -58.66 1.62
N ILE D 63 33.95 -59.75 2.24
CA ILE D 63 33.07 -60.91 2.36
C ILE D 63 32.51 -61.01 3.77
N GLU D 64 33.28 -60.49 4.72
CA GLU D 64 32.88 -60.53 6.11
C GLU D 64 31.99 -59.36 6.49
N LYS D 65 32.10 -58.26 5.76
CA LYS D 65 31.28 -57.09 6.05
C LYS D 65 30.94 -56.35 4.76
N PRO D 66 30.28 -57.04 3.82
CA PRO D 66 29.93 -56.40 2.55
C PRO D 66 29.11 -55.13 2.68
N ASP D 67 28.00 -55.22 3.40
CA ASP D 67 27.11 -54.08 3.57
C ASP D 67 27.80 -52.80 4.02
N ASP D 68 29.02 -52.91 4.52
CA ASP D 68 29.72 -51.71 4.97
C ASP D 68 30.91 -51.33 4.10
N VAL D 69 31.60 -52.33 3.55
CA VAL D 69 32.74 -52.04 2.70
C VAL D 69 32.22 -51.41 1.43
N ILE D 70 31.20 -52.02 0.84
CA ILE D 70 30.63 -51.48 -0.37
C ILE D 70 30.25 -50.03 -0.12
N ARG D 71 29.43 -49.79 0.90
CA ARG D 71 28.98 -48.44 1.23
C ARG D 71 30.17 -47.51 1.48
N ALA D 72 31.31 -48.10 1.82
CA ALA D 72 32.53 -47.34 2.09
C ALA D 72 33.22 -47.04 0.76
N ALA D 73 33.09 -47.97 -0.19
CA ALA D 73 33.68 -47.82 -1.51
C ALA D 73 32.95 -46.71 -2.27
N GLN D 74 31.62 -46.73 -2.24
CA GLN D 74 30.83 -45.74 -2.95
C GLN D 74 31.14 -44.34 -2.42
N GLN D 75 31.42 -44.25 -1.14
CA GLN D 75 31.73 -42.95 -0.52
C GLN D 75 33.17 -42.58 -0.82
N ALA D 76 33.89 -43.48 -1.47
CA ALA D 76 35.29 -43.23 -1.83
C ALA D 76 35.30 -42.52 -3.17
N ILE D 77 34.50 -43.03 -4.11
CA ILE D 77 34.40 -42.43 -5.43
C ILE D 77 33.70 -41.08 -5.29
N ARG D 78 32.86 -40.98 -4.28
CA ARG D 78 32.11 -39.75 -3.99
C ARG D 78 33.05 -38.54 -3.92
N ASN D 79 34.09 -38.67 -3.11
CA ASN D 79 35.09 -37.60 -2.91
C ASN D 79 35.96 -37.30 -4.14
N ILE D 80 36.63 -38.34 -4.65
CA ILE D 80 37.52 -38.22 -5.81
C ILE D 80 36.77 -37.73 -7.06
N ASP D 81 35.45 -37.79 -7.03
CA ASP D 81 34.63 -37.36 -8.17
C ASP D 81 35.10 -35.99 -8.63
N ARG D 82 35.45 -35.91 -9.91
CA ARG D 82 35.96 -34.69 -10.53
C ARG D 82 34.91 -33.59 -10.74
N LEU D 83 33.84 -33.90 -11.48
CA LEU D 83 32.78 -32.92 -11.75
C LEU D 83 31.97 -32.58 -10.49
N ARG D 84 32.30 -33.27 -9.40
CA ARG D 84 31.71 -33.05 -8.08
C ARG D 84 30.17 -32.98 -7.92
N LYS D 85 29.54 -34.15 -7.82
CA LYS D 85 28.11 -34.26 -7.61
C LYS D 85 27.75 -35.56 -6.89
N ASN D 86 26.58 -35.56 -6.25
CA ASN D 86 26.10 -36.72 -5.48
C ASN D 86 25.68 -37.91 -6.32
N VAL D 87 26.54 -38.30 -7.27
CA VAL D 87 26.24 -39.46 -8.10
C VAL D 87 26.40 -40.67 -7.20
N ASP D 88 25.50 -41.64 -7.34
CA ASP D 88 25.57 -42.86 -6.54
C ASP D 88 25.54 -44.08 -7.42
N LEU D 89 26.70 -44.70 -7.58
CA LEU D 89 26.83 -45.89 -8.42
C LEU D 89 26.82 -47.16 -7.60
N ASN D 90 26.10 -48.15 -8.07
CA ASN D 90 26.05 -49.42 -7.37
C ASN D 90 27.36 -50.11 -7.71
N ILE D 91 28.25 -50.25 -6.75
CA ILE D 91 29.49 -50.92 -7.05
C ILE D 91 29.30 -52.43 -7.05
N ARG D 92 29.14 -53.03 -8.22
CA ARG D 92 28.96 -54.47 -8.27
C ARG D 92 30.31 -55.16 -8.16
N PHE D 93 30.31 -56.50 -7.99
CA PHE D 93 31.55 -57.26 -7.90
C PHE D 93 31.48 -58.56 -8.72
N SER D 94 32.46 -58.72 -9.59
CA SER D 94 32.54 -59.88 -10.47
C SER D 94 33.48 -60.96 -9.97
N GLY D 95 32.98 -62.19 -10.00
CA GLY D 95 33.74 -63.35 -9.57
C GLY D 95 34.44 -63.20 -8.24
N ILE D 96 33.88 -63.85 -7.22
CA ILE D 96 34.43 -63.82 -5.89
C ILE D 96 34.69 -65.26 -5.47
N SER D 97 35.78 -65.46 -4.72
CA SER D 97 36.21 -66.79 -4.27
C SER D 97 35.16 -67.74 -3.67
N ASN D 98 34.96 -67.67 -2.35
CA ASN D 98 34.01 -68.54 -1.66
C ASN D 98 32.61 -68.61 -2.26
N VAL D 99 32.35 -69.69 -2.98
CA VAL D 99 31.05 -69.89 -3.59
C VAL D 99 30.33 -70.85 -2.67
N ILE D 100 29.06 -70.59 -2.39
CA ILE D 100 28.31 -71.47 -1.52
C ILE D 100 27.14 -72.15 -2.20
N PRO D 101 26.77 -73.34 -1.72
CA PRO D 101 25.65 -74.08 -2.31
C PRO D 101 24.34 -73.59 -1.71
N LEU D 102 23.32 -73.48 -2.54
CA LEU D 102 22.03 -73.01 -2.08
C LEU D 102 21.51 -73.80 -0.88
N ARG D 103 22.10 -74.97 -0.64
CA ARG D 103 21.64 -75.81 0.47
C ARG D 103 22.22 -75.39 1.83
N GLU D 104 23.48 -74.98 1.85
CA GLU D 104 24.14 -74.59 3.10
C GLU D 104 24.03 -73.10 3.49
N LEU D 105 22.94 -72.45 3.10
CA LEU D 105 22.73 -71.04 3.45
C LEU D 105 21.98 -70.90 4.75
N ARG D 106 22.70 -71.15 5.84
CA ARG D 106 22.16 -71.06 7.18
C ARG D 106 22.63 -69.75 7.79
N SER D 107 22.35 -69.57 9.07
CA SER D 107 22.74 -68.37 9.76
C SER D 107 24.24 -68.23 9.91
N LYS D 108 24.98 -69.10 9.25
CA LYS D 108 26.44 -69.05 9.34
C LYS D 108 27.00 -68.01 8.35
N PHE D 109 26.20 -67.65 7.35
CA PHE D 109 26.65 -66.70 6.35
C PHE D 109 25.86 -65.41 6.38
N ILE D 110 24.83 -65.36 7.21
CA ILE D 110 24.00 -64.18 7.30
C ILE D 110 24.87 -62.94 7.45
N GLY D 111 24.70 -62.02 6.52
CA GLY D 111 25.44 -60.76 6.54
C GLY D 111 26.79 -60.85 5.86
N LYS D 112 27.05 -62.00 5.24
CA LYS D 112 28.31 -62.24 4.54
C LYS D 112 28.07 -62.17 3.04
N PHE D 113 29.15 -61.97 2.28
CA PHE D 113 29.09 -61.90 0.83
C PHE D 113 29.06 -63.34 0.29
N VAL D 114 28.02 -63.67 -0.47
CA VAL D 114 27.89 -65.02 -0.98
C VAL D 114 27.52 -65.07 -2.45
N ALA D 115 27.91 -66.16 -3.11
CA ALA D 115 27.64 -66.39 -4.53
C ALA D 115 27.00 -67.75 -4.63
N VAL D 116 25.83 -67.83 -5.28
CA VAL D 116 25.12 -69.10 -5.41
C VAL D 116 24.61 -69.37 -6.82
N ASP D 117 24.69 -70.64 -7.24
CA ASP D 117 24.22 -71.03 -8.57
C ASP D 117 22.85 -71.69 -8.45
N GLY D 118 21.99 -71.48 -9.44
CA GLY D 118 20.66 -72.08 -9.37
C GLY D 118 19.80 -71.80 -10.58
N ILE D 119 18.60 -72.38 -10.57
CA ILE D 119 17.64 -72.22 -11.66
C ILE D 119 16.55 -71.21 -11.31
N VAL D 120 16.69 -69.99 -11.80
CA VAL D 120 15.71 -68.94 -11.53
C VAL D 120 14.32 -69.36 -12.00
N ARG D 121 13.35 -69.29 -11.11
CA ARG D 121 11.98 -69.66 -11.43
C ARG D 121 11.06 -68.46 -11.63
N LYS D 122 10.44 -67.95 -10.56
CA LYS D 122 9.53 -66.81 -10.67
C LYS D 122 10.15 -65.41 -10.84
N THR D 123 9.42 -64.55 -11.55
CA THR D 123 9.84 -63.18 -11.82
C THR D 123 8.71 -62.26 -11.35
N ASP D 124 8.68 -61.97 -10.06
CA ASP D 124 7.65 -61.11 -9.50
C ASP D 124 7.60 -59.77 -10.23
N GLU D 125 6.50 -59.03 -10.06
CA GLU D 125 6.33 -57.72 -10.70
C GLU D 125 7.43 -56.77 -10.21
N ILE D 126 7.64 -55.67 -10.92
CA ILE D 126 8.67 -54.72 -10.52
C ILE D 126 8.07 -53.47 -9.89
N ARG D 127 7.89 -53.53 -8.58
CA ARG D 127 7.33 -52.44 -7.80
C ARG D 127 8.46 -51.57 -7.25
N PRO D 128 8.17 -50.29 -6.98
CA PRO D 128 9.18 -49.36 -6.44
C PRO D 128 9.18 -49.43 -4.90
N ARG D 129 10.23 -48.90 -4.29
CA ARG D 129 10.33 -48.90 -2.84
C ARG D 129 11.03 -47.62 -2.42
N ILE D 130 10.81 -47.18 -1.18
CA ILE D 130 11.44 -45.96 -0.73
C ILE D 130 12.88 -46.21 -0.31
N VAL D 131 13.82 -45.44 -0.83
CA VAL D 131 15.22 -45.62 -0.44
C VAL D 131 15.59 -44.56 0.54
N LYS D 132 15.05 -43.35 0.34
CA LYS D 132 15.33 -42.25 1.25
C LYS D 132 13.99 -41.71 1.72
N ALA D 133 13.60 -42.09 2.93
CA ALA D 133 12.32 -41.65 3.48
C ALA D 133 12.52 -40.34 4.22
N VAL D 134 11.61 -39.42 4.00
CA VAL D 134 11.71 -38.14 4.66
C VAL D 134 10.62 -38.05 5.72
N PHE D 135 11.00 -37.72 6.94
CA PHE D 135 10.01 -37.64 7.99
C PHE D 135 9.85 -36.24 8.53
N GLU D 136 8.64 -35.96 9.02
CA GLU D 136 8.33 -34.68 9.63
C GLU D 136 8.27 -34.98 11.11
N CYS D 137 9.07 -34.28 11.88
CA CYS D 137 9.09 -34.47 13.31
C CYS D 137 7.83 -33.83 13.89
N ARG D 138 7.01 -34.62 14.57
CA ARG D 138 5.78 -34.10 15.13
C ARG D 138 6.01 -33.14 16.30
N GLY D 139 7.26 -33.04 16.74
CA GLY D 139 7.59 -32.17 17.84
C GLY D 139 7.88 -30.74 17.41
N CYS D 140 8.65 -30.55 16.34
CA CYS D 140 9.00 -29.23 15.90
C CYS D 140 8.73 -29.04 14.44
N MET D 141 8.09 -30.01 13.81
CA MET D 141 7.75 -29.89 12.40
C MET D 141 8.96 -29.84 11.44
N ARG D 142 10.16 -30.15 11.93
CA ARG D 142 11.32 -30.15 11.05
C ARG D 142 11.37 -31.40 10.20
N HIS D 143 12.13 -31.37 9.12
CA HIS D 143 12.24 -32.53 8.23
C HIS D 143 13.55 -33.31 8.42
N HIS D 144 13.46 -34.64 8.42
CA HIS D 144 14.65 -35.51 8.56
C HIS D 144 14.58 -36.59 7.50
N ALA D 145 15.70 -36.85 6.82
CA ALA D 145 15.74 -37.91 5.81
C ALA D 145 16.45 -39.13 6.39
N VAL D 146 15.97 -40.31 6.05
CA VAL D 146 16.58 -41.53 6.58
C VAL D 146 16.63 -42.59 5.50
N THR D 147 17.84 -43.08 5.23
CA THR D 147 18.00 -44.10 4.22
C THR D 147 17.40 -45.43 4.66
N GLN D 148 16.60 -46.01 3.79
CA GLN D 148 15.95 -47.29 4.09
C GLN D 148 16.65 -48.39 3.32
N SER D 149 16.69 -49.58 3.88
CA SER D 149 17.34 -50.68 3.21
C SER D 149 16.34 -51.78 2.90
N THR D 150 15.24 -51.82 3.64
CA THR D 150 14.22 -52.83 3.45
C THR D 150 12.96 -52.13 2.91
N ASN D 151 11.87 -52.88 2.78
CA ASN D 151 10.64 -52.26 2.31
C ASN D 151 9.82 -51.86 3.54
N MET D 152 10.44 -51.95 4.70
CA MET D 152 9.77 -51.56 5.93
C MET D 152 10.40 -50.25 6.40
N ILE D 153 9.58 -49.22 6.45
CA ILE D 153 10.06 -47.93 6.87
C ILE D 153 10.61 -47.96 8.29
N THR D 154 11.73 -47.28 8.48
CA THR D 154 12.38 -47.21 9.77
C THR D 154 12.47 -45.75 10.18
N GLU D 155 11.70 -45.38 11.21
CA GLU D 155 11.67 -44.01 11.70
C GLU D 155 12.98 -43.66 12.41
N PRO D 156 13.28 -42.37 12.51
CA PRO D 156 14.50 -41.92 13.16
C PRO D 156 14.46 -42.31 14.64
N SER D 157 15.63 -42.40 15.27
CA SER D 157 15.69 -42.76 16.69
C SER D 157 15.02 -41.64 17.48
N LEU D 158 15.55 -40.43 17.36
CA LEU D 158 14.96 -39.29 18.03
C LEU D 158 15.35 -38.06 17.24
N CYS D 159 14.63 -36.97 17.46
CA CYS D 159 14.92 -35.73 16.78
C CYS D 159 15.99 -34.98 17.57
N SER D 160 17.13 -34.77 16.95
CA SER D 160 18.26 -34.09 17.60
C SER D 160 18.01 -32.62 17.91
N GLU D 161 17.10 -32.02 17.16
CA GLU D 161 16.78 -30.61 17.30
C GLU D 161 15.92 -30.28 18.50
N CYS D 162 14.91 -31.11 18.77
CA CYS D 162 14.03 -30.84 19.88
C CYS D 162 13.81 -32.01 20.82
N GLY D 163 14.42 -33.16 20.50
CA GLY D 163 14.27 -34.32 21.35
C GLY D 163 13.01 -35.14 21.08
N GLY D 164 12.26 -34.76 20.07
CA GLY D 164 11.04 -35.49 19.76
C GLY D 164 11.29 -36.95 19.42
N ARG D 165 10.29 -37.78 19.63
CA ARG D 165 10.47 -39.18 19.31
C ARG D 165 9.37 -39.68 18.40
N SER D 166 8.51 -38.77 17.96
CA SER D 166 7.42 -39.16 17.12
C SER D 166 7.53 -38.51 15.74
N PHE D 167 7.42 -39.32 14.68
CA PHE D 167 7.53 -38.80 13.33
C PHE D 167 6.41 -39.20 12.40
N ARG D 168 6.24 -38.41 11.35
CA ARG D 168 5.23 -38.66 10.32
C ARG D 168 5.96 -38.73 8.99
N LEU D 169 5.74 -39.81 8.25
CA LEU D 169 6.41 -39.99 6.97
C LEU D 169 5.81 -39.11 5.90
N LEU D 170 6.64 -38.40 5.16
CA LEU D 170 6.13 -37.56 4.09
C LEU D 170 6.42 -38.21 2.75
N GLN D 171 5.53 -39.08 2.28
CA GLN D 171 5.77 -39.78 1.01
C GLN D 171 6.15 -38.88 -0.18
N ASP D 172 5.41 -37.80 -0.38
CA ASP D 172 5.68 -36.90 -1.49
C ASP D 172 7.06 -36.29 -1.49
N GLU D 173 7.81 -36.42 -0.41
CA GLU D 173 9.12 -35.85 -0.40
C GLU D 173 10.19 -36.91 -0.36
N SER D 174 9.76 -38.17 -0.39
CA SER D 174 10.69 -39.26 -0.34
C SER D 174 11.14 -39.73 -1.73
N GLU D 175 12.33 -40.35 -1.79
CA GLU D 175 12.88 -40.83 -3.06
C GLU D 175 12.69 -42.34 -3.22
N PHE D 176 12.30 -42.78 -4.41
CA PHE D 176 12.10 -44.23 -4.66
C PHE D 176 13.14 -44.91 -5.58
N LEU D 177 13.18 -46.25 -5.52
CA LEU D 177 14.06 -47.09 -6.33
C LEU D 177 13.32 -48.36 -6.68
N ASP D 178 13.64 -48.95 -7.83
CA ASP D 178 12.96 -50.18 -8.24
C ASP D 178 13.46 -51.43 -7.54
N THR D 179 12.52 -52.27 -7.08
CA THR D 179 12.86 -53.52 -6.39
C THR D 179 12.20 -54.68 -7.09
N GLN D 180 12.90 -55.82 -7.13
CA GLN D 180 12.38 -57.02 -7.78
C GLN D 180 12.74 -58.28 -6.98
N THR D 181 11.76 -59.15 -6.83
CA THR D 181 11.90 -60.40 -6.09
C THR D 181 11.86 -61.61 -7.03
N LEU D 182 12.75 -62.57 -6.81
CA LEU D 182 12.82 -63.77 -7.62
C LEU D 182 12.82 -65.00 -6.75
N LYS D 183 13.23 -66.12 -7.36
CA LYS D 183 13.33 -67.42 -6.68
C LYS D 183 14.47 -68.23 -7.28
N LEU D 184 15.18 -68.97 -6.44
CA LEU D 184 16.29 -69.76 -6.92
C LEU D 184 16.16 -71.20 -6.41
N GLN D 185 16.32 -72.16 -7.32
CA GLN D 185 16.24 -73.58 -6.99
C GLN D 185 17.65 -74.16 -7.02
N GLU D 186 17.89 -75.18 -6.20
CA GLU D 186 19.20 -75.82 -6.15
C GLU D 186 19.60 -76.30 -7.54
N PRO D 187 20.91 -76.33 -7.83
CA PRO D 187 21.38 -76.79 -9.15
C PRO D 187 21.20 -78.32 -9.21
N LEU D 188 19.97 -79.05 -10.19
CA LEU D 188 19.45 -80.39 -9.98
C LEU D 188 20.52 -81.48 -9.94
N GLU D 189 21.56 -81.36 -10.75
CA GLU D 189 22.59 -82.37 -10.92
C GLU D 189 23.43 -82.51 -9.64
N ASN D 190 22.82 -82.68 -8.49
CA ASN D 190 23.53 -82.93 -7.24
C ASN D 190 22.63 -83.37 -6.10
N LEU D 191 21.38 -83.60 -6.44
CA LEU D 191 20.42 -84.13 -5.47
C LEU D 191 20.44 -85.66 -5.44
N SER D 192 20.57 -86.28 -4.30
CA SER D 192 20.71 -87.73 -4.21
C SER D 192 19.35 -88.41 -4.32
N GLY D 193 18.82 -88.50 -5.54
CA GLY D 193 17.58 -89.19 -5.84
C GLY D 193 16.42 -89.02 -4.88
N GLY D 194 15.34 -88.44 -5.40
CA GLY D 194 14.14 -88.26 -4.59
C GLY D 194 14.02 -86.91 -3.93
N GLU D 195 15.10 -86.15 -3.95
CA GLU D 195 15.12 -84.82 -3.34
C GLU D 195 14.46 -83.80 -4.24
N GLN D 196 13.63 -82.96 -3.65
CA GLN D 196 12.96 -81.90 -4.38
C GLN D 196 13.89 -80.68 -4.21
N PRO D 197 14.26 -80.02 -5.31
CA PRO D 197 15.14 -78.87 -5.26
C PRO D 197 14.67 -77.76 -4.33
N ARG D 198 15.33 -77.15 -3.24
CA ARG D 198 15.29 -76.07 -2.25
C ARG D 198 15.19 -74.70 -2.94
N GLN D 199 14.16 -73.94 -2.60
CA GLN D 199 13.94 -72.61 -3.17
C GLN D 199 14.26 -71.48 -2.20
N ILE D 200 15.00 -70.48 -2.67
CA ILE D 200 15.37 -69.33 -1.85
C ILE D 200 15.05 -68.07 -2.63
N THR D 201 14.74 -66.99 -1.91
CA THR D 201 14.40 -65.74 -2.57
C THR D 201 15.63 -64.88 -2.84
N VAL D 202 15.59 -64.14 -3.94
CA VAL D 202 16.68 -63.24 -4.30
C VAL D 202 16.08 -61.87 -4.57
N VAL D 203 16.81 -60.83 -4.19
CA VAL D 203 16.32 -59.48 -4.38
C VAL D 203 17.19 -58.64 -5.29
N LEU D 204 16.64 -58.24 -6.43
CA LEU D 204 17.39 -57.42 -7.37
C LEU D 204 16.84 -56.00 -7.32
N GLU D 205 17.73 -55.02 -7.28
CA GLU D 205 17.28 -53.65 -7.20
C GLU D 205 18.02 -52.68 -8.12
N ASP D 206 17.26 -51.69 -8.59
CA ASP D 206 17.76 -50.63 -9.45
C ASP D 206 18.33 -51.12 -10.77
N ASP D 207 19.63 -51.01 -10.88
CA ASP D 207 20.38 -51.41 -12.06
C ASP D 207 20.08 -52.85 -12.51
N LEU D 208 20.19 -53.79 -11.57
CA LEU D 208 19.97 -55.20 -11.85
C LEU D 208 18.48 -55.57 -11.92
N VAL D 209 17.61 -54.60 -12.20
CA VAL D 209 16.19 -54.90 -12.27
C VAL D 209 15.79 -55.41 -13.64
N ASP D 210 14.98 -56.47 -13.65
CA ASP D 210 14.49 -57.07 -14.87
C ASP D 210 15.65 -57.58 -15.74
N THR D 211 16.67 -58.12 -15.09
CA THR D 211 17.84 -58.65 -15.78
C THR D 211 17.70 -60.14 -16.03
N LEU D 212 17.15 -60.86 -15.06
CA LEU D 212 16.97 -62.30 -15.18
C LEU D 212 15.56 -62.73 -15.53
N THR D 213 15.43 -63.41 -16.66
CA THR D 213 14.15 -63.92 -17.14
C THR D 213 13.80 -65.19 -16.37
N PRO D 214 12.50 -65.55 -16.31
CA PRO D 214 12.07 -66.75 -15.57
C PRO D 214 12.61 -68.10 -16.07
N GLY D 215 13.91 -68.34 -15.81
CA GLY D 215 14.52 -69.58 -16.22
C GLY D 215 15.89 -69.45 -16.84
N ASP D 216 16.93 -69.42 -16.00
CA ASP D 216 18.30 -69.33 -16.49
C ASP D 216 19.19 -70.26 -15.69
N ILE D 217 20.49 -70.06 -15.87
CA ILE D 217 21.54 -70.79 -15.20
C ILE D 217 22.61 -69.76 -14.90
N VAL D 218 22.54 -69.17 -13.69
CA VAL D 218 23.52 -68.13 -13.38
C VAL D 218 23.99 -68.22 -11.94
N ARG D 219 25.21 -67.70 -11.74
CA ARG D 219 25.85 -67.64 -10.42
C ARG D 219 25.59 -66.21 -9.96
N VAL D 220 24.71 -66.09 -8.96
CA VAL D 220 24.33 -64.80 -8.41
C VAL D 220 25.04 -64.50 -7.10
N THR D 221 25.91 -63.51 -7.11
CA THR D 221 26.61 -63.13 -5.89
C THR D 221 25.67 -62.20 -5.14
N GLY D 222 26.13 -61.65 -4.03
CA GLY D 222 25.30 -60.75 -3.25
C GLY D 222 25.43 -60.92 -1.74
N THR D 223 24.52 -60.31 -0.99
CA THR D 223 24.55 -60.42 0.46
C THR D 223 23.38 -61.22 1.03
N LEU D 224 23.68 -62.14 1.93
CA LEU D 224 22.69 -62.99 2.57
C LEU D 224 22.05 -62.23 3.73
N ARG D 225 20.72 -62.13 3.71
CA ARG D 225 20.00 -61.42 4.76
C ARG D 225 18.76 -62.17 5.22
N THR D 226 18.13 -61.65 6.27
CA THR D 226 16.92 -62.27 6.80
C THR D 226 15.84 -61.25 7.09
N VAL D 227 14.59 -61.67 6.92
CA VAL D 227 13.45 -60.82 7.19
C VAL D 227 12.38 -61.67 7.85
N ARG D 228 11.89 -61.23 9.00
CA ARG D 228 10.89 -62.00 9.70
C ARG D 228 9.50 -61.64 9.19
N ASP D 229 8.53 -62.51 9.47
CA ASP D 229 7.16 -62.30 9.06
C ASP D 229 6.44 -61.45 10.11
N GLU D 230 5.46 -60.66 9.68
CA GLU D 230 4.72 -59.82 10.62
C GLU D 230 3.70 -60.60 11.42
N ARG D 231 3.29 -61.75 10.89
CA ARG D 231 2.28 -62.62 11.48
C ARG D 231 2.93 -63.66 12.38
N THR D 232 3.86 -64.46 11.85
CA THR D 232 4.52 -65.56 12.58
C THR D 232 5.94 -65.36 13.12
N LYS D 233 6.49 -64.17 12.99
CA LYS D 233 7.86 -63.90 13.47
C LYS D 233 8.92 -64.79 12.83
N ARG D 234 8.48 -65.80 12.08
CA ARG D 234 9.40 -66.71 11.41
C ARG D 234 10.44 -65.98 10.55
N PHE D 235 11.70 -66.02 10.97
CA PHE D 235 12.75 -65.38 10.19
C PHE D 235 13.07 -66.28 9.00
N LYS D 236 13.21 -65.67 7.84
CA LYS D 236 13.51 -66.41 6.63
C LYS D 236 14.74 -65.75 6.04
N ASN D 237 15.24 -66.28 4.92
CA ASN D 237 16.42 -65.69 4.32
C ASN D 237 16.25 -65.38 2.84
N PHE D 238 17.15 -64.57 2.33
CA PHE D 238 17.12 -64.19 0.94
C PHE D 238 18.47 -63.56 0.62
N ILE D 239 18.79 -63.43 -0.66
CA ILE D 239 20.06 -62.85 -1.06
C ILE D 239 19.82 -61.53 -1.76
N TYR D 240 20.48 -60.49 -1.25
CA TYR D 240 20.36 -59.16 -1.82
C TYR D 240 21.27 -59.11 -3.04
N GLY D 241 20.65 -59.16 -4.21
CA GLY D 241 21.37 -59.14 -5.47
C GLY D 241 22.50 -58.16 -5.62
N ASN D 242 23.53 -58.60 -6.34
CA ASN D 242 24.70 -57.78 -6.59
C ASN D 242 25.38 -58.06 -7.94
N TYR D 243 25.58 -58.44 -8.24
CA TYR D 243 26.14 -58.95 -9.49
C TYR D 243 25.45 -60.25 -9.90
N THR D 244 25.20 -60.52 -11.17
CA THR D 244 24.54 -61.69 -11.71
C THR D 244 25.35 -62.30 -12.84
N GLU D 245 25.75 -63.35 -13.04
CA GLU D 245 26.50 -64.00 -14.10
C GLU D 245 25.47 -64.62 -15.06
N PHE D 246 26.00 -65.25 -16.03
CA PHE D 246 25.34 -65.99 -17.09
C PHE D 246 25.73 -67.45 -17.04
N LEU D 247 26.01 -68.67 -15.91
CA LEU D 247 27.25 -69.30 -16.32
C LEU D 247 27.24 -70.79 -15.99
N MET E 6 25.88 -11.85 18.07
CA MET E 6 25.52 -12.10 16.63
C MET E 6 26.74 -12.18 15.71
N LYS E 7 26.67 -13.07 14.72
CA LYS E 7 27.74 -13.28 13.74
C LYS E 7 27.31 -14.34 12.72
N THR E 8 27.46 -15.61 13.09
CA THR E 8 27.09 -16.75 12.25
C THR E 8 27.71 -16.77 10.86
N VAL E 9 28.46 -17.82 10.56
CA VAL E 9 29.09 -17.99 9.26
C VAL E 9 30.25 -17.02 9.01
N ASP E 10 30.18 -15.83 9.60
CA ASP E 10 31.24 -14.85 9.43
C ASP E 10 32.32 -15.07 10.49
N LYS E 11 32.10 -16.04 11.38
CA LYS E 11 33.05 -16.32 12.44
C LYS E 11 34.27 -17.04 11.87
N SER E 12 34.03 -17.93 10.89
CA SER E 12 35.11 -18.66 10.24
C SER E 12 35.91 -17.67 9.39
N LYS E 13 35.21 -16.76 8.73
CA LYS E 13 35.83 -15.75 7.88
C LYS E 13 36.68 -14.82 8.73
N THR E 14 36.30 -14.69 10.00
CA THR E 14 37.01 -13.84 10.96
C THR E 14 38.20 -14.62 11.50
N LEU E 15 37.95 -15.88 11.84
CA LEU E 15 38.99 -16.73 12.38
C LEU E 15 40.26 -16.61 11.55
N THR E 16 40.08 -16.69 10.24
CA THR E 16 41.18 -16.60 9.30
C THR E 16 41.99 -15.35 9.52
N LYS E 17 41.33 -14.21 9.40
CA LYS E 17 42.04 -12.97 9.57
C LYS E 17 42.97 -12.99 10.76
N PHE E 18 42.59 -13.68 11.84
CA PHE E 18 43.45 -13.72 13.04
C PHE E 18 44.65 -14.66 12.94
N GLU E 19 44.43 -15.78 12.26
CA GLU E 19 45.48 -16.75 12.02
C GLU E 19 46.57 -16.03 11.23
N GLU E 20 46.14 -15.28 10.22
CA GLU E 20 47.09 -14.53 9.42
C GLU E 20 47.71 -13.41 10.24
N PHE E 21 46.95 -12.87 11.20
CA PHE E 21 47.48 -11.78 12.01
C PHE E 21 48.56 -12.27 12.99
N PHE E 22 48.29 -13.39 13.63
CA PHE E 22 49.22 -13.94 14.59
C PHE E 22 50.39 -14.60 13.87
N SER E 23 50.30 -14.63 12.55
CA SER E 23 51.36 -15.19 11.73
C SER E 23 52.35 -14.06 11.43
N LEU E 24 51.84 -12.84 11.23
CA LEU E 24 52.72 -11.71 10.96
C LEU E 24 53.97 -11.76 11.80
N GLN E 25 55.09 -11.42 11.17
CA GLN E 25 56.39 -11.42 11.81
C GLN E 25 56.40 -10.85 13.24
N ASP E 26 55.73 -9.73 13.45
CA ASP E 26 55.71 -9.06 14.74
C ASP E 26 55.20 -9.85 15.94
N TYR E 27 54.11 -10.60 15.75
CA TYR E 27 53.51 -11.37 16.83
C TYR E 27 53.88 -12.84 16.94
N LYS E 28 54.11 -13.50 15.82
CA LYS E 28 54.44 -14.93 15.81
C LYS E 28 55.30 -15.37 16.98
N ASP E 29 56.30 -14.58 17.34
CA ASP E 29 57.18 -14.96 18.43
C ASP E 29 56.55 -14.95 19.82
N ARG E 30 55.77 -13.92 20.12
CA ARG E 30 55.13 -13.83 21.43
C ARG E 30 54.06 -14.88 21.58
N VAL E 31 53.34 -15.15 20.50
CA VAL E 31 52.29 -16.16 20.53
C VAL E 31 52.90 -17.51 20.87
N PHE E 32 53.81 -17.98 20.03
CA PHE E 32 54.47 -19.28 20.23
C PHE E 32 55.02 -19.40 21.64
N GLU E 33 55.82 -18.42 22.05
CA GLU E 33 56.42 -18.40 23.37
C GLU E 33 55.36 -18.52 24.45
N ALA E 34 54.19 -17.94 24.19
CA ALA E 34 53.09 -17.99 25.15
C ALA E 34 52.50 -19.39 25.24
N ILE E 35 52.46 -20.10 24.12
CA ILE E 35 51.89 -21.44 24.13
C ILE E 35 52.73 -22.43 24.92
N GLU E 36 54.04 -22.19 25.03
CA GLU E 36 54.89 -23.10 25.79
C GLU E 36 54.66 -22.85 27.27
N LYS E 37 54.85 -21.59 27.67
CA LYS E 37 54.69 -21.15 29.05
C LYS E 37 53.35 -21.51 29.68
N TYR E 38 52.30 -21.58 28.86
CA TYR E 38 50.98 -21.90 29.35
C TYR E 38 51.04 -23.06 30.32
N PRO E 39 50.30 -22.98 31.44
CA PRO E 39 49.46 -21.81 31.72
C PRO E 39 50.13 -20.83 32.66
N ASN E 40 51.40 -20.54 32.44
CA ASN E 40 52.08 -19.60 33.32
C ASN E 40 52.06 -18.18 32.80
N VAL E 41 51.33 -17.97 31.72
CA VAL E 41 51.23 -16.63 31.17
C VAL E 41 49.76 -16.29 31.01
N ARG E 42 49.06 -17.16 30.30
CA ARG E 42 47.63 -17.02 30.07
C ARG E 42 47.17 -15.87 29.20
N SER E 43 48.02 -14.87 29.00
CA SER E 43 47.66 -13.72 28.17
C SER E 43 48.63 -13.40 27.03
N ILE E 44 48.07 -12.93 25.92
CA ILE E 44 48.85 -12.53 24.74
C ILE E 44 48.37 -11.12 24.45
N GLU E 45 49.22 -10.12 24.62
CA GLU E 45 48.79 -8.75 24.36
C GLU E 45 48.92 -8.28 22.91
N VAL E 46 47.91 -7.61 22.39
CA VAL E 46 48.02 -7.14 21.01
C VAL E 46 47.62 -5.68 20.92
N ASP E 47 48.47 -4.83 20.34
CA ASP E 47 48.20 -3.40 20.20
C ASP E 47 47.17 -3.17 19.09
N TYR E 48 46.13 -2.42 19.43
CA TYR E 48 45.05 -2.12 18.50
C TYR E 48 45.59 -1.60 17.16
N LEU E 49 46.51 -0.64 17.22
CA LEU E 49 47.13 -0.04 16.03
C LEU E 49 47.57 -1.12 15.06
N ASP E 50 48.32 -2.09 15.57
CA ASP E 50 48.79 -3.19 14.75
C ASP E 50 47.63 -3.91 14.08
N LEU E 51 46.61 -4.22 14.84
CA LEU E 51 45.47 -4.89 14.25
C LEU E 51 44.90 -3.94 13.20
N GLU E 52 44.81 -2.66 13.55
CA GLU E 52 44.27 -1.65 12.64
C GLU E 52 45.00 -1.68 11.31
N MET E 53 46.33 -1.68 11.39
CA MET E 53 47.21 -1.73 10.23
C MET E 53 46.90 -2.99 9.43
N PHE E 54 46.94 -4.13 10.09
CA PHE E 54 46.70 -5.39 9.43
C PHE E 54 45.40 -5.43 8.67
N ASP E 55 44.36 -4.87 9.26
CA ASP E 55 43.05 -4.86 8.62
C ASP E 55 42.12 -3.91 9.37
N PRO E 56 41.99 -2.67 8.89
CA PRO E 56 41.13 -1.68 9.54
C PRO E 56 39.68 -2.10 9.71
N ASP E 57 39.17 -2.96 8.84
CA ASP E 57 37.79 -3.42 8.92
C ASP E 57 37.55 -4.38 10.10
N LEU E 58 38.58 -5.13 10.47
CA LEU E 58 38.51 -6.06 11.59
C LEU E 58 38.66 -5.23 12.86
N ALA E 59 39.63 -4.33 12.88
CA ALA E 59 39.86 -3.49 14.05
C ALA E 59 38.61 -2.73 14.42
N ASP E 60 37.66 -2.65 13.49
CA ASP E 60 36.42 -1.95 13.75
C ASP E 60 35.42 -2.93 14.30
N LEU E 61 35.58 -4.19 13.95
CA LEU E 61 34.69 -5.26 14.41
C LEU E 61 35.00 -5.59 15.86
N LEU E 62 36.27 -5.43 16.23
CA LEU E 62 36.70 -5.72 17.57
C LEU E 62 35.94 -4.79 18.49
N ILE E 63 35.41 -3.72 17.93
CA ILE E 63 34.68 -2.78 18.76
C ILE E 63 33.21 -2.95 18.67
N GLU E 64 32.74 -3.49 17.57
CA GLU E 64 31.33 -3.65 17.44
C GLU E 64 30.90 -4.95 18.03
N LYS E 65 31.78 -5.95 18.00
CA LYS E 65 31.41 -7.24 18.56
C LYS E 65 32.56 -7.93 19.30
N PRO E 66 33.17 -7.24 20.26
CA PRO E 66 34.28 -7.83 21.01
C PRO E 66 34.09 -9.27 21.43
N ASP E 67 32.90 -9.65 21.85
CA ASP E 67 32.73 -11.02 22.28
C ASP E 67 33.12 -12.04 21.25
N ASP E 68 32.63 -11.89 20.02
CA ASP E 68 32.98 -12.85 18.99
C ASP E 68 34.37 -12.64 18.41
N VAL E 69 34.73 -11.40 18.19
CA VAL E 69 36.03 -11.14 17.63
C VAL E 69 37.08 -11.75 18.55
N ILE E 70 37.00 -11.44 19.84
CA ILE E 70 37.97 -11.98 20.78
C ILE E 70 37.82 -13.48 20.90
N ARG E 71 36.75 -14.03 20.35
CA ARG E 71 36.54 -15.46 20.41
C ARG E 71 37.39 -16.07 19.32
N ALA E 72 37.35 -15.44 18.14
CA ALA E 72 38.11 -15.90 17.00
C ALA E 72 39.58 -15.74 17.28
N ALA E 73 39.95 -14.66 17.94
CA ALA E 73 41.35 -14.43 18.27
C ALA E 73 41.85 -15.66 19.01
N GLN E 74 41.08 -16.12 19.99
CA GLN E 74 41.48 -17.29 20.75
C GLN E 74 41.49 -18.55 19.89
N GLN E 75 40.38 -18.83 19.23
CA GLN E 75 40.28 -20.02 18.39
C GLN E 75 41.42 -20.09 17.40
N ALA E 76 41.88 -18.94 16.95
CA ALA E 76 42.97 -18.88 16.00
C ALA E 76 44.21 -19.39 16.71
N ILE E 77 44.54 -18.79 17.84
CA ILE E 77 45.71 -19.23 18.56
C ILE E 77 45.69 -20.74 18.71
N ARG E 78 44.53 -21.30 18.97
CA ARG E 78 44.40 -22.74 19.17
C ARG E 78 44.82 -23.53 17.92
N ASN E 79 44.59 -22.96 16.75
CA ASN E 79 44.96 -23.65 15.52
C ASN E 79 46.45 -23.52 15.20
N ILE E 80 47.01 -22.34 15.37
CA ILE E 80 48.42 -22.14 15.09
C ILE E 80 49.31 -23.08 15.90
N ASP E 81 48.75 -23.62 16.98
CA ASP E 81 49.49 -24.54 17.83
C ASP E 81 49.64 -25.92 17.18
N ARG E 82 50.83 -26.17 16.61
CA ARG E 82 51.14 -27.44 15.96
C ARG E 82 51.38 -28.54 16.98
N LEU E 83 51.73 -28.14 18.20
CA LEU E 83 51.99 -29.06 19.30
C LEU E 83 50.70 -29.58 19.95
N ARG E 84 49.56 -29.23 19.36
CA ARG E 84 48.25 -29.65 19.87
C ARG E 84 48.10 -29.59 21.40
N LYS E 85 47.61 -28.46 21.90
CA LYS E 85 47.43 -28.27 23.34
C LYS E 85 46.12 -27.52 23.68
N ASN E 86 45.50 -27.90 24.79
CA ASN E 86 44.26 -27.27 25.25
C ASN E 86 44.68 -25.90 25.81
N VAL E 87 44.69 -24.89 24.94
CA VAL E 87 45.09 -23.55 25.35
C VAL E 87 43.98 -22.53 25.40
N ASP E 88 43.83 -21.92 26.56
CA ASP E 88 42.81 -20.89 26.74
C ASP E 88 43.55 -19.59 27.04
N LEU E 89 44.12 -18.98 26.01
CA LEU E 89 44.84 -17.73 26.23
C LEU E 89 43.94 -16.53 26.12
N ASN E 90 44.10 -15.58 27.03
CA ASN E 90 43.29 -14.39 26.98
C ASN E 90 43.95 -13.46 25.98
N ILE E 91 43.17 -12.88 25.09
CA ILE E 91 43.69 -11.94 24.11
C ILE E 91 43.41 -10.54 24.65
N ARG E 92 44.42 -9.81 25.09
CA ARG E 92 44.15 -8.48 25.61
C ARG E 92 44.58 -7.36 24.67
N PHE E 93 43.66 -6.48 24.30
CA PHE E 93 44.00 -5.39 23.38
C PHE E 93 44.43 -4.07 23.97
N SER E 94 45.57 -3.60 23.50
CA SER E 94 46.13 -2.36 23.97
C SER E 94 45.91 -1.18 22.98
N GLY E 95 45.96 0.04 23.52
CA GLY E 95 45.78 1.23 22.70
C GLY E 95 44.46 1.27 21.94
N ILE E 96 43.35 1.15 22.64
CA ILE E 96 42.05 1.19 22.01
C ILE E 96 41.67 2.64 21.71
N SER E 97 41.09 2.86 20.54
CA SER E 97 40.73 4.21 20.12
C SER E 97 39.41 4.74 20.69
N ASN E 98 38.44 3.85 20.91
CA ASN E 98 37.11 4.21 21.43
C ASN E 98 37.18 5.23 22.57
N VAL E 99 37.37 4.78 23.79
CA VAL E 99 37.49 5.75 24.87
C VAL E 99 36.28 6.67 24.99
N ILE E 100 35.35 6.31 25.86
CA ILE E 100 34.20 7.15 26.04
C ILE E 100 34.15 7.53 27.52
N PRO E 101 33.58 8.70 27.84
CA PRO E 101 33.51 9.13 29.24
C PRO E 101 32.62 8.25 30.07
N LEU E 102 32.96 8.12 31.34
CA LEU E 102 32.20 7.24 32.21
C LEU E 102 30.72 7.55 32.22
N ARG E 103 30.34 8.82 32.21
CA ARG E 103 28.91 9.12 32.25
C ARG E 103 28.10 8.78 30.99
N GLU E 104 28.75 8.66 29.85
CA GLU E 104 28.03 8.37 28.61
C GLU E 104 27.86 6.91 28.28
N LEU E 105 28.29 6.04 29.20
CA LEU E 105 28.21 4.57 29.01
C LEU E 105 26.79 4.00 29.09
N ARG E 106 25.90 4.51 28.23
CA ARG E 106 24.51 4.08 28.21
C ARG E 106 24.28 2.81 27.40
N SER E 107 23.05 2.64 26.98
CA SER E 107 22.70 1.43 26.28
C SER E 107 23.35 1.17 24.94
N LYS E 108 23.59 2.21 24.14
CA LYS E 108 24.20 1.98 22.83
C LYS E 108 25.53 1.22 22.99
N PHE E 109 26.18 1.40 24.13
CA PHE E 109 27.45 0.75 24.32
C PHE E 109 27.39 -0.63 24.93
N ILE E 110 26.20 -1.14 25.17
CA ILE E 110 26.12 -2.47 25.73
C ILE E 110 26.59 -3.44 24.68
N GLY E 111 27.54 -4.28 25.10
CA GLY E 111 28.08 -5.28 24.21
C GLY E 111 29.16 -4.72 23.30
N LYS E 112 29.62 -3.50 23.56
CA LYS E 112 30.64 -2.88 22.75
C LYS E 112 31.96 -2.83 23.50
N PHE E 113 33.06 -2.75 22.76
CA PHE E 113 34.39 -2.71 23.34
C PHE E 113 34.67 -1.24 23.58
N VAL E 114 34.98 -0.88 24.82
CA VAL E 114 35.20 0.52 25.17
C VAL E 114 36.36 0.73 26.11
N ALA E 115 36.87 1.96 26.15
CA ALA E 115 37.97 2.30 27.04
C ALA E 115 37.46 3.42 27.93
N VAL E 116 37.75 3.36 29.22
CA VAL E 116 37.23 4.37 30.13
C VAL E 116 38.24 4.83 31.16
N ASP E 117 38.47 6.13 31.25
CA ASP E 117 39.44 6.65 32.23
C ASP E 117 38.79 6.92 33.56
N GLY E 118 39.53 6.71 34.65
CA GLY E 118 38.97 6.96 35.96
C GLY E 118 39.95 6.70 37.10
N ILE E 119 39.47 6.73 38.33
CA ILE E 119 40.32 6.46 39.48
C ILE E 119 39.79 5.25 40.22
N VAL E 120 40.63 4.23 40.35
CA VAL E 120 40.23 3.02 41.04
C VAL E 120 39.99 3.35 42.48
N ARG E 121 38.77 3.16 42.93
CA ARG E 121 38.48 3.45 44.32
C ARG E 121 37.83 2.25 44.97
N LYS E 122 38.54 1.59 45.85
CA LYS E 122 37.96 0.45 46.55
C LYS E 122 37.75 -0.79 45.71
N THR E 123 38.57 -1.80 45.97
CA THR E 123 38.50 -3.08 45.27
C THR E 123 38.06 -4.16 46.24
N ASP E 124 37.29 -5.12 45.77
CA ASP E 124 36.79 -6.19 46.64
C ASP E 124 37.63 -7.46 46.60
N GLU E 125 37.47 -8.32 47.59
CA GLU E 125 38.23 -9.56 47.66
C GLU E 125 38.06 -10.42 46.42
N ILE E 126 39.12 -11.14 46.09
CA ILE E 126 39.12 -12.01 44.94
C ILE E 126 38.49 -13.34 45.33
N ARG E 127 37.54 -13.82 44.53
CA ARG E 127 36.90 -15.09 44.83
C ARG E 127 36.81 -15.88 43.54
N PRO E 128 36.54 -17.18 43.61
CA PRO E 128 36.43 -18.03 42.42
C PRO E 128 35.04 -18.01 41.79
N ARG E 129 34.93 -18.49 40.56
CA ARG E 129 33.67 -18.50 39.84
C ARG E 129 33.74 -19.69 38.88
N ILE E 130 32.61 -20.25 38.46
CA ILE E 130 32.71 -21.38 37.55
C ILE E 130 32.81 -20.89 36.12
N VAL E 131 33.81 -21.37 35.37
CA VAL E 131 33.93 -20.95 33.97
C VAL E 131 33.42 -22.04 33.09
N LYS E 132 33.64 -23.28 33.48
CA LYS E 132 33.16 -24.40 32.69
C LYS E 132 32.37 -25.28 33.63
N ALA E 133 31.05 -25.18 33.55
CA ALA E 133 30.16 -25.95 34.40
C ALA E 133 29.83 -27.27 33.76
N VAL E 134 29.91 -28.34 34.53
CA VAL E 134 29.62 -29.65 34.00
C VAL E 134 28.28 -30.10 34.54
N PHE E 135 27.39 -30.52 33.64
CA PHE E 135 26.09 -30.97 34.11
C PHE E 135 25.83 -32.44 33.82
N GLU E 136 25.01 -33.02 34.67
CA GLU E 136 24.62 -34.41 34.52
C GLU E 136 23.20 -34.34 34.02
N CYS E 137 22.95 -34.95 32.87
CA CYS E 137 21.62 -34.95 32.31
C CYS E 137 20.76 -35.91 33.13
N ARG E 138 19.66 -35.44 33.69
CA ARG E 138 18.82 -36.30 34.49
C ARG E 138 18.07 -37.33 33.68
N GLY E 139 18.17 -37.21 32.37
CA GLY E 139 17.48 -38.14 31.49
C GLY E 139 18.27 -39.39 31.18
N CYS E 140 19.56 -39.26 30.89
CA CYS E 140 20.37 -40.40 30.57
C CYS E 140 21.64 -40.46 31.39
N MET E 141 21.75 -39.58 32.37
CA MET E 141 22.93 -39.57 33.23
C MET E 141 24.25 -39.21 32.52
N ARG E 142 24.19 -38.71 31.29
CA ARG E 142 25.44 -38.35 30.60
C ARG E 142 25.95 -37.00 31.08
N HIS E 143 27.21 -36.70 30.81
CA HIS E 143 27.80 -35.43 31.26
C HIS E 143 27.96 -34.43 30.12
N HIS E 144 27.63 -33.16 30.38
CA HIS E 144 27.75 -32.08 29.37
C HIS E 144 28.47 -30.90 30.01
N ALA E 145 29.44 -30.31 29.31
CA ALA E 145 30.15 -29.14 29.85
C ALA E 145 29.62 -27.90 29.14
N VAL E 146 29.48 -26.80 29.86
CA VAL E 146 28.97 -25.58 29.28
C VAL E 146 29.73 -24.39 29.83
N THR E 147 30.29 -23.61 28.92
CA THR E 147 31.05 -22.44 29.33
C THR E 147 30.14 -21.35 29.88
N GLN E 148 30.50 -20.84 31.05
CA GLN E 148 29.74 -19.79 31.72
C GLN E 148 30.45 -18.47 31.54
N SER E 149 29.69 -17.39 31.44
CA SER E 149 30.33 -16.10 31.30
C SER E 149 30.00 -15.21 32.48
N THR E 150 28.93 -15.52 33.19
CA THR E 150 28.51 -14.73 34.34
C THR E 150 28.68 -15.60 35.58
N ASN E 151 28.24 -15.11 36.73
CA ASN E 151 28.34 -15.91 37.94
C ASN E 151 27.00 -16.65 38.13
N MET E 152 26.16 -16.59 37.12
CA MET E 152 24.90 -17.28 37.16
C MET E 152 24.98 -18.46 36.23
N ILE E 153 24.85 -19.66 36.79
CA ILE E 153 24.92 -20.87 36.00
C ILE E 153 23.84 -20.91 34.94
N THR E 154 24.23 -21.34 33.75
CA THR E 154 23.32 -21.45 32.63
C THR E 154 23.28 -22.90 32.18
N GLU E 155 22.16 -23.56 32.39
CA GLU E 155 22.01 -24.96 32.03
C GLU E 155 21.93 -25.12 30.52
N PRO E 156 22.20 -26.32 30.02
CA PRO E 156 22.14 -26.60 28.58
C PRO E 156 20.71 -26.44 28.07
N SER E 157 20.57 -26.18 26.77
CA SER E 157 19.24 -26.01 26.18
C SER E 157 18.53 -27.34 26.31
N LEU E 158 19.10 -28.38 25.71
CA LEU E 158 18.52 -29.71 25.80
C LEU E 158 19.65 -30.70 25.59
N CYS E 159 19.42 -31.93 26.01
CA CYS E 159 20.41 -32.97 25.82
C CYS E 159 20.25 -33.57 24.43
N SER E 160 21.29 -33.43 23.62
CA SER E 160 21.25 -33.95 22.25
C SER E 160 21.21 -35.47 22.14
N GLU E 161 21.66 -36.15 23.18
CA GLU E 161 21.70 -37.60 23.20
C GLU E 161 20.36 -38.26 23.45
N CYS E 162 19.59 -37.71 24.38
CA CYS E 162 18.31 -38.31 24.69
C CYS E 162 17.13 -37.37 24.65
N GLY E 163 17.40 -36.09 24.42
CA GLY E 163 16.32 -35.11 24.36
C GLY E 163 15.92 -34.56 25.71
N GLY E 164 16.66 -34.93 26.75
CA GLY E 164 16.33 -34.45 28.08
C GLY E 164 16.40 -32.94 28.22
N ARG E 165 15.65 -32.38 29.14
CA ARG E 165 15.69 -30.95 29.33
C ARG E 165 16.01 -30.59 30.76
N SER E 166 16.27 -31.57 31.58
CA SER E 166 16.55 -31.33 32.98
C SER E 166 17.99 -31.74 33.33
N PHE E 167 18.72 -30.85 33.98
CA PHE E 167 20.10 -31.14 34.34
C PHE E 167 20.44 -30.85 35.79
N ARG E 168 21.50 -31.51 36.26
CA ARG E 168 21.99 -31.35 37.61
C ARG E 168 23.45 -30.92 37.49
N LEU E 169 23.81 -29.83 38.14
CA LEU E 169 25.17 -29.33 38.09
C LEU E 169 26.11 -30.15 38.95
N LEU E 170 27.25 -30.56 38.39
CA LEU E 170 28.20 -31.34 39.18
C LEU E 170 29.37 -30.45 39.53
N GLN E 171 29.29 -29.74 40.68
CA GLN E 171 30.38 -28.85 41.05
C GLN E 171 31.78 -29.46 41.08
N ASP E 172 31.91 -30.65 41.64
CA ASP E 172 33.23 -31.29 41.73
C ASP E 172 33.86 -31.58 40.39
N GLU E 173 33.12 -31.43 39.31
CA GLU E 173 33.71 -31.70 38.03
C GLU E 173 33.86 -30.44 37.20
N SER E 174 33.48 -29.32 37.79
CA SER E 174 33.53 -28.07 37.09
C SER E 174 34.85 -27.35 37.31
N GLU E 175 35.20 -26.47 36.37
CA GLU E 175 36.44 -25.70 36.45
C GLU E 175 36.19 -24.28 36.91
N PHE E 176 37.00 -23.81 37.85
CA PHE E 176 36.87 -22.47 38.40
C PHE E 176 37.91 -21.49 37.85
N LEU E 177 37.64 -20.22 38.09
CA LEU E 177 38.48 -19.15 37.60
C LEU E 177 38.43 -17.98 38.58
N ASP E 178 39.53 -17.28 38.82
CA ASP E 178 39.47 -16.16 39.76
C ASP E 178 38.72 -14.94 39.18
N THR E 179 38.06 -14.18 40.07
CA THR E 179 37.23 -13.02 39.72
C THR E 179 37.43 -11.90 40.72
N GLN E 180 37.19 -10.66 40.33
CA GLN E 180 37.36 -9.58 41.28
C GLN E 180 36.50 -8.39 40.87
N THR E 181 36.08 -7.63 41.87
CA THR E 181 35.23 -6.50 41.61
C THR E 181 35.90 -5.26 42.09
N LEU E 182 35.64 -4.14 41.43
CA LEU E 182 36.24 -2.88 41.86
C LEU E 182 35.39 -1.76 41.31
N LYS E 183 35.49 -0.60 41.94
CA LYS E 183 34.73 0.56 41.53
C LYS E 183 35.64 1.56 40.83
N LEU E 184 35.28 1.94 39.61
CA LEU E 184 36.05 2.92 38.89
C LEU E 184 35.28 4.24 38.96
N GLN E 185 35.93 5.27 39.50
CA GLN E 185 35.31 6.59 39.64
C GLN E 185 35.72 7.57 38.57
N GLU E 186 34.86 8.54 38.30
CA GLU E 186 35.14 9.56 37.28
C GLU E 186 36.43 10.31 37.55
N PRO E 187 37.03 10.90 36.50
CA PRO E 187 38.27 11.66 36.52
C PRO E 187 38.32 12.78 37.54
N LEU E 188 37.21 13.47 37.72
CA LEU E 188 37.11 14.55 38.70
C LEU E 188 37.79 15.87 38.36
N GLU E 189 37.96 16.13 37.08
CA GLU E 189 38.57 17.37 36.61
C GLU E 189 37.72 17.83 35.44
N ASN E 190 36.42 17.61 35.58
CA ASN E 190 35.44 17.98 34.56
C ASN E 190 34.02 17.92 35.11
N LEU E 191 33.84 18.46 36.30
CA LEU E 191 32.52 18.50 36.95
C LEU E 191 32.23 19.92 37.42
N SER E 192 31.35 20.61 36.71
CA SER E 192 31.00 22.00 37.04
C SER E 192 30.25 22.22 38.36
N GLY E 193 30.97 22.09 39.47
CA GLY E 193 30.39 22.31 40.78
C GLY E 193 29.17 21.50 41.19
N GLY E 194 29.17 21.09 42.46
CA GLY E 194 28.08 20.31 43.00
C GLY E 194 28.02 18.90 42.47
N GLU E 195 28.54 18.69 41.25
CA GLU E 195 28.55 17.38 40.60
C GLU E 195 29.38 16.33 41.32
N GLN E 196 28.71 15.31 41.87
CA GLN E 196 29.36 14.19 42.56
C GLN E 196 29.82 13.20 41.49
N PRO E 197 31.10 12.80 41.52
CA PRO E 197 31.63 11.86 40.53
C PRO E 197 30.88 10.55 40.58
N ARG E 198 30.32 10.15 39.44
CA ARG E 198 29.59 8.91 39.35
C ARG E 198 30.61 7.82 39.07
N GLN E 199 30.35 6.62 39.57
CA GLN E 199 31.28 5.52 39.35
C GLN E 199 30.65 4.33 38.64
N ILE E 200 31.47 3.33 38.37
CA ILE E 200 30.98 2.15 37.69
C ILE E 200 31.80 0.97 38.16
N THR E 201 31.20 -0.21 38.10
CA THR E 201 31.88 -1.40 38.52
C THR E 201 32.72 -2.00 37.39
N VAL E 202 33.89 -2.51 37.76
CA VAL E 202 34.77 -3.14 36.79
C VAL E 202 34.99 -4.55 37.28
N VAL E 203 34.88 -5.52 36.39
CA VAL E 203 35.10 -6.90 36.78
C VAL E 203 36.39 -7.40 36.16
N LEU E 204 37.36 -7.74 37.00
CA LEU E 204 38.65 -8.26 36.56
C LEU E 204 38.70 -9.77 36.81
N GLU E 205 39.15 -10.54 35.82
CA GLU E 205 39.25 -11.98 35.97
C GLU E 205 40.57 -12.59 35.51
N ASP E 206 40.80 -13.84 35.91
CA ASP E 206 42.02 -14.56 35.58
C ASP E 206 43.30 -13.84 36.01
N ASP E 207 44.15 -13.46 35.08
CA ASP E 207 45.41 -12.79 35.45
C ASP E 207 45.32 -11.29 35.67
N LEU E 208 44.13 -10.73 35.48
CA LEU E 208 43.94 -9.29 35.67
C LEU E 208 43.59 -9.03 37.12
N VAL E 209 43.34 -10.12 37.82
CA VAL E 209 42.98 -10.09 39.21
C VAL E 209 44.08 -9.51 40.07
N ASP E 210 43.68 -8.89 41.18
CA ASP E 210 44.65 -8.34 42.11
C ASP E 210 45.68 -7.41 41.48
N THR E 211 45.26 -6.67 40.48
CA THR E 211 46.16 -5.80 39.78
C THR E 211 46.01 -4.36 40.21
N LEU E 212 44.82 -3.82 40.00
CA LEU E 212 44.53 -2.45 40.36
C LEU E 212 44.47 -2.28 41.86
N THR E 213 44.84 -1.10 42.33
CA THR E 213 44.80 -0.80 43.74
C THR E 213 44.13 0.55 43.98
N PRO E 214 43.30 0.62 45.04
CA PRO E 214 42.58 1.84 45.40
C PRO E 214 43.45 3.06 45.27
N GLY E 215 43.10 3.92 44.34
CA GLY E 215 43.85 5.14 44.16
C GLY E 215 44.54 5.24 42.82
N ASP E 216 44.66 4.13 42.09
CA ASP E 216 45.34 4.19 40.80
C ASP E 216 44.62 4.99 39.73
N ILE E 217 45.36 5.67 38.88
CA ILE E 217 44.70 6.39 37.80
C ILE E 217 44.87 5.52 36.57
N VAL E 218 43.76 4.99 36.06
CA VAL E 218 43.83 4.05 34.95
C VAL E 218 42.89 4.25 33.79
N ARG E 219 43.14 3.49 32.73
CA ARG E 219 42.27 3.54 31.56
C ARG E 219 41.81 2.12 31.23
N VAL E 220 40.75 1.71 31.91
CA VAL E 220 40.17 0.40 31.72
C VAL E 220 39.58 0.19 30.34
N THR E 221 39.95 -0.91 29.71
CA THR E 221 39.44 -1.26 28.40
C THR E 221 38.66 -2.55 28.65
N GLY E 222 37.52 -2.71 27.99
CA GLY E 222 36.71 -3.90 28.18
C GLY E 222 35.35 -3.87 27.51
N THR E 223 34.56 -4.92 27.69
CA THR E 223 33.24 -4.97 27.08
C THR E 223 32.23 -4.44 28.10
N LEU E 224 31.30 -3.60 27.66
CA LEU E 224 30.30 -3.07 28.59
C LEU E 224 29.19 -4.09 28.64
N ARG E 225 28.82 -4.46 29.85
CA ARG E 225 27.80 -5.46 30.06
C ARG E 225 26.71 -4.95 30.99
N THR E 226 25.61 -5.66 31.03
CA THR E 226 24.54 -5.21 31.89
C THR E 226 23.91 -6.35 32.67
N VAL E 227 23.54 -6.08 33.91
CA VAL E 227 22.92 -7.12 34.70
C VAL E 227 21.72 -6.65 35.48
N ARG E 228 20.71 -7.49 35.59
CA ARG E 228 19.53 -7.13 36.35
C ARG E 228 19.67 -7.46 37.83
N ASP E 229 19.75 -6.42 38.65
CA ASP E 229 19.87 -6.58 40.09
C ASP E 229 18.64 -7.25 40.72
N GLU E 230 18.87 -8.23 41.60
CA GLU E 230 17.77 -8.92 42.27
C GLU E 230 17.05 -7.94 43.18
N ARG E 231 15.85 -8.31 43.64
CA ARG E 231 15.11 -7.41 44.51
C ARG E 231 14.63 -6.18 43.69
N THR E 232 15.57 -5.35 43.22
CA THR E 232 15.25 -4.17 42.41
C THR E 232 15.40 -4.53 40.94
N LYS E 233 14.34 -5.03 40.32
CA LYS E 233 14.37 -5.47 38.92
C LYS E 233 15.06 -4.56 37.88
N ARG E 234 15.70 -3.48 38.33
CA ARG E 234 16.39 -2.53 37.44
C ARG E 234 17.76 -3.03 36.93
N PHE E 235 18.09 -2.74 35.66
CA PHE E 235 19.37 -3.14 35.09
C PHE E 235 20.47 -2.15 35.46
N LYS E 236 21.70 -2.62 35.42
CA LYS E 236 22.84 -1.79 35.76
C LYS E 236 23.98 -2.20 34.86
N ASN E 237 24.82 -1.24 34.49
CA ASN E 237 25.92 -1.55 33.61
C ASN E 237 27.22 -1.69 34.34
N PHE E 238 28.08 -2.55 33.82
CA PHE E 238 29.40 -2.69 34.43
C PHE E 238 30.38 -3.01 33.30
N ILE E 239 31.65 -2.70 33.53
CA ILE E 239 32.67 -2.98 32.50
C ILE E 239 33.34 -4.30 32.80
N TYR E 240 33.38 -5.17 31.80
CA TYR E 240 34.03 -6.48 31.94
C TYR E 240 35.44 -6.32 31.39
N GLY E 241 36.39 -6.22 32.32
CA GLY E 241 37.80 -6.01 31.99
C GLY E 241 38.50 -6.83 30.92
N ASN E 242 39.34 -6.17 30.14
CA ASN E 242 40.09 -6.87 29.11
C ASN E 242 41.53 -6.46 29.13
N TYR E 243 41.76 -5.20 29.46
CA TYR E 243 43.11 -4.68 29.52
C TYR E 243 43.04 -3.41 30.31
N THR E 244 43.93 -3.30 31.29
CA THR E 244 44.02 -2.15 32.17
C THR E 244 45.40 -1.52 31.96
N GLU E 245 45.53 -0.21 32.17
CA GLU E 245 46.82 0.47 32.02
C GLU E 245 46.81 1.78 32.79
N PHE E 246 47.96 2.18 33.32
CA PHE E 246 48.05 3.42 34.08
C PHE E 246 48.25 4.66 33.23
N LEU E 247 47.75 5.78 33.74
CA LEU E 247 47.85 7.05 33.04
C LEU E 247 48.91 7.99 33.64
N VAL F 9 -8.73 -4.08 12.30
CA VAL F 9 -9.26 -3.64 10.96
C VAL F 9 -9.07 -2.13 10.78
N ASP F 10 -9.23 -1.38 11.85
CA ASP F 10 -9.08 0.06 11.80
C ASP F 10 -7.62 0.46 11.95
N LYS F 11 -6.77 -0.52 12.22
CA LYS F 11 -5.35 -0.26 12.40
C LYS F 11 -4.62 -0.21 11.04
N SER F 12 -5.26 -0.72 10.00
CA SER F 12 -4.68 -0.72 8.66
C SER F 12 -5.09 0.56 7.94
N LYS F 13 -6.23 1.10 8.36
CA LYS F 13 -6.79 2.32 7.80
C LYS F 13 -6.00 3.52 8.30
N THR F 14 -5.60 3.45 9.55
CA THR F 14 -4.84 4.53 10.16
C THR F 14 -3.45 4.58 9.54
N LEU F 15 -2.82 3.43 9.44
CA LEU F 15 -1.48 3.35 8.85
C LEU F 15 -1.46 4.07 7.52
N THR F 16 -2.51 3.84 6.75
CA THR F 16 -2.67 4.44 5.43
C THR F 16 -2.65 5.96 5.49
N LYS F 17 -3.42 6.52 6.40
CA LYS F 17 -3.50 7.96 6.52
C LYS F 17 -2.13 8.56 6.80
N PHE F 18 -1.39 7.94 7.71
CA PHE F 18 -0.07 8.45 8.07
C PHE F 18 0.91 8.39 6.91
N GLU F 19 0.88 7.29 6.16
CA GLU F 19 1.77 7.15 5.00
C GLU F 19 1.59 8.38 4.11
N GLU F 20 0.35 8.87 4.04
CA GLU F 20 0.06 10.06 3.25
C GLU F 20 0.57 11.28 4.00
N PHE F 21 0.30 11.35 5.30
CA PHE F 21 0.77 12.49 6.07
C PHE F 21 2.27 12.67 5.92
N PHE F 22 3.02 11.59 6.09
CA PHE F 22 4.47 11.64 6.00
C PHE F 22 4.94 11.55 4.54
N SER F 23 4.24 12.29 3.70
CA SER F 23 4.53 12.35 2.28
C SER F 23 4.41 13.82 1.90
N LEU F 24 3.43 14.48 2.49
CA LEU F 24 3.19 15.90 2.26
C LEU F 24 4.52 16.64 2.21
N GLN F 25 4.64 17.58 1.29
CA GLN F 25 5.87 18.34 1.10
C GLN F 25 6.65 18.66 2.38
N ASP F 26 5.94 18.98 3.47
CA ASP F 26 6.63 19.30 4.73
C ASP F 26 7.24 18.02 5.32
N TYR F 27 6.38 17.22 5.95
CA TYR F 27 6.78 15.97 6.58
C TYR F 27 7.20 14.91 5.60
N LYS F 28 8.34 15.10 4.96
CA LYS F 28 8.85 14.14 3.99
C LYS F 28 10.34 14.40 3.84
N ASP F 29 10.69 15.66 3.70
CA ASP F 29 12.10 16.00 3.57
C ASP F 29 12.80 15.81 4.90
N ARG F 30 12.25 16.41 5.96
CA ARG F 30 12.86 16.27 7.27
C ARG F 30 12.66 14.86 7.81
N VAL F 31 11.89 14.05 7.07
CA VAL F 31 11.66 12.66 7.44
C VAL F 31 12.85 11.84 6.95
N PHE F 32 13.03 11.78 5.64
CA PHE F 32 14.14 11.03 5.06
C PHE F 32 15.45 11.58 5.61
N GLU F 33 15.51 12.89 5.80
CA GLU F 33 16.71 13.52 6.32
C GLU F 33 17.01 12.97 7.71
N ALA F 34 15.97 12.51 8.39
CA ALA F 34 16.13 11.95 9.72
C ALA F 34 16.49 10.49 9.59
N ILE F 35 15.66 9.75 8.85
CA ILE F 35 15.90 8.33 8.66
C ILE F 35 17.31 8.11 8.15
N GLU F 36 17.90 9.16 7.60
CA GLU F 36 19.25 9.06 7.08
C GLU F 36 20.30 9.06 8.20
N LYS F 37 20.10 9.91 9.20
CA LYS F 37 21.04 10.02 10.32
C LYS F 37 20.89 8.98 11.43
N TYR F 38 19.97 8.03 11.25
CA TYR F 38 19.77 6.99 12.24
C TYR F 38 21.12 6.32 12.47
N PRO F 39 21.46 6.02 13.73
CA PRO F 39 20.57 6.32 14.86
C PRO F 39 20.94 7.62 15.54
N ASN F 40 21.66 8.50 14.85
CA ASN F 40 22.06 9.74 15.50
C ASN F 40 20.92 10.72 15.71
N VAL F 41 19.68 10.27 15.49
CA VAL F 41 18.54 11.14 15.70
C VAL F 41 17.41 10.44 16.45
N ARG F 42 16.89 9.37 15.86
CA ARG F 42 15.83 8.59 16.48
C ARG F 42 14.46 9.26 16.59
N SER F 43 14.42 10.59 16.58
CA SER F 43 13.15 11.29 16.69
C SER F 43 12.73 12.11 15.48
N ILE F 44 11.44 12.40 15.41
CA ILE F 44 10.85 13.21 14.35
C ILE F 44 9.72 13.98 14.99
N GLU F 45 9.93 15.27 15.23
CA GLU F 45 8.89 16.09 15.85
C GLU F 45 7.70 16.31 14.90
N VAL F 46 6.49 16.31 15.41
CA VAL F 46 5.34 16.51 14.55
C VAL F 46 4.38 17.50 15.18
N ASP F 47 4.13 18.61 14.50
CA ASP F 47 3.23 19.63 15.03
C ASP F 47 1.82 19.08 15.04
N TYR F 48 1.16 19.10 16.19
CA TYR F 48 -0.20 18.57 16.28
C TYR F 48 -1.17 19.28 15.31
N LEU F 49 -1.07 20.60 15.24
CA LEU F 49 -1.91 21.41 14.34
C LEU F 49 -1.87 20.83 12.94
N ASP F 50 -0.66 20.70 12.40
CA ASP F 50 -0.48 20.15 11.07
C ASP F 50 -1.22 18.84 10.89
N LEU F 51 -1.22 18.01 11.91
CA LEU F 51 -1.93 16.75 11.80
C LEU F 51 -3.42 17.05 11.92
N GLU F 52 -3.73 18.09 12.68
CA GLU F 52 -5.10 18.50 12.91
C GLU F 52 -5.78 18.96 11.62
N MET F 53 -5.07 19.77 10.84
CA MET F 53 -5.60 20.26 9.57
C MET F 53 -5.60 19.17 8.52
N PHE F 54 -4.59 18.31 8.55
CA PHE F 54 -4.49 17.24 7.57
C PHE F 54 -5.61 16.22 7.71
N ASP F 55 -6.20 16.14 8.90
CA ASP F 55 -7.29 15.21 9.14
C ASP F 55 -7.70 15.37 10.59
N PRO F 56 -8.64 16.27 10.86
CA PRO F 56 -9.11 16.50 12.23
C PRO F 56 -9.59 15.24 12.94
N ASP F 57 -10.19 14.32 12.18
CA ASP F 57 -10.69 13.09 12.78
C ASP F 57 -9.60 12.21 13.37
N LEU F 58 -8.46 12.14 12.69
CA LEU F 58 -7.33 11.36 13.16
C LEU F 58 -6.62 12.11 14.29
N ALA F 59 -6.60 13.44 14.19
CA ALA F 59 -5.94 14.24 15.21
C ALA F 59 -6.55 13.96 16.57
N ASP F 60 -7.77 13.42 16.60
CA ASP F 60 -8.44 13.11 17.86
C ASP F 60 -8.08 11.68 18.29
N LEU F 61 -8.11 10.77 17.34
CA LEU F 61 -7.77 9.38 17.59
C LEU F 61 -6.43 9.31 18.34
N LEU F 62 -5.50 10.17 17.92
CA LEU F 62 -4.18 10.22 18.54
C LEU F 62 -4.37 10.37 20.03
N ILE F 63 -5.32 11.19 20.42
CA ILE F 63 -5.53 11.39 21.83
C ILE F 63 -6.28 10.27 22.48
N GLU F 64 -7.17 9.62 21.74
CA GLU F 64 -7.94 8.53 22.33
C GLU F 64 -7.22 7.21 22.40
N LYS F 65 -6.32 6.99 21.45
CA LYS F 65 -5.56 5.75 21.42
C LYS F 65 -4.16 5.96 20.85
N PRO F 66 -3.35 6.81 21.51
CA PRO F 66 -1.99 7.10 21.08
C PRO F 66 -1.09 5.89 20.94
N ASP F 67 -1.22 4.94 21.85
CA ASP F 67 -0.36 3.77 21.75
C ASP F 67 -0.46 3.16 20.36
N ASP F 68 -1.67 3.03 19.83
CA ASP F 68 -1.84 2.45 18.51
C ASP F 68 -1.53 3.45 17.40
N VAL F 69 -2.11 4.64 17.48
CA VAL F 69 -1.89 5.63 16.45
C VAL F 69 -0.41 5.80 16.14
N ILE F 70 0.42 5.91 17.17
CA ILE F 70 1.85 6.06 16.97
C ILE F 70 2.45 4.78 16.44
N ARG F 71 2.04 3.67 17.00
CA ARG F 71 2.54 2.37 16.55
C ARG F 71 2.24 2.22 15.07
N ALA F 72 1.22 2.95 14.60
CA ALA F 72 0.85 2.92 13.18
C ALA F 72 1.69 3.97 12.45
N ALA F 73 1.72 5.18 12.98
CA ALA F 73 2.49 6.26 12.37
C ALA F 73 3.94 5.84 12.19
N GLN F 74 4.39 4.92 13.03
CA GLN F 74 5.76 4.46 12.93
C GLN F 74 5.88 3.51 11.78
N GLN F 75 4.93 2.60 11.69
CA GLN F 75 4.90 1.62 10.62
C GLN F 75 4.87 2.33 9.27
N ALA F 76 4.27 3.51 9.25
CA ALA F 76 4.17 4.30 8.03
C ALA F 76 5.54 4.76 7.59
N ILE F 77 6.23 5.49 8.44
CA ILE F 77 7.55 5.96 8.08
C ILE F 77 8.37 4.81 7.54
N ARG F 78 8.10 3.60 8.01
CA ARG F 78 8.81 2.42 7.57
C ARG F 78 8.37 2.00 6.17
N ASN F 79 7.08 2.14 5.89
CA ASN F 79 6.53 1.78 4.61
C ASN F 79 6.61 2.92 3.62
N ILE F 80 7.67 3.70 3.71
CA ILE F 80 7.87 4.83 2.80
C ILE F 80 9.35 5.05 2.67
N ASP F 81 10.05 4.80 3.77
CA ASP F 81 11.48 4.96 3.82
C ASP F 81 12.13 4.37 2.59
N ARG F 82 12.51 5.25 1.67
CA ARG F 82 13.17 4.86 0.42
C ARG F 82 14.45 4.09 0.70
N LEU F 83 15.17 4.49 1.75
CA LEU F 83 16.43 3.86 2.13
C LEU F 83 16.25 2.41 2.60
N ARG F 84 15.00 1.98 2.73
CA ARG F 84 14.67 0.63 3.16
C ARG F 84 15.09 0.29 4.59
N LYS F 85 16.03 1.06 5.15
CA LYS F 85 16.48 0.84 6.52
C LYS F 85 15.32 0.60 7.46
N ASN F 86 15.01 -0.67 7.74
CA ASN F 86 13.90 -0.96 8.62
C ASN F 86 14.14 -0.52 10.06
N VAL F 87 14.07 0.78 10.32
CA VAL F 87 14.27 1.27 11.68
C VAL F 87 13.07 2.06 12.13
N ASP F 88 12.90 2.16 13.44
CA ASP F 88 11.76 2.90 13.96
C ASP F 88 12.16 4.16 14.68
N LEU F 89 11.56 5.27 14.26
CA LEU F 89 11.84 6.55 14.86
C LEU F 89 10.76 6.93 15.84
N ASN F 90 11.14 7.65 16.88
CA ASN F 90 10.18 8.06 17.84
C ASN F 90 9.43 9.24 17.24
N ILE F 91 8.11 9.12 17.20
CA ILE F 91 7.26 10.17 16.66
C ILE F 91 6.79 11.01 17.85
N ARG F 92 7.37 12.18 18.03
CA ARG F 92 6.98 13.01 19.15
C ARG F 92 6.05 14.11 18.65
N PHE F 93 4.96 14.38 19.39
CA PHE F 93 4.00 15.43 18.98
C PHE F 93 4.06 16.68 19.83
N SER F 94 4.20 17.82 19.17
CA SER F 94 4.27 19.09 19.85
C SER F 94 2.93 19.81 19.79
N GLY F 95 2.67 20.70 20.74
CA GLY F 95 1.43 21.44 20.77
C GLY F 95 0.18 20.59 20.89
N ILE F 96 0.01 19.93 22.03
CA ILE F 96 -1.16 19.12 22.23
C ILE F 96 -2.24 19.96 22.86
N SER F 97 -3.46 19.76 22.40
CA SER F 97 -4.65 20.48 22.85
C SER F 97 -5.03 20.29 24.31
N ASN F 98 -5.61 19.14 24.65
CA ASN F 98 -6.04 18.88 26.02
C ASN F 98 -4.92 18.77 27.05
N VAL F 99 -4.88 19.80 27.88
CA VAL F 99 -3.92 19.96 28.94
C VAL F 99 -4.64 19.71 30.24
N ILE F 100 -4.48 18.50 30.76
CA ILE F 100 -5.12 18.10 32.01
C ILE F 100 -4.33 18.54 33.24
N PRO F 101 -5.03 18.92 34.32
CA PRO F 101 -4.26 19.33 35.49
C PRO F 101 -3.70 18.08 36.15
N LEU F 102 -2.55 18.20 36.80
CA LEU F 102 -1.94 17.03 37.43
C LEU F 102 -2.86 16.34 38.43
N ARG F 103 -3.72 17.09 39.11
CA ARG F 103 -4.61 16.46 40.09
C ARG F 103 -5.76 15.67 39.47
N GLU F 104 -6.06 15.89 38.19
CA GLU F 104 -7.19 15.20 37.57
C GLU F 104 -6.85 14.01 36.67
N LEU F 105 -5.60 13.55 36.74
CA LEU F 105 -5.13 12.41 35.93
C LEU F 105 -5.60 11.03 36.41
N ARG F 106 -6.91 10.84 36.50
CA ARG F 106 -7.47 9.60 36.99
C ARG F 106 -7.86 8.55 35.96
N SER F 107 -8.51 7.49 36.42
CA SER F 107 -8.89 6.40 35.55
C SER F 107 -9.30 6.78 34.13
N LYS F 108 -10.28 7.68 33.98
CA LYS F 108 -10.73 8.07 32.63
C LYS F 108 -9.58 8.46 31.68
N PHE F 109 -8.44 8.83 32.23
CA PHE F 109 -7.34 9.23 31.41
C PHE F 109 -6.30 8.15 31.17
N ILE F 110 -6.55 6.98 31.71
CA ILE F 110 -5.60 5.91 31.50
C ILE F 110 -5.59 5.48 30.05
N GLY F 111 -4.43 5.60 29.41
CA GLY F 111 -4.29 5.18 28.03
C GLY F 111 -4.67 6.23 27.01
N LYS F 112 -4.75 7.47 27.47
CA LYS F 112 -5.10 8.62 26.65
C LYS F 112 -3.87 9.51 26.59
N PHE F 113 -3.70 10.20 25.46
CA PHE F 113 -2.56 11.10 25.26
C PHE F 113 -2.87 12.36 26.07
N VAL F 114 -1.94 12.77 26.92
CA VAL F 114 -2.16 13.93 27.78
C VAL F 114 -0.99 14.89 27.89
N ALA F 115 -1.28 16.12 28.26
CA ALA F 115 -0.22 17.12 28.46
C ALA F 115 -0.39 17.62 29.86
N VAL F 116 0.69 17.74 30.61
CA VAL F 116 0.56 18.16 31.98
C VAL F 116 1.59 19.20 32.36
N ASP F 117 1.16 20.32 32.93
CA ASP F 117 2.12 21.34 33.34
C ASP F 117 2.61 21.07 34.76
N GLY F 118 3.89 21.34 34.99
CA GLY F 118 4.48 21.13 36.30
C GLY F 118 5.92 21.56 36.44
N ILE F 119 6.50 21.28 37.61
CA ILE F 119 7.88 21.61 37.93
C ILE F 119 8.66 20.33 38.21
N VAL F 120 9.71 20.09 37.44
CA VAL F 120 10.51 18.89 37.66
C VAL F 120 11.16 18.96 39.01
N ARG F 121 10.82 18.01 39.89
CA ARG F 121 11.43 18.03 41.19
C ARG F 121 12.63 17.08 41.32
N LYS F 122 12.43 15.78 41.20
CA LYS F 122 13.56 14.87 41.34
C LYS F 122 13.80 13.99 40.12
N THR F 123 15.06 13.84 39.73
CA THR F 123 15.35 12.98 38.58
C THR F 123 16.15 11.77 39.05
N ASP F 124 15.98 10.64 38.39
CA ASP F 124 16.71 9.45 38.80
C ASP F 124 17.80 9.04 37.83
N GLU F 125 18.64 8.12 38.28
CA GLU F 125 19.75 7.62 37.49
C GLU F 125 19.27 6.96 36.21
N ILE F 126 19.96 7.20 35.11
CA ILE F 126 19.54 6.59 33.86
C ILE F 126 20.00 5.14 33.86
N ARG F 127 19.10 4.23 33.52
CA ARG F 127 19.39 2.80 33.47
C ARG F 127 18.76 2.27 32.21
N PRO F 128 19.13 1.06 31.76
CA PRO F 128 18.57 0.46 30.53
C PRO F 128 17.41 -0.51 30.82
N ARG F 129 16.61 -0.83 29.80
CA ARG F 129 15.54 -1.82 29.95
C ARG F 129 15.40 -2.51 28.61
N ILE F 130 15.05 -3.77 28.63
CA ILE F 130 14.90 -4.48 27.38
C ILE F 130 13.70 -3.95 26.60
N VAL F 131 13.91 -3.62 25.33
CA VAL F 131 12.80 -3.15 24.50
C VAL F 131 12.38 -4.27 23.61
N LYS F 132 13.35 -5.05 23.15
CA LYS F 132 13.02 -6.18 22.28
C LYS F 132 13.64 -7.41 22.91
N ALA F 133 12.81 -8.21 23.57
CA ALA F 133 13.27 -9.41 24.23
C ALA F 133 13.22 -10.58 23.27
N VAL F 134 14.28 -11.37 23.26
CA VAL F 134 14.32 -12.51 22.38
C VAL F 134 14.18 -13.77 23.20
N PHE F 135 13.24 -14.63 22.83
CA PHE F 135 13.07 -15.86 23.58
C PHE F 135 13.39 -17.10 22.78
N GLU F 136 13.78 -18.13 23.50
CA GLU F 136 14.07 -19.41 22.90
C GLU F 136 12.92 -20.30 23.32
N CYS F 137 12.22 -20.86 22.34
CA CYS F 137 11.10 -21.72 22.62
C CYS F 137 11.65 -23.02 23.15
N ARG F 138 11.22 -23.43 24.34
CA ARG F 138 11.73 -24.68 24.91
C ARG F 138 11.19 -25.92 24.22
N GLY F 139 10.25 -25.69 23.31
CA GLY F 139 9.65 -26.79 22.58
C GLY F 139 10.42 -27.19 21.34
N CYS F 140 10.85 -26.22 20.53
CA CYS F 140 11.57 -26.50 19.32
C CYS F 140 12.87 -25.73 19.22
N MET F 141 13.25 -25.06 20.29
CA MET F 141 14.50 -24.30 20.29
C MET F 141 14.56 -23.14 19.30
N ARG F 142 13.43 -22.74 18.72
CA ARG F 142 13.45 -21.61 17.78
C ARG F 142 13.48 -20.30 18.54
N HIS F 143 13.84 -19.22 17.86
CA HIS F 143 13.92 -17.90 18.51
C HIS F 143 12.73 -17.00 18.13
N HIS F 144 12.18 -16.29 19.11
CA HIS F 144 11.06 -15.36 18.88
C HIS F 144 11.38 -14.03 19.56
N ALA F 145 11.16 -12.91 18.86
CA ALA F 145 11.42 -11.60 19.46
C ALA F 145 10.08 -11.00 19.87
N VAL F 146 10.04 -10.30 20.99
CA VAL F 146 8.81 -9.70 21.47
C VAL F 146 9.07 -8.32 22.05
N THR F 147 8.40 -7.32 21.51
CA THR F 147 8.59 -5.97 21.99
C THR F 147 8.02 -5.80 23.38
N GLN F 148 8.82 -5.22 24.27
CA GLN F 148 8.40 -4.99 25.64
C GLN F 148 8.10 -3.52 25.82
N SER F 149 7.14 -3.21 26.68
CA SER F 149 6.80 -1.83 26.91
C SER F 149 7.06 -1.43 28.35
N THR F 150 7.12 -2.41 29.24
CA THR F 150 7.37 -2.15 30.66
C THR F 150 8.74 -2.74 31.00
N ASN F 151 9.11 -2.72 32.27
CA ASN F 151 10.38 -3.32 32.67
C ASN F 151 10.11 -4.76 33.12
N MET F 152 8.90 -5.23 32.85
CA MET F 152 8.55 -6.59 33.19
C MET F 152 8.46 -7.38 31.90
N ILE F 153 9.31 -8.38 31.77
CA ILE F 153 9.32 -9.19 30.58
C ILE F 153 7.99 -9.89 30.36
N THR F 154 7.55 -9.90 29.11
CA THR F 154 6.30 -10.54 28.74
C THR F 154 6.60 -11.61 27.72
N GLU F 155 6.43 -12.87 28.12
CA GLU F 155 6.70 -13.99 27.23
C GLU F 155 5.65 -14.09 26.13
N PRO F 156 5.97 -14.78 25.04
CA PRO F 156 5.04 -14.95 23.93
C PRO F 156 3.82 -15.76 24.40
N SER F 157 2.70 -15.61 23.69
CA SER F 157 1.48 -16.33 24.06
C SER F 157 1.77 -17.81 23.83
N LEU F 158 2.10 -18.17 22.60
CA LEU F 158 2.44 -19.54 22.29
C LEU F 158 3.35 -19.52 21.08
N CYS F 159 4.06 -20.63 20.86
CA CYS F 159 4.93 -20.73 19.71
C CYS F 159 4.12 -21.22 18.53
N SER F 160 4.03 -20.41 17.49
CA SER F 160 3.27 -20.73 16.29
C SER F 160 3.82 -21.88 15.49
N GLU F 161 5.11 -22.14 15.64
CA GLU F 161 5.80 -23.19 14.91
C GLU F 161 5.55 -24.58 15.42
N CYS F 162 5.54 -24.74 16.75
CA CYS F 162 5.34 -26.06 17.31
C CYS F 162 4.25 -26.13 18.38
N GLY F 163 3.66 -24.99 18.70
CA GLY F 163 2.61 -24.97 19.70
C GLY F 163 3.12 -24.88 21.13
N GLY F 164 4.42 -24.73 21.29
CA GLY F 164 4.99 -24.65 22.63
C GLY F 164 4.44 -23.50 23.45
N ARG F 165 4.47 -23.62 24.77
CA ARG F 165 3.99 -22.55 25.58
C ARG F 165 5.00 -22.13 26.61
N SER F 166 6.17 -22.74 26.54
CA SER F 166 7.22 -22.42 27.50
C SER F 166 8.43 -21.78 26.81
N PHE F 167 8.91 -20.67 27.34
CA PHE F 167 10.04 -19.98 26.74
C PHE F 167 11.13 -19.61 27.70
N ARG F 168 12.33 -19.41 27.17
CA ARG F 168 13.49 -19.02 27.96
C ARG F 168 14.02 -17.74 27.33
N LEU F 169 14.20 -16.72 28.16
CA LEU F 169 14.69 -15.43 27.66
C LEU F 169 16.17 -15.47 27.36
N LEU F 170 16.57 -14.98 26.20
CA LEU F 170 17.99 -14.97 25.87
C LEU F 170 18.50 -13.54 25.97
N GLN F 171 18.95 -13.11 27.15
CA GLN F 171 19.41 -11.74 27.31
C GLN F 171 20.45 -11.27 26.30
N ASP F 172 21.46 -12.09 26.04
CA ASP F 172 22.52 -11.71 25.12
C ASP F 172 22.04 -11.43 23.70
N GLU F 173 20.80 -11.76 23.39
CA GLU F 173 20.32 -11.51 22.06
C GLU F 173 19.27 -10.45 22.05
N SER F 174 18.99 -9.90 23.23
CA SER F 174 17.96 -8.88 23.34
C SER F 174 18.52 -7.48 23.18
N GLU F 175 17.66 -6.54 22.75
CA GLU F 175 18.06 -5.15 22.56
C GLU F 175 17.62 -4.28 23.72
N PHE F 176 18.51 -3.41 24.18
CA PHE F 176 18.20 -2.53 25.29
C PHE F 176 17.94 -1.10 24.85
N LEU F 177 17.45 -0.28 25.76
CA LEU F 177 17.17 1.09 25.44
C LEU F 177 17.18 1.85 26.76
N ASP F 178 17.73 3.05 26.76
CA ASP F 178 17.82 3.84 27.98
C ASP F 178 16.49 4.34 28.51
N THR F 179 16.35 4.39 29.83
CA THR F 179 15.11 4.84 30.46
C THR F 179 15.38 5.60 31.74
N GLN F 180 14.61 6.62 32.03
CA GLN F 180 14.81 7.38 33.24
C GLN F 180 13.48 7.77 33.85
N THR F 181 13.45 8.01 35.15
CA THR F 181 12.20 8.43 35.76
C THR F 181 12.48 9.68 36.52
N LEU F 182 11.45 10.50 36.66
CA LEU F 182 11.56 11.78 37.38
C LEU F 182 10.23 12.10 38.04
N LYS F 183 10.24 13.08 38.94
CA LYS F 183 9.01 13.49 39.62
C LYS F 183 8.60 14.86 39.13
N LEU F 184 7.36 14.97 38.69
CA LEU F 184 6.84 16.23 38.22
C LEU F 184 5.90 16.78 39.27
N GLN F 185 6.16 17.98 39.77
CA GLN F 185 5.30 18.58 40.79
C GLN F 185 4.35 19.60 40.22
N GLU F 186 3.07 19.54 40.60
CA GLU F 186 2.12 20.51 40.05
C GLU F 186 2.50 21.95 40.39
N PRO F 187 2.07 22.91 39.57
CA PRO F 187 2.39 24.32 39.82
C PRO F 187 1.73 24.74 41.11
N LEU F 188 2.46 25.55 41.88
CA LEU F 188 1.96 26.00 43.17
C LEU F 188 0.89 27.07 43.08
N GLU F 189 1.04 28.00 42.13
CA GLU F 189 0.09 29.10 41.95
C GLU F 189 -1.32 28.67 41.57
N ASN F 190 -1.89 27.75 42.34
CA ASN F 190 -3.24 27.28 42.07
C ASN F 190 -3.75 26.39 43.19
N LEU F 191 -3.06 26.43 44.31
CA LEU F 191 -3.42 25.65 45.48
C LEU F 191 -4.14 26.58 46.45
N SER F 192 -5.19 26.07 47.10
CA SER F 192 -5.98 26.87 48.03
C SER F 192 -5.45 26.91 49.47
N GLY F 193 -4.25 27.45 49.63
CA GLY F 193 -3.64 27.58 50.93
C GLY F 193 -3.58 26.35 51.78
N GLY F 194 -2.36 26.05 52.25
CA GLY F 194 -2.16 24.90 53.13
C GLY F 194 -2.07 23.58 52.41
N GLU F 195 -2.26 23.61 51.09
CA GLU F 195 -2.22 22.42 50.24
C GLU F 195 -0.81 22.06 49.84
N GLN F 196 -0.42 20.81 50.08
CA GLN F 196 0.91 20.34 49.69
C GLN F 196 0.77 19.92 48.22
N PRO F 197 1.66 20.42 47.34
CA PRO F 197 1.66 20.11 45.91
C PRO F 197 1.78 18.63 45.67
N ARG F 198 0.84 18.09 44.92
CA ARG F 198 0.82 16.69 44.59
C ARG F 198 1.79 16.47 43.43
N GLN F 199 2.30 15.25 43.27
CA GLN F 199 3.23 15.02 42.18
C GLN F 199 3.05 13.68 41.51
N ILE F 200 3.52 13.59 40.27
CA ILE F 200 3.40 12.34 39.53
C ILE F 200 4.74 12.01 38.87
N THR F 201 5.02 10.73 38.72
CA THR F 201 6.25 10.27 38.10
C THR F 201 6.11 10.31 36.60
N VAL F 202 7.18 10.71 35.94
CA VAL F 202 7.22 10.79 34.51
C VAL F 202 8.34 9.88 34.09
N VAL F 203 8.12 9.13 33.03
CA VAL F 203 9.17 8.24 32.54
C VAL F 203 9.66 8.72 31.19
N LEU F 204 10.94 9.05 31.11
CA LEU F 204 11.50 9.48 29.83
C LEU F 204 12.44 8.39 29.27
N GLU F 205 12.28 8.03 28.01
CA GLU F 205 13.18 7.02 27.46
C GLU F 205 13.90 7.47 26.18
N ASP F 206 14.74 6.57 25.67
CA ASP F 206 15.50 6.83 24.47
C ASP F 206 16.20 8.18 24.45
N ASP F 207 15.93 8.99 23.44
CA ASP F 207 16.59 10.28 23.36
C ASP F 207 16.00 11.39 24.21
N LEU F 208 14.99 11.11 25.02
CA LEU F 208 14.40 12.13 25.90
C LEU F 208 15.08 12.07 27.24
N VAL F 209 15.81 10.99 27.44
CA VAL F 209 16.50 10.78 28.69
C VAL F 209 17.54 11.85 28.92
N ASP F 210 17.74 12.19 30.19
CA ASP F 210 18.74 13.18 30.59
C ASP F 210 18.48 14.55 29.99
N THR F 211 17.22 14.85 29.76
CA THR F 211 16.81 16.10 29.15
C THR F 211 16.30 17.15 30.15
N LEU F 212 15.70 16.70 31.25
CA LEU F 212 15.17 17.62 32.23
C LEU F 212 16.01 17.61 33.50
N THR F 213 16.04 18.75 34.17
CA THR F 213 16.82 18.86 35.39
C THR F 213 15.96 19.48 36.49
N PRO F 214 16.18 19.07 37.73
CA PRO F 214 15.41 19.59 38.87
C PRO F 214 15.21 21.09 38.77
N GLY F 215 13.97 21.52 38.82
CA GLY F 215 13.71 22.93 38.74
C GLY F 215 13.08 23.37 37.44
N ASP F 216 13.32 22.65 36.34
CA ASP F 216 12.74 23.07 35.06
C ASP F 216 11.22 23.14 35.09
N ILE F 217 10.66 24.22 34.58
CA ILE F 217 9.21 24.36 34.53
C ILE F 217 8.79 23.87 33.15
N VAL F 218 8.11 22.74 33.09
CA VAL F 218 7.75 22.22 31.78
C VAL F 218 6.35 21.73 31.59
N ARG F 219 6.06 21.36 30.34
CA ARG F 219 4.77 20.83 29.98
C ARG F 219 5.02 19.47 29.33
N VAL F 220 4.83 18.41 30.11
CA VAL F 220 5.07 17.08 29.60
C VAL F 220 3.88 16.57 28.82
N THR F 221 4.16 15.87 27.74
CA THR F 221 3.11 15.33 26.92
C THR F 221 3.37 13.85 26.84
N GLY F 222 2.39 13.05 27.22
CA GLY F 222 2.61 11.62 27.19
C GLY F 222 1.34 10.82 27.32
N THR F 223 1.51 9.53 27.45
CA THR F 223 0.37 8.66 27.59
C THR F 223 0.26 8.36 29.05
N LEU F 224 -0.91 8.50 29.63
CA LEU F 224 -1.00 8.19 31.06
C LEU F 224 -1.06 6.67 31.14
N ARG F 225 -0.25 6.11 32.02
CA ARG F 225 -0.25 4.67 32.18
C ARG F 225 -0.32 4.31 33.64
N THR F 226 -0.69 3.08 33.92
CA THR F 226 -0.76 2.70 35.32
C THR F 226 -0.04 1.39 35.55
N VAL F 227 0.54 1.25 36.73
CA VAL F 227 1.26 0.03 37.06
C VAL F 227 0.90 -0.44 38.46
N ARG F 228 0.78 -1.75 38.66
CA ARG F 228 0.42 -2.27 39.96
C ARG F 228 1.66 -2.60 40.79
N ASP F 229 1.74 -2.01 41.99
CA ASP F 229 2.86 -2.28 42.90
C ASP F 229 2.67 -3.69 43.48
N GLU F 230 3.76 -4.47 43.53
CA GLU F 230 3.74 -5.86 44.02
C GLU F 230 3.50 -6.08 45.51
N ARG F 231 4.09 -5.21 46.34
CA ARG F 231 3.92 -5.36 47.78
C ARG F 231 2.54 -4.91 48.31
N THR F 232 2.01 -3.81 47.77
CA THR F 232 0.71 -3.31 48.22
C THR F 232 -0.44 -3.74 47.34
N LYS F 233 -0.12 -4.09 46.10
CA LYS F 233 -1.13 -4.52 45.15
C LYS F 233 -1.96 -3.33 44.61
N ARG F 234 -1.75 -2.12 45.14
CA ARG F 234 -2.45 -0.91 44.71
C ARG F 234 -1.88 -0.43 43.37
N PHE F 235 -2.71 0.18 42.53
CA PHE F 235 -2.24 0.71 41.25
C PHE F 235 -1.74 2.15 41.44
N LYS F 236 -1.04 2.66 40.45
CA LYS F 236 -0.54 4.04 40.50
C LYS F 236 -0.36 4.55 39.09
N ASN F 237 -0.84 5.74 38.81
CA ASN F 237 -0.68 6.25 37.47
C ASN F 237 0.66 6.97 37.34
N PHE F 238 1.15 7.02 36.12
CA PHE F 238 2.40 7.68 35.83
C PHE F 238 2.32 8.04 34.35
N ILE F 239 2.94 9.15 34.00
CA ILE F 239 2.94 9.63 32.62
C ILE F 239 4.13 9.05 31.88
N TYR F 240 3.86 8.57 30.66
CA TYR F 240 4.91 8.01 29.82
C TYR F 240 5.28 9.04 28.78
N GLY F 241 6.31 9.80 29.12
CA GLY F 241 6.80 10.88 28.28
C GLY F 241 6.91 10.66 26.80
N ASN F 242 6.39 11.61 26.03
CA ASN F 242 6.43 11.52 24.59
C ASN F 242 7.09 12.72 23.97
N TYR F 243 6.99 13.85 24.66
CA TYR F 243 7.56 15.09 24.17
C TYR F 243 7.49 16.09 25.30
N THR F 244 8.57 16.78 25.60
CA THR F 244 8.51 17.78 26.65
C THR F 244 8.71 19.14 26.04
N GLU F 245 8.40 20.16 26.82
CA GLU F 245 8.50 21.54 26.36
C GLU F 245 8.66 22.47 27.54
N PHE F 246 9.58 23.41 27.44
CA PHE F 246 9.79 24.37 28.54
C PHE F 246 8.78 25.49 28.53
N LEU F 247 8.40 25.96 29.70
CA LEU F 247 7.44 27.04 29.84
C LEU F 247 8.15 28.34 30.20
ZN ZN G . -52.60 19.82 -16.24
ZN ZN H . -48.61 31.77 -31.47
ZN ZN I . -6.73 -25.40 17.87
ZN ZN J . 11.79 -32.23 16.44
ZN ZN K . 20.29 -37.01 28.16
ZN ZN L . 8.39 -23.81 19.38
#